data_3GQC
#
_entry.id   3GQC
#
_cell.length_a   56.436
_cell.length_b   172.780
_cell.length_c   129.192
_cell.angle_alpha   90.00
_cell.angle_beta   90.65
_cell.angle_gamma   90.00
#
_symmetry.space_group_name_H-M   'P 1 21 1'
#
loop_
_entity.id
_entity.type
_entity.pdbx_description
1 polymer 'DNA repair protein REV1'
2 polymer "5'-D(*AP*TP*CP*CP*TP*CP*CP*CP*CP*TP*AP*(DOC))-3'"
3 polymer "5'-D(*TP*AP*AP*GP*GP*TP*AP*GP*GP*GP*GP*AP*GP*GP*AP*T)-3'"
4 non-polymer "2'-DEOXYCYTIDINE-5'-TRIPHOSPHATE"
5 non-polymer 'MAGNESIUM ION'
6 water water
#
loop_
_entity_poly.entity_id
_entity_poly.type
_entity_poly.pdbx_seq_one_letter_code
_entity_poly.pdbx_strand_id
1 'polypeptide(L)'
;STFSKAAPSVPSKPSDCNFISNFYSHSRLHHISMWKCELTEFVNTLQRQSNGIFPGREKLKKMKTGRSALVVTDTGDMSV
LNSPRHQSCIMHVDMDCFFVSVGIRNRPDLKGKPVAVTSNRGTGRAPLRPGANPQLEWQYYQNKILKGKAADIPDSSLWE
NPDSAQANGIDSVLSRAEIASCSYEARQLGIKNGMFFGHAKQLCPNLQAVPYDFHAYKEVAQTLYETLASYTHNIEAVSC
DEALVDITEILAETKLTPDEFANAVRMEIKDQTKCAASVGIGSNILLARMATRKAKPDGQYHLKPEEVDDFIRGQLVTNL
PGVGHSMESKLASLGIKTCGDLQYMTMAKLQKEFGPKTGQMLYRFCRGLDDRPVRTEKERKSVSAEINYGIRFTQPKEAE
AFLLSLSEEIQRRLEATGMKGKRLTLKIMVRKPGAPVETAKFGGHGICDNIARTVTLDQATDNAKIIGKAMLNMFHTMKL
NISDMRGVGIHVNQLVPTNLNPST
;
A,B,C,D
2 'polydeoxyribonucleotide' (DA)(DT)(DC)(DC)(DT)(DC)(DC)(DC)(DC)(DT)(DA)(DOC) E,G,I,K
3 'polydeoxyribonucleotide' (DT)(DA)(DA)(DG)(DG)(DT)(DA)(DG)(DG)(DG)(DG)(DA)(DG)(DG)(DA)(DT) F,H,J,L
#
loop_
_chem_comp.id
_chem_comp.type
_chem_comp.name
_chem_comp.formula
DA DNA linking 2'-DEOXYADENOSINE-5'-MONOPHOSPHATE 'C10 H14 N5 O6 P'
DC DNA linking 2'-DEOXYCYTIDINE-5'-MONOPHOSPHATE 'C9 H14 N3 O7 P'
DCP non-polymer 2'-DEOXYCYTIDINE-5'-TRIPHOSPHATE 'C9 H16 N3 O13 P3'
DG DNA linking 2'-DEOXYGUANOSINE-5'-MONOPHOSPHATE 'C10 H14 N5 O7 P'
DOC DNA linking 2',3'-DIDEOXYCYTIDINE-5'-MONOPHOSPHATE 'C9 H14 N3 O6 P'
DT DNA linking THYMIDINE-5'-MONOPHOSPHATE 'C10 H15 N2 O8 P'
MG non-polymer 'MAGNESIUM ION' 'Mg 2'
#
# COMPACT_ATOMS: atom_id res chain seq x y z
N SER A 15 -22.08 -33.39 14.80
CA SER A 15 -21.01 -32.83 15.69
C SER A 15 -19.63 -33.34 15.27
N ASP A 16 -18.68 -32.41 15.18
CA ASP A 16 -17.27 -32.69 14.83
C ASP A 16 -16.65 -33.79 15.68
N CYS A 17 -17.10 -33.86 16.94
CA CYS A 17 -16.69 -34.92 17.83
C CYS A 17 -17.11 -36.31 17.30
N ASN A 18 -18.36 -36.41 16.83
CA ASN A 18 -18.86 -37.64 16.20
C ASN A 18 -18.30 -37.87 14.79
N PHE A 19 -18.05 -36.78 14.07
CA PHE A 19 -17.42 -36.81 12.76
C PHE A 19 -16.00 -37.43 12.81
N ILE A 20 -15.21 -37.05 13.80
CA ILE A 20 -13.85 -37.56 13.97
C ILE A 20 -13.91 -39.06 14.29
N SER A 21 -14.62 -39.39 15.36
CA SER A 21 -14.85 -40.75 15.80
C SER A 21 -15.33 -41.59 14.62
N ASN A 22 -16.36 -41.12 13.93
CA ASN A 22 -16.89 -41.79 12.76
C ASN A 22 -15.91 -41.97 11.60
N PHE A 23 -15.05 -40.98 11.35
CA PHE A 23 -14.06 -41.11 10.29
C PHE A 23 -13.06 -42.21 10.65
N TYR A 24 -12.50 -42.13 11.85
CA TYR A 24 -11.49 -43.10 12.27
C TYR A 24 -12.07 -44.51 12.33
N SER A 25 -13.35 -44.57 12.71
CA SER A 25 -14.08 -45.83 12.73
C SER A 25 -14.07 -46.54 11.36
N HIS A 26 -14.21 -45.76 10.29
CA HIS A 26 -14.24 -46.27 8.92
C HIS A 26 -12.90 -46.27 8.16
N SER A 27 -11.85 -45.67 8.71
CA SER A 27 -10.57 -45.55 8.00
C SER A 27 -9.65 -46.75 8.19
N ARG A 28 -9.33 -47.43 7.07
CA ARG A 28 -8.49 -48.62 7.10
C ARG A 28 -7.06 -48.17 7.35
N LEU A 29 -6.72 -46.99 6.84
CA LEU A 29 -5.37 -46.47 6.99
C LEU A 29 -5.08 -46.06 8.42
N HIS A 30 -6.07 -45.53 9.11
CA HIS A 30 -5.97 -45.28 10.54
C HIS A 30 -5.79 -46.61 11.26
N HIS A 31 -6.54 -47.61 10.86
CA HIS A 31 -6.46 -48.91 11.52
C HIS A 31 -5.11 -49.60 11.35
N ILE A 32 -4.57 -49.62 10.14
CA ILE A 32 -3.32 -50.37 9.97
C ILE A 32 -2.18 -49.74 10.76
N SER A 33 -2.21 -48.41 10.87
CA SER A 33 -1.25 -47.63 11.66
C SER A 33 -1.34 -47.93 13.15
N MET A 34 -2.57 -47.98 13.70
CA MET A 34 -2.76 -48.39 15.10
C MET A 34 -2.26 -49.82 15.38
N TRP A 35 -2.57 -50.77 14.49
CA TRP A 35 -2.13 -52.16 14.62
C TRP A 35 -0.62 -52.28 14.60
N LYS A 36 0.03 -51.55 13.69
CA LYS A 36 1.47 -51.50 13.64
C LYS A 36 2.02 -51.03 14.99
N CYS A 37 1.50 -49.92 15.49
CA CYS A 37 1.87 -49.40 16.80
C CYS A 37 1.72 -50.45 17.91
N GLU A 38 0.62 -51.17 17.90
CA GLU A 38 0.38 -52.21 18.90
C GLU A 38 1.30 -53.43 18.78
N LEU A 39 1.51 -53.89 17.56
CA LEU A 39 2.36 -55.05 17.33
C LEU A 39 3.82 -54.73 17.66
N THR A 40 4.26 -53.52 17.29
CA THR A 40 5.56 -52.98 17.66
C THR A 40 5.78 -53.00 19.17
N GLU A 41 4.76 -52.60 19.94
CA GLU A 41 4.84 -52.58 21.40
C GLU A 41 4.86 -53.98 22.01
N PHE A 42 4.08 -54.89 21.43
CA PHE A 42 4.08 -56.29 21.81
C PHE A 42 5.46 -56.91 21.61
N VAL A 43 6.09 -56.65 20.47
CA VAL A 43 7.40 -57.22 20.19
C VAL A 43 8.47 -56.62 21.13
N ASN A 44 8.41 -55.30 21.34
CA ASN A 44 9.29 -54.61 22.31
C ASN A 44 9.23 -55.29 23.69
N THR A 45 8.01 -55.56 24.13
CA THR A 45 7.70 -56.26 25.38
C THR A 45 8.43 -57.59 25.50
N LEU A 46 8.44 -58.34 24.39
CA LEU A 46 9.08 -59.65 24.33
C LEU A 46 10.58 -59.61 24.62
N GLN A 47 11.20 -58.46 24.38
CA GLN A 47 12.63 -58.26 24.66
C GLN A 47 12.95 -57.98 26.15
N ARG A 48 11.93 -57.61 26.92
CA ARG A 48 12.08 -57.39 28.36
C ARG A 48 12.21 -58.72 29.13
N PHE A 54 9.72 -71.47 24.29
CA PHE A 54 9.21 -71.37 22.92
C PHE A 54 8.56 -72.68 22.46
N PRO A 55 7.24 -72.83 22.71
CA PRO A 55 6.50 -74.07 22.36
C PRO A 55 6.68 -74.52 20.91
N GLY A 56 6.73 -73.57 19.97
CA GLY A 56 6.91 -73.88 18.55
C GLY A 56 8.26 -74.46 18.16
N ARG A 57 9.31 -74.06 18.87
CA ARG A 57 10.66 -74.54 18.58
C ARG A 57 10.85 -75.99 19.03
N GLU A 58 10.49 -76.27 20.27
CA GLU A 58 10.57 -77.63 20.82
C GLU A 58 9.62 -78.60 20.10
N LYS A 59 8.41 -78.13 19.80
CA LYS A 59 7.41 -78.92 19.05
C LYS A 59 7.90 -79.31 17.66
N LEU A 60 9.02 -78.72 17.22
CA LEU A 60 9.68 -79.13 15.98
C LEU A 60 11.18 -79.40 16.14
N LYS A 61 11.66 -79.42 17.38
CA LYS A 61 13.03 -79.87 17.66
C LYS A 61 13.17 -81.37 17.37
N LYS A 62 12.02 -82.01 17.12
CA LYS A 62 11.92 -83.46 16.81
C LYS A 62 12.68 -83.85 15.53
N GLN A 87 26.60 -67.77 10.08
CA GLN A 87 26.13 -67.32 8.79
C GLN A 87 24.68 -66.82 8.91
N SER A 88 24.55 -65.53 9.25
CA SER A 88 23.25 -64.92 9.57
C SER A 88 22.15 -65.23 8.57
N CYS A 89 20.94 -65.44 9.07
CA CYS A 89 19.84 -65.83 8.22
C CYS A 89 18.56 -65.07 8.59
N ILE A 90 17.93 -64.47 7.58
CA ILE A 90 16.79 -63.59 7.81
C ILE A 90 15.58 -64.05 7.02
N MET A 91 14.44 -64.11 7.72
CA MET A 91 13.18 -64.48 7.10
C MET A 91 12.15 -63.34 7.15
N HIS A 92 11.53 -63.08 6.01
CA HIS A 92 10.48 -62.11 5.89
C HIS A 92 9.18 -62.87 5.69
N VAL A 93 8.20 -62.61 6.55
CA VAL A 93 6.92 -63.28 6.50
C VAL A 93 5.88 -62.25 6.15
N ASP A 94 5.20 -62.46 5.01
CA ASP A 94 4.25 -61.49 4.48
C ASP A 94 2.98 -62.23 4.03
N MET A 95 1.84 -61.87 4.60
CA MET A 95 0.57 -62.51 4.27
C MET A 95 0.12 -62.08 2.90
N ASP A 96 -0.43 -63.02 2.13
CA ASP A 96 -0.93 -62.74 0.79
C ASP A 96 -2.26 -62.01 0.82
N CYS A 97 -2.37 -60.98 -0.02
CA CYS A 97 -3.58 -60.17 -0.16
C CYS A 97 -4.42 -60.18 1.11
N PHE A 98 -3.86 -59.57 2.15
CA PHE A 98 -4.26 -59.79 3.53
C PHE A 98 -5.75 -59.55 3.83
N PHE A 99 -6.30 -58.40 3.47
CA PHE A 99 -7.74 -58.14 3.71
C PHE A 99 -8.64 -59.12 2.94
N VAL A 100 -8.32 -59.36 1.66
CA VAL A 100 -9.05 -60.34 0.87
C VAL A 100 -9.02 -61.72 1.51
N SER A 101 -7.83 -62.22 1.83
CA SER A 101 -7.67 -63.56 2.37
C SER A 101 -8.49 -63.76 3.62
N VAL A 102 -8.44 -62.77 4.51
CA VAL A 102 -9.24 -62.80 5.74
C VAL A 102 -10.73 -62.68 5.41
N GLY A 103 -11.07 -61.81 4.45
CA GLY A 103 -12.46 -61.59 4.08
C GLY A 103 -13.17 -62.82 3.54
N ILE A 104 -12.42 -63.67 2.83
CA ILE A 104 -12.97 -64.85 2.18
C ILE A 104 -12.62 -66.15 2.87
N ARG A 105 -12.04 -66.04 4.06
CA ARG A 105 -11.69 -67.20 4.90
C ARG A 105 -12.74 -68.29 4.85
N ASN A 106 -13.97 -67.87 5.12
CA ASN A 106 -15.11 -68.76 5.22
C ASN A 106 -16.09 -68.57 4.05
N ARG A 107 -15.54 -68.23 2.88
CA ARG A 107 -16.35 -68.01 1.68
C ARG A 107 -15.71 -68.68 0.46
N PRO A 108 -15.91 -70.01 0.33
CA PRO A 108 -15.21 -70.83 -0.64
C PRO A 108 -15.78 -70.65 -2.05
N ASP A 109 -16.77 -69.79 -2.18
CA ASP A 109 -17.28 -69.38 -3.47
C ASP A 109 -16.44 -68.26 -4.09
N LEU A 110 -15.64 -67.59 -3.28
CA LEU A 110 -14.84 -66.47 -3.79
C LEU A 110 -13.37 -66.83 -4.06
N LYS A 111 -12.94 -67.98 -3.55
CA LYS A 111 -11.59 -68.48 -3.82
C LYS A 111 -11.42 -68.74 -5.31
N GLY A 112 -10.28 -68.33 -5.85
CA GLY A 112 -10.01 -68.49 -7.27
C GLY A 112 -10.64 -67.42 -8.15
N LYS A 113 -11.23 -66.39 -7.53
CA LYS A 113 -11.88 -65.32 -8.29
C LYS A 113 -11.19 -63.96 -8.10
N PRO A 114 -11.38 -63.02 -9.06
CA PRO A 114 -10.95 -61.63 -8.86
C PRO A 114 -11.79 -60.93 -7.79
N VAL A 115 -11.17 -60.69 -6.64
CA VAL A 115 -11.85 -60.09 -5.49
C VAL A 115 -11.13 -58.81 -5.04
N ALA A 116 -11.90 -57.82 -4.57
CA ALA A 116 -11.32 -56.61 -3.99
C ALA A 116 -12.01 -56.17 -2.69
N VAL A 117 -11.21 -55.80 -1.70
CA VAL A 117 -11.76 -55.20 -0.48
C VAL A 117 -11.86 -53.68 -0.68
N THR A 118 -13.08 -53.17 -0.55
CA THR A 118 -13.43 -51.78 -0.85
C THR A 118 -14.72 -51.39 -0.14
N SER A 119 -14.97 -50.09 0.01
CA SER A 119 -16.22 -49.60 0.61
C SER A 119 -17.42 -49.78 -0.33
N ASN A 120 -17.20 -49.64 -1.63
CA ASN A 120 -18.26 -49.69 -2.62
C ASN A 120 -19.03 -51.00 -2.52
N ARG A 121 -20.37 -50.91 -2.42
CA ARG A 121 -21.19 -52.12 -2.27
C ARG A 121 -20.87 -53.13 -3.37
N GLY A 122 -20.71 -52.65 -4.60
CA GLY A 122 -20.40 -53.55 -5.69
C GLY A 122 -20.69 -53.09 -7.12
N THR A 123 -21.55 -52.06 -7.26
CA THR A 123 -21.87 -51.51 -8.58
C THR A 123 -20.64 -51.00 -9.35
N GLY A 124 -19.72 -50.36 -8.63
CA GLY A 124 -18.61 -49.65 -9.25
C GLY A 124 -19.01 -48.26 -9.73
N ARG A 125 -20.21 -47.83 -9.33
CA ARG A 125 -20.75 -46.52 -9.70
C ARG A 125 -20.89 -45.62 -8.48
N ALA A 126 -20.84 -44.32 -8.74
CA ALA A 126 -21.06 -43.29 -7.73
C ALA A 126 -22.00 -42.25 -8.35
N PRO A 127 -22.71 -41.46 -7.51
CA PRO A 127 -23.48 -40.32 -8.00
C PRO A 127 -22.66 -39.37 -8.87
N LEU A 128 -23.25 -38.93 -9.98
CA LEU A 128 -22.65 -37.93 -10.85
C LEU A 128 -22.18 -36.71 -10.08
N ARG A 129 -20.96 -36.25 -10.37
CA ARG A 129 -20.40 -35.07 -9.72
C ARG A 129 -20.08 -33.95 -10.72
N PRO A 130 -21.09 -33.15 -11.07
CA PRO A 130 -20.92 -32.11 -12.09
C PRO A 130 -20.00 -31.03 -11.55
N GLY A 131 -19.12 -30.50 -12.38
CA GLY A 131 -18.16 -29.54 -11.86
C GLY A 131 -16.89 -30.16 -11.31
N ALA A 132 -16.89 -31.47 -11.10
CA ALA A 132 -15.64 -32.17 -10.82
C ALA A 132 -14.94 -32.41 -12.14
N ASN A 133 -13.65 -32.68 -12.10
CA ASN A 133 -12.88 -32.95 -13.30
C ASN A 133 -11.92 -34.10 -13.03
N PRO A 134 -12.40 -35.34 -13.20
CA PRO A 134 -11.62 -36.56 -12.92
C PRO A 134 -10.41 -36.65 -13.84
N GLN A 135 -10.55 -36.17 -15.07
CA GLN A 135 -9.49 -36.18 -16.07
C GLN A 135 -8.30 -35.35 -15.59
N LEU A 136 -8.56 -34.12 -15.18
CA LEU A 136 -7.52 -33.23 -14.67
C LEU A 136 -6.82 -33.80 -13.45
N GLU A 137 -7.58 -34.39 -12.53
CA GLU A 137 -7.01 -34.94 -11.31
C GLU A 137 -6.14 -36.17 -11.59
N TRP A 138 -6.55 -36.95 -12.58
CA TRP A 138 -5.82 -38.15 -12.97
C TRP A 138 -4.51 -37.81 -13.71
N GLN A 139 -4.57 -36.84 -14.62
CA GLN A 139 -3.38 -36.32 -15.27
C GLN A 139 -2.39 -35.77 -14.25
N TYR A 140 -2.89 -34.95 -13.33
CA TYR A 140 -2.06 -34.41 -12.26
C TYR A 140 -1.43 -35.51 -11.40
N TYR A 141 -2.17 -36.61 -11.24
CA TYR A 141 -1.74 -37.77 -10.49
C TYR A 141 -0.63 -38.53 -11.24
N GLN A 142 -0.75 -38.61 -12.57
CA GLN A 142 0.26 -39.27 -13.41
C GLN A 142 1.50 -38.40 -13.65
N ASN A 143 1.30 -37.10 -13.74
CA ASN A 143 2.40 -36.18 -13.97
C ASN A 143 3.13 -35.90 -12.66
N LYS A 144 2.68 -34.88 -11.93
CA LYS A 144 3.40 -34.45 -10.73
C LYS A 144 3.55 -35.45 -9.58
N ILE A 145 2.67 -36.46 -9.52
CA ILE A 145 2.69 -37.43 -8.40
C ILE A 145 3.37 -38.78 -8.71
N LEU A 146 2.91 -39.48 -9.75
CA LEU A 146 3.58 -40.69 -10.23
C LEU A 146 4.98 -40.42 -10.79
N LYS A 147 5.27 -39.16 -11.07
CA LYS A 147 6.63 -38.71 -11.36
C LYS A 147 7.06 -37.63 -10.34
N GLY A 148 7.61 -36.52 -10.81
CA GLY A 148 8.14 -35.47 -9.93
C GLY A 148 7.48 -34.12 -10.07
N ILE A 170 -18.71 -44.66 -18.09
CA ILE A 170 -18.39 -43.23 -18.17
C ILE A 170 -17.63 -42.72 -16.93
N ASP A 171 -16.57 -41.98 -17.17
CA ASP A 171 -15.65 -41.48 -16.13
C ASP A 171 -16.35 -40.77 -14.96
N SER A 172 -17.39 -40.01 -15.27
CA SER A 172 -18.05 -39.13 -14.31
C SER A 172 -18.95 -39.83 -13.27
N VAL A 173 -19.25 -41.12 -13.47
CA VAL A 173 -20.08 -41.89 -12.54
C VAL A 173 -19.37 -43.09 -11.90
N LEU A 174 -18.08 -43.24 -12.21
CA LEU A 174 -17.24 -44.31 -11.68
C LEU A 174 -16.95 -44.15 -10.20
N SER A 175 -16.86 -45.27 -9.49
CA SER A 175 -16.52 -45.27 -8.08
C SER A 175 -15.08 -44.88 -7.85
N ARG A 176 -14.88 -43.90 -6.96
CA ARG A 176 -13.53 -43.50 -6.55
C ARG A 176 -13.15 -44.01 -5.16
N ALA A 177 -13.86 -45.02 -4.68
CA ALA A 177 -13.45 -45.75 -3.49
C ALA A 177 -12.15 -46.50 -3.83
N GLU A 178 -11.20 -46.50 -2.90
CA GLU A 178 -9.97 -47.27 -3.12
C GLU A 178 -10.14 -48.76 -2.88
N ILE A 179 -9.39 -49.55 -3.64
CA ILE A 179 -9.29 -50.97 -3.39
C ILE A 179 -8.18 -51.08 -2.36
N ALA A 180 -8.47 -51.60 -1.18
CA ALA A 180 -7.44 -51.79 -0.15
C ALA A 180 -6.57 -53.00 -0.46
N SER A 181 -7.19 -54.06 -0.95
CA SER A 181 -6.50 -55.30 -1.26
C SER A 181 -7.27 -55.98 -2.36
N CYS A 182 -6.56 -56.56 -3.31
CA CYS A 182 -7.21 -57.34 -4.34
C CYS A 182 -6.54 -58.69 -4.45
N SER A 183 -7.31 -59.71 -4.83
CA SER A 183 -6.76 -61.06 -5.02
C SER A 183 -5.73 -61.16 -6.16
N TYR A 184 -5.04 -62.29 -6.24
CA TYR A 184 -4.04 -62.49 -7.27
C TYR A 184 -4.66 -62.69 -8.66
N GLU A 185 -5.85 -63.29 -8.66
CA GLU A 185 -6.66 -63.39 -9.88
C GLU A 185 -6.84 -62.00 -10.48
N ALA A 186 -7.25 -61.05 -9.63
CA ALA A 186 -7.50 -59.68 -10.03
C ALA A 186 -6.23 -59.02 -10.50
N ARG A 187 -5.10 -59.37 -9.88
CA ARG A 187 -3.80 -58.82 -10.27
C ARG A 187 -3.31 -59.26 -11.65
N GLN A 188 -3.70 -60.44 -12.09
CA GLN A 188 -3.27 -60.99 -13.36
C GLN A 188 -3.86 -60.15 -14.52
N LEU A 189 -4.41 -58.99 -14.15
CA LEU A 189 -5.15 -58.12 -15.06
C LEU A 189 -4.86 -56.64 -14.82
N GLY A 190 -3.87 -56.34 -13.96
CA GLY A 190 -3.44 -54.96 -13.76
C GLY A 190 -4.11 -54.23 -12.60
N ILE A 191 -5.20 -54.80 -12.08
CA ILE A 191 -5.75 -54.35 -10.81
C ILE A 191 -4.69 -54.50 -9.72
N LYS A 192 -4.46 -53.43 -8.99
CA LYS A 192 -3.50 -53.41 -7.87
C LYS A 192 -4.09 -52.71 -6.65
N ASN A 193 -3.47 -52.91 -5.49
CA ASN A 193 -3.86 -52.19 -4.29
C ASN A 193 -3.76 -50.68 -4.55
N GLY A 194 -4.79 -49.92 -4.15
CA GLY A 194 -4.79 -48.46 -4.30
C GLY A 194 -5.43 -47.92 -5.57
N MET A 195 -5.96 -48.81 -6.38
CA MET A 195 -6.70 -48.46 -7.57
C MET A 195 -8.16 -48.15 -7.20
N PHE A 196 -8.76 -47.18 -7.89
CA PHE A 196 -10.17 -46.85 -7.73
C PHE A 196 -11.00 -48.00 -8.25
N PHE A 197 -12.04 -48.34 -7.50
CA PHE A 197 -12.86 -49.51 -7.79
C PHE A 197 -13.63 -49.38 -9.09
N GLY A 198 -14.11 -48.17 -9.36
CA GLY A 198 -14.72 -47.85 -10.65
C GLY A 198 -13.87 -48.27 -11.83
N HIS A 199 -12.62 -47.83 -11.83
CA HIS A 199 -11.67 -48.18 -12.89
C HIS A 199 -11.39 -49.68 -12.95
N ALA A 200 -11.07 -50.28 -11.80
CA ALA A 200 -10.78 -51.71 -11.71
C ALA A 200 -11.85 -52.52 -12.42
N LYS A 201 -13.09 -52.19 -12.11
CA LYS A 201 -14.24 -52.91 -12.63
C LYS A 201 -14.42 -52.66 -14.15
N GLN A 202 -13.60 -51.77 -14.70
CA GLN A 202 -13.54 -51.56 -16.15
C GLN A 202 -12.51 -52.51 -16.75
N LEU A 203 -11.34 -52.59 -16.13
CA LEU A 203 -10.31 -53.57 -16.49
C LEU A 203 -10.80 -55.02 -16.36
N CYS A 204 -11.65 -55.27 -15.36
CA CYS A 204 -12.11 -56.63 -15.06
C CYS A 204 -13.57 -56.64 -14.57
N PRO A 205 -14.53 -56.61 -15.51
CA PRO A 205 -15.97 -56.52 -15.19
C PRO A 205 -16.48 -57.49 -14.13
N ASN A 206 -15.77 -58.60 -13.94
CA ASN A 206 -16.16 -59.63 -12.97
C ASN A 206 -15.52 -59.48 -11.57
N LEU A 207 -14.86 -58.35 -11.34
CA LEU A 207 -14.33 -58.03 -10.01
C LEU A 207 -15.41 -58.12 -8.96
N GLN A 208 -15.12 -58.88 -7.92
CA GLN A 208 -16.04 -59.04 -6.79
C GLN A 208 -15.66 -58.06 -5.68
N ALA A 209 -16.65 -57.36 -5.13
CA ALA A 209 -16.42 -56.40 -4.04
C ALA A 209 -16.68 -57.05 -2.69
N VAL A 210 -15.82 -56.75 -1.71
CA VAL A 210 -15.94 -57.31 -0.36
C VAL A 210 -15.80 -56.20 0.72
N PRO A 211 -16.70 -56.19 1.71
CA PRO A 211 -16.63 -55.14 2.75
C PRO A 211 -15.47 -55.31 3.72
N TYR A 212 -15.05 -54.22 4.35
CA TYR A 212 -14.04 -54.30 5.40
C TYR A 212 -14.51 -55.11 6.58
N ASP A 213 -13.58 -55.75 7.28
CA ASP A 213 -13.88 -56.42 8.55
C ASP A 213 -12.67 -56.21 9.45
N PHE A 214 -12.64 -55.07 10.12
CA PHE A 214 -11.48 -54.64 10.91
C PHE A 214 -11.19 -55.53 12.11
N HIS A 215 -12.25 -56.04 12.74
CA HIS A 215 -12.10 -56.96 13.88
C HIS A 215 -11.36 -58.24 13.44
N ALA A 216 -11.76 -58.81 12.32
CA ALA A 216 -11.15 -60.05 11.80
C ALA A 216 -9.67 -59.89 11.44
N TYR A 217 -9.28 -58.74 10.87
CA TYR A 217 -7.89 -58.53 10.50
C TYR A 217 -7.00 -58.34 11.72
N LYS A 218 -7.49 -57.55 12.67
CA LYS A 218 -6.80 -57.38 13.92
C LYS A 218 -6.58 -58.74 14.58
N GLU A 219 -7.59 -59.62 14.56
CA GLU A 219 -7.45 -60.96 15.14
C GLU A 219 -6.44 -61.81 14.40
N VAL A 220 -6.43 -61.77 13.07
CA VAL A 220 -5.46 -62.57 12.31
C VAL A 220 -4.05 -61.97 12.48
N ALA A 221 -3.92 -60.66 12.32
CA ALA A 221 -2.67 -59.96 12.63
C ALA A 221 -2.03 -60.40 13.96
N GLN A 222 -2.83 -60.47 15.02
CA GLN A 222 -2.35 -60.92 16.33
C GLN A 222 -1.97 -62.39 16.35
N THR A 223 -2.85 -63.22 15.77
CA THR A 223 -2.57 -64.65 15.69
C THR A 223 -1.25 -64.91 14.95
N LEU A 224 -0.96 -64.06 13.96
CA LEU A 224 0.26 -64.18 13.18
C LEU A 224 1.51 -63.95 14.03
N TYR A 225 1.49 -62.90 14.83
CA TYR A 225 2.65 -62.55 15.64
C TYR A 225 2.81 -63.50 16.80
N GLU A 226 1.68 -63.93 17.39
CA GLU A 226 1.73 -64.89 18.48
C GLU A 226 2.46 -66.12 18.00
N THR A 227 2.05 -66.62 16.84
CA THR A 227 2.67 -67.77 16.20
C THR A 227 4.18 -67.57 16.04
N LEU A 228 4.59 -66.46 15.43
CA LEU A 228 6.03 -66.25 15.21
C LEU A 228 6.76 -66.16 16.55
N ALA A 229 6.15 -65.48 17.52
CA ALA A 229 6.75 -65.33 18.85
C ALA A 229 6.99 -66.68 19.54
N SER A 230 6.19 -67.69 19.15
CA SER A 230 6.34 -69.05 19.65
C SER A 230 7.61 -69.77 19.14
N TYR A 231 8.29 -69.17 18.18
CA TYR A 231 9.55 -69.72 17.67
C TYR A 231 10.76 -68.95 18.14
N THR A 232 10.62 -67.64 18.35
CA THR A 232 11.73 -66.77 18.75
C THR A 232 11.20 -65.39 19.13
N HIS A 233 11.98 -64.65 19.91
CA HIS A 233 11.67 -63.24 20.15
C HIS A 233 12.45 -62.30 19.21
N ASN A 234 13.25 -62.86 18.30
CA ASN A 234 14.15 -62.04 17.48
C ASN A 234 13.43 -61.54 16.22
N ILE A 235 12.39 -60.73 16.45
CA ILE A 235 11.44 -60.32 15.41
C ILE A 235 11.45 -58.80 15.28
N GLU A 236 11.18 -58.32 14.08
CA GLU A 236 10.93 -56.91 13.85
C GLU A 236 9.58 -56.80 13.18
N ALA A 237 8.71 -55.97 13.75
CA ALA A 237 7.37 -55.77 13.25
C ALA A 237 7.44 -54.80 12.11
N VAL A 238 7.15 -55.26 10.90
CA VAL A 238 7.17 -54.37 9.72
C VAL A 238 5.82 -53.73 9.50
N SER A 239 4.75 -54.51 9.62
CA SER A 239 3.39 -53.98 9.53
C SER A 239 2.45 -54.94 10.21
N CYS A 240 1.15 -54.82 9.96
CA CYS A 240 0.19 -55.72 10.62
C CYS A 240 0.22 -57.15 10.10
N ASP A 241 0.65 -57.34 8.85
CA ASP A 241 0.68 -58.67 8.24
C ASP A 241 2.08 -59.08 7.80
N GLU A 242 3.10 -58.47 8.39
CA GLU A 242 4.43 -58.62 7.88
C GLU A 242 5.47 -58.45 8.97
N ALA A 243 6.35 -59.43 9.11
CA ALA A 243 7.43 -59.32 10.08
C ALA A 243 8.72 -59.88 9.56
N LEU A 244 9.82 -59.35 10.08
CA LEU A 244 11.13 -59.89 9.85
C LEU A 244 11.49 -60.73 11.03
N VAL A 245 12.12 -61.86 10.76
CA VAL A 245 12.59 -62.75 11.81
C VAL A 245 14.04 -63.16 11.53
N ASP A 246 14.87 -63.10 12.56
CA ASP A 246 16.23 -63.61 12.48
C ASP A 246 16.22 -65.05 13.01
N ILE A 247 16.51 -66.00 12.13
CA ILE A 247 16.32 -67.41 12.42
C ILE A 247 17.63 -68.17 12.55
N THR A 248 18.74 -67.44 12.64
CA THR A 248 20.08 -68.01 12.80
C THR A 248 20.16 -68.97 13.98
N GLU A 249 19.62 -68.55 15.14
CA GLU A 249 19.60 -69.35 16.36
C GLU A 249 18.76 -70.61 16.14
N ILE A 250 17.51 -70.45 15.70
CA ILE A 250 16.60 -71.59 15.48
C ILE A 250 17.24 -72.69 14.62
N LEU A 251 17.87 -72.29 13.52
CA LEU A 251 18.46 -73.25 12.59
C LEU A 251 19.60 -74.02 13.21
N ALA A 252 20.30 -73.36 14.14
CA ALA A 252 21.40 -73.97 14.88
C ALA A 252 20.88 -74.93 15.94
N GLU A 253 19.82 -74.52 16.65
CA GLU A 253 19.21 -75.33 17.70
C GLU A 253 18.48 -76.57 17.13
N THR A 254 17.57 -76.34 16.18
CA THR A 254 16.77 -77.43 15.58
C THR A 254 17.52 -78.26 14.52
N LYS A 255 18.63 -77.73 14.01
CA LYS A 255 19.39 -78.33 12.91
C LYS A 255 18.60 -78.45 11.60
N LEU A 256 17.60 -77.58 11.42
CA LEU A 256 16.76 -77.60 10.22
C LEU A 256 17.30 -76.66 9.15
N THR A 257 17.11 -77.05 7.88
CA THR A 257 17.48 -76.18 6.77
C THR A 257 16.55 -74.98 6.80
N PRO A 258 17.02 -73.83 6.29
CA PRO A 258 16.18 -72.65 6.33
C PRO A 258 14.81 -72.93 5.68
N ASP A 259 14.83 -73.69 4.59
CA ASP A 259 13.62 -73.97 3.84
C ASP A 259 12.64 -74.83 4.63
N GLU A 260 13.16 -75.87 5.29
CA GLU A 260 12.33 -76.72 6.14
C GLU A 260 11.58 -75.87 7.18
N PHE A 261 12.31 -75.01 7.87
CA PHE A 261 11.71 -74.09 8.83
C PHE A 261 10.67 -73.17 8.18
N ALA A 262 11.00 -72.61 7.01
CA ALA A 262 10.07 -71.72 6.34
C ALA A 262 8.76 -72.44 6.02
N ASN A 263 8.88 -73.65 5.50
CA ASN A 263 7.70 -74.47 5.25
C ASN A 263 6.91 -74.68 6.54
N ALA A 264 7.59 -75.08 7.61
CA ALA A 264 6.94 -75.27 8.91
C ALA A 264 6.14 -74.05 9.34
N VAL A 265 6.70 -72.85 9.19
CA VAL A 265 6.03 -71.66 9.70
C VAL A 265 4.77 -71.34 8.88
N ARG A 266 4.91 -71.42 7.56
CA ARG A 266 3.80 -71.37 6.61
C ARG A 266 2.66 -72.35 6.93
N MET A 267 2.98 -73.64 7.08
CA MET A 267 1.99 -74.66 7.44
C MET A 267 1.27 -74.24 8.71
N GLU A 268 2.03 -73.87 9.73
CA GLU A 268 1.47 -73.47 11.01
C GLU A 268 0.58 -72.22 10.92
N ILE A 269 1.02 -71.20 10.17
CA ILE A 269 0.26 -69.95 10.01
C ILE A 269 -1.08 -70.22 9.34
N LYS A 270 -1.05 -71.05 8.30
CA LYS A 270 -2.27 -71.46 7.60
C LYS A 270 -3.19 -72.24 8.52
N ASP A 271 -2.60 -73.15 9.29
CA ASP A 271 -3.36 -73.94 10.25
C ASP A 271 -4.17 -73.07 11.20
N GLN A 272 -3.58 -71.97 11.62
CA GLN A 272 -4.13 -71.18 12.71
C GLN A 272 -4.93 -69.95 12.28
N THR A 273 -4.92 -69.64 10.98
CA THR A 273 -5.58 -68.43 10.49
C THR A 273 -6.47 -68.71 9.30
N LYS A 274 -6.26 -69.85 8.65
CA LYS A 274 -6.89 -70.14 7.36
C LYS A 274 -6.46 -69.14 6.27
N CYS A 275 -5.33 -68.47 6.49
CA CYS A 275 -4.76 -67.52 5.54
C CYS A 275 -3.32 -67.88 5.21
N ALA A 276 -2.94 -67.68 3.96
CA ALA A 276 -1.60 -68.05 3.52
C ALA A 276 -0.61 -66.90 3.63
N ALA A 277 0.60 -67.25 4.01
CA ALA A 277 1.74 -66.35 4.10
C ALA A 277 2.77 -66.78 3.08
N SER A 278 3.45 -65.82 2.46
CA SER A 278 4.62 -66.15 1.66
C SER A 278 5.87 -65.82 2.45
N VAL A 279 6.94 -66.58 2.26
CA VAL A 279 8.15 -66.32 3.01
C VAL A 279 9.35 -66.09 2.10
N GLY A 280 10.14 -65.08 2.43
CA GLY A 280 11.40 -64.83 1.76
C GLY A 280 12.55 -65.01 2.74
N ILE A 281 13.60 -65.71 2.29
CA ILE A 281 14.79 -65.99 3.08
C ILE A 281 16.03 -65.46 2.38
N GLY A 282 16.93 -64.86 3.16
CA GLY A 282 18.18 -64.31 2.65
C GLY A 282 19.12 -64.00 3.80
N SER A 283 20.36 -63.67 3.45
CA SER A 283 21.39 -63.41 4.48
C SER A 283 21.32 -62.00 5.08
N ASN A 284 20.40 -61.18 4.60
CA ASN A 284 20.11 -59.90 5.21
C ASN A 284 18.65 -59.45 4.98
N ILE A 285 18.27 -58.34 5.61
CA ILE A 285 16.91 -57.79 5.51
C ILE A 285 16.51 -57.44 4.08
N LEU A 286 17.30 -56.62 3.42
CA LEU A 286 17.06 -56.28 2.02
C LEU A 286 16.81 -57.53 1.14
N LEU A 287 17.69 -58.52 1.20
CA LEU A 287 17.55 -59.73 0.38
C LEU A 287 16.33 -60.62 0.73
N ALA A 288 15.97 -60.67 2.02
CA ALA A 288 14.78 -61.38 2.47
C ALA A 288 13.48 -60.74 1.94
N ARG A 289 13.38 -59.42 2.03
CA ARG A 289 12.25 -58.68 1.48
C ARG A 289 12.10 -58.92 -0.01
N MET A 290 13.22 -58.96 -0.74
CA MET A 290 13.14 -59.13 -2.19
C MET A 290 12.78 -60.54 -2.61
N ALA A 291 13.29 -61.52 -1.87
CA ALA A 291 12.92 -62.93 -2.08
C ALA A 291 11.40 -63.16 -1.99
N THR A 292 10.74 -62.42 -1.09
CA THR A 292 9.29 -62.51 -0.89
C THR A 292 8.50 -62.15 -2.16
N ARG A 293 9.01 -61.17 -2.90
CA ARG A 293 8.39 -60.77 -4.16
C ARG A 293 8.26 -61.99 -5.05
N LYS A 294 9.32 -62.79 -5.10
CA LYS A 294 9.40 -63.94 -5.97
C LYS A 294 8.62 -65.12 -5.39
N ALA A 295 8.47 -65.15 -4.07
CA ALA A 295 7.74 -66.21 -3.40
C ALA A 295 6.21 -66.12 -3.58
N LYS A 296 5.68 -64.92 -3.81
CA LYS A 296 4.24 -64.71 -3.84
C LYS A 296 3.53 -65.18 -5.13
N PRO A 297 2.31 -65.74 -5.01
CA PRO A 297 1.60 -66.02 -3.76
C PRO A 297 1.88 -67.40 -3.19
N ASP A 298 1.40 -67.60 -1.97
CA ASP A 298 1.44 -68.88 -1.29
C ASP A 298 2.71 -69.71 -1.52
N GLY A 299 3.86 -69.11 -1.32
CA GLY A 299 5.10 -69.85 -1.50
C GLY A 299 6.22 -69.38 -0.64
N GLN A 300 7.42 -69.83 -0.97
CA GLN A 300 8.63 -69.39 -0.32
C GLN A 300 9.76 -69.34 -1.34
N TYR A 301 10.76 -68.51 -1.06
CA TYR A 301 11.90 -68.39 -1.93
C TYR A 301 13.12 -68.05 -1.10
N HIS A 302 14.12 -68.93 -1.15
CA HIS A 302 15.40 -68.71 -0.53
C HIS A 302 16.40 -68.19 -1.58
N LEU A 303 16.74 -66.93 -1.47
CA LEU A 303 17.74 -66.30 -2.32
C LEU A 303 19.11 -66.58 -1.73
N LYS A 304 19.79 -67.58 -2.27
CA LYS A 304 21.11 -68.00 -1.84
C LYS A 304 22.25 -67.06 -2.32
N PRO A 305 23.36 -67.00 -1.57
CA PRO A 305 24.49 -66.12 -1.89
C PRO A 305 24.98 -66.24 -3.35
N GLU A 306 25.05 -67.46 -3.88
CA GLU A 306 25.54 -67.66 -5.24
C GLU A 306 24.63 -67.09 -6.32
N GLU A 307 23.39 -66.77 -5.95
CA GLU A 307 22.46 -66.21 -6.92
C GLU A 307 22.30 -64.69 -6.78
N VAL A 308 22.84 -64.11 -5.70
CA VAL A 308 22.56 -62.70 -5.36
C VAL A 308 22.85 -61.71 -6.50
N ASP A 309 24.04 -61.80 -7.09
CA ASP A 309 24.50 -60.81 -8.07
C ASP A 309 23.62 -60.78 -9.31
N ASP A 310 23.21 -61.95 -9.77
CA ASP A 310 22.41 -62.01 -10.99
C ASP A 310 20.94 -61.68 -10.73
N PHE A 311 20.43 -62.08 -9.58
CA PHE A 311 19.10 -61.69 -9.14
C PHE A 311 19.00 -60.16 -9.02
N ILE A 312 19.98 -59.54 -8.36
CA ILE A 312 19.92 -58.12 -8.09
C ILE A 312 19.99 -57.25 -9.33
N ARG A 313 20.83 -57.63 -10.29
CA ARG A 313 21.07 -56.79 -11.46
C ARG A 313 19.83 -56.52 -12.31
N GLY A 314 18.89 -57.47 -12.30
CA GLY A 314 17.69 -57.37 -13.11
C GLY A 314 16.52 -56.66 -12.42
N GLN A 315 16.60 -56.50 -11.11
CA GLN A 315 15.54 -55.85 -10.37
C GLN A 315 15.37 -54.38 -10.74
N LEU A 316 14.11 -53.98 -10.95
CA LEU A 316 13.77 -52.57 -11.14
C LEU A 316 14.10 -51.86 -9.87
N VAL A 317 14.72 -50.70 -10.00
CA VAL A 317 15.25 -49.94 -8.89
C VAL A 317 14.13 -49.58 -7.90
N THR A 318 12.93 -49.44 -8.43
CA THR A 318 11.73 -49.17 -7.64
C THR A 318 11.41 -50.26 -6.62
N ASN A 319 11.91 -51.47 -6.83
CA ASN A 319 11.72 -52.58 -5.88
C ASN A 319 12.59 -52.47 -4.62
N LEU A 320 13.67 -51.68 -4.67
CA LEU A 320 14.48 -51.44 -3.47
C LEU A 320 13.69 -50.69 -2.38
N PRO A 321 13.63 -51.26 -1.16
CA PRO A 321 12.98 -50.59 -0.02
C PRO A 321 13.54 -49.19 0.21
N GLY A 322 12.70 -48.19 0.01
CA GLY A 322 13.12 -46.80 0.24
C GLY A 322 13.18 -45.96 -1.02
N VAL A 323 12.94 -46.61 -2.16
CA VAL A 323 12.86 -45.93 -3.45
C VAL A 323 11.43 -45.93 -3.88
N GLY A 324 10.80 -44.77 -3.88
CA GLY A 324 9.45 -44.63 -4.40
C GLY A 324 9.44 -43.93 -5.75
N HIS A 325 8.31 -43.31 -6.07
CA HIS A 325 8.12 -42.72 -7.38
C HIS A 325 9.05 -41.53 -7.64
N SER A 326 9.33 -40.74 -6.60
CA SER A 326 10.23 -39.57 -6.74
C SER A 326 11.68 -39.98 -7.02
N MET A 327 12.19 -40.92 -6.24
CA MET A 327 13.54 -41.40 -6.46
C MET A 327 13.66 -42.07 -7.82
N GLU A 328 12.65 -42.86 -8.20
CA GLU A 328 12.62 -43.56 -9.49
C GLU A 328 12.75 -42.61 -10.66
N SER A 329 11.97 -41.53 -10.62
CA SER A 329 11.99 -40.52 -11.68
C SER A 329 13.33 -39.80 -11.73
N LYS A 330 13.98 -39.59 -10.58
CA LYS A 330 15.28 -38.95 -10.58
C LYS A 330 16.36 -39.89 -11.12
N LEU A 331 16.23 -41.20 -10.86
CA LEU A 331 17.17 -42.17 -11.40
C LEU A 331 17.01 -42.38 -12.90
N ALA A 332 15.76 -42.51 -13.35
CA ALA A 332 15.45 -42.60 -14.77
C ALA A 332 16.03 -41.44 -15.59
N SER A 333 16.11 -40.25 -15.02
CA SER A 333 16.74 -39.16 -15.79
C SER A 333 18.26 -39.33 -15.85
N LEU A 334 18.81 -40.08 -14.91
CA LEU A 334 20.23 -40.47 -14.95
C LEU A 334 20.46 -41.65 -15.90
N GLY A 335 19.37 -42.21 -16.44
CA GLY A 335 19.47 -43.33 -17.37
C GLY A 335 19.41 -44.67 -16.65
N ILE A 336 18.91 -44.64 -15.41
CA ILE A 336 18.92 -45.80 -14.53
C ILE A 336 17.52 -46.39 -14.32
N LYS A 337 17.31 -47.61 -14.79
CA LYS A 337 16.03 -48.32 -14.59
C LYS A 337 16.16 -49.50 -13.63
N THR A 338 17.20 -50.30 -13.82
CA THR A 338 17.48 -51.47 -13.00
C THR A 338 18.60 -51.23 -12.00
N CYS A 339 18.72 -52.14 -11.04
CA CYS A 339 19.78 -52.09 -10.06
C CYS A 339 21.13 -52.25 -10.72
N GLY A 340 21.15 -53.01 -11.81
CA GLY A 340 22.35 -53.23 -12.59
C GLY A 340 22.87 -51.95 -13.22
N ASP A 341 21.96 -51.10 -13.72
CA ASP A 341 22.36 -49.79 -14.25
C ASP A 341 23.00 -48.98 -13.15
N LEU A 342 22.42 -49.07 -11.96
CA LEU A 342 22.84 -48.29 -10.80
C LEU A 342 24.24 -48.66 -10.32
N GLN A 343 24.63 -49.92 -10.50
CA GLN A 343 25.90 -50.36 -9.97
C GLN A 343 27.05 -49.59 -10.59
N TYR A 344 26.80 -49.05 -11.77
CA TYR A 344 27.82 -48.35 -12.53
C TYR A 344 28.08 -46.94 -12.03
N MET A 345 27.25 -46.51 -11.09
CA MET A 345 27.37 -45.20 -10.50
C MET A 345 28.37 -45.23 -9.35
N THR A 346 29.18 -44.19 -9.21
CA THR A 346 30.12 -44.12 -8.09
C THR A 346 29.43 -43.70 -6.80
N MET A 347 30.02 -44.09 -5.69
CA MET A 347 29.58 -43.66 -4.37
C MET A 347 29.60 -42.13 -4.27
N ALA A 348 30.67 -41.51 -4.75
CA ALA A 348 30.81 -40.06 -4.67
C ALA A 348 29.74 -39.35 -5.49
N LYS A 349 29.41 -39.91 -6.65
CA LYS A 349 28.36 -39.33 -7.48
C LYS A 349 26.98 -39.48 -6.85
N LEU A 350 26.67 -40.66 -6.30
CA LEU A 350 25.38 -40.85 -5.62
C LEU A 350 25.20 -39.97 -4.39
N GLN A 351 26.27 -39.76 -3.62
CA GLN A 351 26.19 -38.87 -2.48
C GLN A 351 26.03 -37.41 -2.87
N LYS A 352 26.76 -36.96 -3.88
CA LYS A 352 26.59 -35.60 -4.40
C LYS A 352 25.14 -35.37 -4.85
N GLU A 353 24.65 -36.25 -5.72
CA GLU A 353 23.34 -36.10 -6.31
C GLU A 353 22.20 -36.28 -5.30
N PHE A 354 22.34 -37.21 -4.36
CA PHE A 354 21.23 -37.63 -3.47
C PHE A 354 21.47 -37.42 -1.99
N GLY A 355 22.62 -36.90 -1.62
CA GLY A 355 22.94 -36.74 -0.21
C GLY A 355 23.72 -37.94 0.31
N PRO A 356 24.43 -37.76 1.45
CA PRO A 356 25.30 -38.77 2.06
C PRO A 356 24.61 -40.10 2.36
N LYS A 357 23.45 -40.04 3.02
CA LYS A 357 22.78 -41.26 3.53
C LYS A 357 22.01 -41.99 2.44
N THR A 358 21.28 -41.22 1.62
CA THR A 358 20.56 -41.79 0.50
C THR A 358 21.53 -42.29 -0.57
N GLY A 359 22.66 -41.59 -0.69
CA GLY A 359 23.66 -41.89 -1.69
C GLY A 359 24.27 -43.23 -1.36
N GLN A 360 24.60 -43.40 -0.09
CA GLN A 360 25.19 -44.63 0.39
C GLN A 360 24.21 -45.80 0.32
N MET A 361 22.98 -45.55 0.72
CA MET A 361 21.91 -46.56 0.65
C MET A 361 21.75 -47.12 -0.79
N LEU A 362 21.77 -46.23 -1.78
CA LEU A 362 21.56 -46.65 -3.17
C LEU A 362 22.71 -47.53 -3.67
N TYR A 363 23.94 -47.08 -3.41
CA TYR A 363 25.13 -47.83 -3.71
C TYR A 363 25.15 -49.25 -3.07
N ARG A 364 24.78 -49.33 -1.81
CA ARG A 364 24.80 -50.61 -1.11
C ARG A 364 23.67 -51.54 -1.50
N PHE A 365 22.44 -51.02 -1.51
CA PHE A 365 21.27 -51.84 -1.85
C PHE A 365 21.32 -52.45 -3.25
N CYS A 366 21.72 -51.66 -4.25
CA CYS A 366 21.76 -52.17 -5.61
C CYS A 366 22.80 -53.29 -5.76
N ARG A 367 23.66 -53.44 -4.76
CA ARG A 367 24.60 -54.57 -4.70
C ARG A 367 24.11 -55.72 -3.82
N GLY A 368 22.96 -55.58 -3.18
CA GLY A 368 22.48 -56.60 -2.26
C GLY A 368 23.16 -56.56 -0.90
N LEU A 369 23.81 -55.45 -0.59
CA LEU A 369 24.46 -55.28 0.70
C LEU A 369 23.58 -54.52 1.67
N ASP A 370 23.49 -55.03 2.88
CA ASP A 370 22.68 -54.45 3.92
C ASP A 370 23.12 -55.04 5.26
N ASP A 371 23.47 -54.16 6.21
CA ASP A 371 24.00 -54.63 7.50
C ASP A 371 23.13 -54.26 8.72
N ARG A 372 21.97 -53.66 8.48
CA ARG A 372 20.98 -53.43 9.53
C ARG A 372 20.68 -54.74 10.23
N PRO A 373 20.77 -54.76 11.57
CA PRO A 373 20.26 -55.92 12.29
C PRO A 373 18.75 -55.80 12.40
N VAL A 374 18.10 -56.89 12.80
CA VAL A 374 16.68 -56.87 13.11
C VAL A 374 16.47 -55.98 14.35
N ARG A 375 15.73 -54.87 14.18
CA ARG A 375 15.46 -53.97 15.31
C ARG A 375 14.29 -54.49 16.15
N THR A 376 14.64 -54.99 17.33
CA THR A 376 13.65 -55.53 18.24
C THR A 376 13.04 -54.45 19.17
N GLU A 377 13.68 -53.28 19.24
CA GLU A 377 13.26 -52.18 20.12
C GLU A 377 13.11 -50.85 19.36
N LYS A 378 11.90 -50.29 19.42
CA LYS A 378 11.56 -49.07 18.70
C LYS A 378 10.93 -48.07 19.67
N GLU A 379 11.54 -46.88 19.77
CA GLU A 379 11.04 -45.85 20.70
C GLU A 379 10.20 -44.82 19.93
N ARG A 380 9.06 -44.43 20.51
CA ARG A 380 8.11 -43.51 19.88
C ARG A 380 8.62 -42.07 19.86
N LYS A 381 8.67 -41.45 18.68
CA LYS A 381 9.21 -40.09 18.55
C LYS A 381 8.16 -39.01 18.35
N SER A 382 6.95 -39.39 17.94
CA SER A 382 5.88 -38.43 17.71
C SER A 382 4.51 -39.09 17.78
N VAL A 383 3.50 -38.26 18.07
CA VAL A 383 2.11 -38.66 18.08
C VAL A 383 1.42 -37.66 17.21
N SER A 384 0.49 -38.11 16.36
CA SER A 384 -0.25 -37.17 15.56
C SER A 384 -1.67 -37.63 15.21
N ALA A 385 -2.41 -36.77 14.52
CA ALA A 385 -3.76 -37.08 14.08
C ALA A 385 -4.13 -36.16 12.94
N GLU A 386 -4.42 -36.76 11.79
CA GLU A 386 -4.84 -36.03 10.63
C GLU A 386 -6.05 -36.65 10.00
N ILE A 387 -6.92 -35.77 9.50
CA ILE A 387 -8.05 -36.17 8.69
C ILE A 387 -7.97 -35.28 7.45
N ASN A 388 -7.78 -35.92 6.30
CA ASN A 388 -7.69 -35.25 5.00
C ASN A 388 -8.79 -35.80 4.09
N TYR A 389 -9.89 -36.16 4.72
CA TYR A 389 -11.05 -36.66 4.01
C TYR A 389 -12.32 -36.07 4.60
N GLY A 390 -13.27 -35.72 3.74
CA GLY A 390 -14.54 -35.16 4.16
C GLY A 390 -14.41 -33.86 4.94
N ILE A 391 -13.44 -33.03 4.54
CA ILE A 391 -13.26 -31.74 5.18
C ILE A 391 -13.76 -30.64 4.25
N ARG A 392 -14.84 -30.01 4.71
CA ARG A 392 -15.52 -28.93 4.01
C ARG A 392 -16.04 -27.94 5.07
N PHE A 393 -15.40 -26.79 5.16
CA PHE A 393 -15.84 -25.72 6.05
C PHE A 393 -16.18 -24.50 5.23
N THR A 394 -17.16 -23.74 5.70
CA THR A 394 -17.47 -22.46 5.08
C THR A 394 -17.12 -21.26 5.97
N GLN A 395 -17.26 -21.43 7.29
CA GLN A 395 -17.03 -20.36 8.28
C GLN A 395 -15.80 -20.59 9.16
N PRO A 396 -15.03 -19.52 9.45
CA PRO A 396 -13.90 -19.64 10.38
C PRO A 396 -14.32 -20.17 11.74
N LYS A 397 -15.56 -19.92 12.14
CA LYS A 397 -16.11 -20.47 13.39
C LYS A 397 -16.19 -22.01 13.39
N GLU A 398 -16.47 -22.59 12.22
CA GLU A 398 -16.59 -24.06 12.06
C GLU A 398 -15.21 -24.74 12.13
N ALA A 399 -14.25 -24.11 11.47
CA ALA A 399 -12.87 -24.59 11.38
C ALA A 399 -12.22 -24.60 12.76
N GLU A 400 -12.41 -23.50 13.49
CA GLU A 400 -11.85 -23.35 14.84
C GLU A 400 -12.51 -24.32 15.82
N ALA A 401 -13.82 -24.55 15.64
CA ALA A 401 -14.52 -25.57 16.42
C ALA A 401 -13.92 -26.96 16.18
N PHE A 402 -13.59 -27.26 14.92
CA PHE A 402 -13.01 -28.57 14.57
C PHE A 402 -11.59 -28.73 15.08
N LEU A 403 -10.80 -27.66 15.01
CA LEU A 403 -9.43 -27.68 15.57
C LEU A 403 -9.43 -28.00 17.08
N LEU A 404 -10.40 -27.45 17.81
CA LEU A 404 -10.54 -27.74 19.25
C LEU A 404 -10.96 -29.19 19.53
N SER A 405 -11.64 -29.81 18.57
CA SER A 405 -12.05 -31.21 18.72
C SER A 405 -10.86 -32.13 18.48
N LEU A 406 -10.21 -31.96 17.33
CA LEU A 406 -9.03 -32.77 17.01
C LEU A 406 -8.03 -32.62 18.13
N SER A 407 -8.06 -31.48 18.81
CA SER A 407 -7.23 -31.28 19.97
C SER A 407 -7.59 -32.20 21.13
N GLU A 408 -8.87 -32.45 21.35
CA GLU A 408 -9.24 -33.46 22.35
C GLU A 408 -8.81 -34.86 21.90
N GLU A 409 -8.92 -35.14 20.60
CA GLU A 409 -8.43 -36.41 20.05
C GLU A 409 -6.93 -36.61 20.26
N ILE A 410 -6.16 -35.55 20.04
CA ILE A 410 -4.71 -35.62 20.22
C ILE A 410 -4.34 -35.77 21.69
N GLN A 411 -5.17 -35.23 22.59
CA GLN A 411 -5.01 -35.44 24.04
C GLN A 411 -5.18 -36.92 24.41
N ARG A 412 -6.19 -37.58 23.85
CA ARG A 412 -6.45 -39.00 24.11
C ARG A 412 -5.32 -39.89 23.68
N ARG A 413 -4.68 -39.55 22.57
CA ARG A 413 -3.63 -40.40 22.03
C ARG A 413 -2.36 -40.24 22.83
N LEU A 414 -2.12 -39.02 23.31
CA LEU A 414 -0.95 -38.75 24.15
C LEU A 414 -1.07 -39.47 25.46
N GLU A 415 -2.28 -39.49 26.00
CA GLU A 415 -2.60 -40.24 27.23
C GLU A 415 -2.49 -41.74 27.03
N ALA A 416 -3.17 -42.25 26.01
CA ALA A 416 -3.15 -43.68 25.64
C ALA A 416 -1.73 -44.25 25.52
N THR A 417 -0.80 -43.41 25.02
CA THR A 417 0.60 -43.77 24.87
C THR A 417 1.46 -43.28 26.04
N GLY A 418 0.85 -42.56 26.98
CA GLY A 418 1.55 -42.05 28.16
C GLY A 418 2.66 -41.06 27.87
N MET A 419 2.39 -40.12 26.96
CA MET A 419 3.37 -39.09 26.57
C MET A 419 2.80 -37.68 26.73
N LYS A 420 3.72 -36.72 26.86
CA LYS A 420 3.41 -35.30 26.73
C LYS A 420 4.40 -34.69 25.73
N GLY A 421 3.96 -33.68 24.99
CA GLY A 421 4.82 -33.06 23.98
C GLY A 421 5.11 -31.59 24.21
N LYS A 422 6.24 -31.13 23.66
CA LYS A 422 6.59 -29.72 23.68
C LYS A 422 6.31 -29.05 22.35
N ARG A 423 6.58 -29.77 21.25
CA ARG A 423 6.52 -29.17 19.94
C ARG A 423 5.22 -29.53 19.20
N LEU A 424 4.49 -28.51 18.77
CA LEU A 424 3.18 -28.68 18.18
C LEU A 424 3.19 -28.17 16.76
N THR A 425 2.73 -29.00 15.82
CA THR A 425 2.64 -28.57 14.43
C THR A 425 1.29 -28.80 13.74
N LEU A 426 0.73 -27.71 13.21
CA LEU A 426 -0.55 -27.70 12.50
C LEU A 426 -0.30 -27.75 11.00
N LYS A 427 -0.90 -28.72 10.32
CA LYS A 427 -0.77 -28.82 8.87
C LYS A 427 -2.15 -28.78 8.24
N ILE A 428 -2.35 -27.88 7.28
CA ILE A 428 -3.61 -27.74 6.56
C ILE A 428 -3.41 -28.05 5.08
N MET A 429 -4.28 -28.89 4.53
CA MET A 429 -4.37 -29.01 3.08
C MET A 429 -5.35 -27.97 2.55
N VAL A 430 -4.92 -27.22 1.54
CA VAL A 430 -5.74 -26.18 0.92
C VAL A 430 -5.87 -26.47 -0.57
N ARG A 431 -7.06 -26.31 -1.13
CA ARG A 431 -7.27 -26.49 -2.57
C ARG A 431 -6.22 -25.74 -3.39
N LYS A 432 -5.56 -26.45 -4.31
CA LYS A 432 -4.56 -25.81 -5.17
C LYS A 432 -5.20 -24.85 -6.21
N PRO A 433 -4.67 -23.62 -6.34
CA PRO A 433 -5.23 -22.69 -7.35
C PRO A 433 -5.30 -23.30 -8.76
N GLY A 434 -6.46 -23.24 -9.39
CA GLY A 434 -6.66 -23.84 -10.70
C GLY A 434 -7.38 -25.18 -10.61
N ALA A 435 -7.33 -25.78 -9.42
CA ALA A 435 -7.95 -27.06 -9.16
C ALA A 435 -9.44 -26.87 -8.89
N PRO A 436 -10.27 -27.79 -9.41
CA PRO A 436 -11.70 -27.57 -9.32
C PRO A 436 -12.23 -27.73 -7.89
N VAL A 437 -13.09 -26.80 -7.50
CA VAL A 437 -13.75 -26.77 -6.19
C VAL A 437 -14.48 -28.09 -5.87
N GLU A 438 -15.00 -28.73 -6.91
CA GLU A 438 -15.67 -30.00 -6.78
C GLU A 438 -14.63 -31.10 -7.01
N THR A 439 -14.44 -31.91 -5.98
CA THR A 439 -13.47 -33.00 -5.97
C THR A 439 -13.96 -34.16 -6.84
N ALA A 440 -13.03 -34.86 -7.49
CA ALA A 440 -13.36 -36.05 -8.26
C ALA A 440 -13.93 -37.13 -7.34
N LYS A 441 -13.26 -37.33 -6.21
CA LYS A 441 -13.69 -38.31 -5.21
C LYS A 441 -14.63 -37.64 -4.23
N PHE A 442 -15.82 -38.23 -3.99
CA PHE A 442 -16.70 -37.73 -2.94
C PHE A 442 -15.93 -37.63 -1.63
N GLY A 443 -15.89 -36.45 -1.05
CA GLY A 443 -15.20 -36.23 0.23
C GLY A 443 -13.69 -36.04 0.14
N GLY A 444 -13.12 -36.18 -1.05
CA GLY A 444 -11.67 -36.21 -1.21
C GLY A 444 -11.04 -34.86 -0.94
N HIS A 445 -9.74 -34.84 -0.70
CA HIS A 445 -9.04 -33.57 -0.57
C HIS A 445 -8.78 -32.97 -1.93
N GLY A 446 -8.77 -33.82 -2.95
CA GLY A 446 -8.51 -33.41 -4.33
C GLY A 446 -7.07 -32.96 -4.45
N ILE A 447 -6.79 -32.10 -5.43
CA ILE A 447 -5.46 -31.51 -5.61
C ILE A 447 -5.26 -30.32 -4.68
N CYS A 448 -4.20 -30.39 -3.89
CA CYS A 448 -3.98 -29.46 -2.81
C CYS A 448 -2.53 -29.07 -2.69
N ASP A 449 -2.30 -28.00 -1.95
CA ASP A 449 -1.00 -27.88 -1.33
C ASP A 449 -1.10 -27.70 0.20
N ASN A 450 0.07 -27.74 0.85
CA ASN A 450 0.20 -27.79 2.31
C ASN A 450 0.66 -26.47 2.87
N ILE A 451 0.00 -25.99 3.92
CA ILE A 451 0.51 -24.89 4.72
C ILE A 451 0.77 -25.46 6.10
N ALA A 452 1.88 -25.05 6.70
CA ALA A 452 2.29 -25.62 7.97
C ALA A 452 2.77 -24.56 8.92
N ARG A 453 2.52 -24.77 10.19
CA ARG A 453 3.02 -23.89 11.25
C ARG A 453 3.55 -24.72 12.39
N THR A 454 4.57 -24.21 13.09
CA THR A 454 5.16 -24.89 14.24
C THR A 454 5.40 -23.92 15.38
N VAL A 455 5.04 -24.35 16.59
CA VAL A 455 5.36 -23.60 17.80
C VAL A 455 5.99 -24.55 18.80
N THR A 456 6.54 -23.98 19.85
CA THR A 456 7.19 -24.76 20.88
C THR A 456 6.79 -24.20 22.22
N LEU A 457 6.33 -25.08 23.10
CA LEU A 457 5.88 -24.67 24.43
C LEU A 457 7.01 -24.73 25.43
N ASP A 458 6.80 -24.08 26.58
CA ASP A 458 7.80 -24.05 27.64
C ASP A 458 7.83 -25.34 28.45
N GLN A 459 6.68 -26.00 28.56
CA GLN A 459 6.59 -27.28 29.26
C GLN A 459 5.88 -28.29 28.37
N ALA A 460 6.29 -29.55 28.46
CA ALA A 460 5.61 -30.61 27.74
C ALA A 460 4.18 -30.70 28.29
N THR A 461 3.21 -30.68 27.39
CA THR A 461 1.81 -30.70 27.79
C THR A 461 1.08 -31.89 27.16
N ASP A 462 -0.04 -32.27 27.77
CA ASP A 462 -1.02 -33.16 27.15
C ASP A 462 -2.43 -32.58 27.25
N ASN A 463 -2.52 -31.32 27.68
CA ASN A 463 -3.81 -30.64 27.85
C ASN A 463 -4.34 -30.08 26.52
N ALA A 464 -5.57 -30.49 26.15
CA ALA A 464 -6.20 -30.07 24.88
C ALA A 464 -6.55 -28.58 24.85
N LYS A 465 -6.82 -27.99 26.01
CA LYS A 465 -7.14 -26.56 26.04
C LYS A 465 -5.90 -25.75 25.60
N ILE A 466 -4.72 -26.19 26.05
CA ILE A 466 -3.46 -25.51 25.70
C ILE A 466 -3.09 -25.85 24.26
N ILE A 467 -3.28 -27.10 23.88
CA ILE A 467 -2.99 -27.55 22.52
C ILE A 467 -3.95 -26.89 21.54
N GLY A 468 -5.24 -26.89 21.87
CA GLY A 468 -6.29 -26.22 21.11
C GLY A 468 -5.99 -24.75 20.89
N LYS A 469 -5.70 -24.05 21.98
CA LYS A 469 -5.30 -22.64 21.90
C LYS A 469 -4.09 -22.41 21.01
N ALA A 470 -3.09 -23.28 21.12
CA ALA A 470 -1.92 -23.19 20.24
C ALA A 470 -2.32 -23.37 18.76
N MET A 471 -3.21 -24.32 18.50
CA MET A 471 -3.74 -24.54 17.14
C MET A 471 -4.49 -23.32 16.56
N LEU A 472 -5.22 -22.60 17.41
CA LEU A 472 -5.93 -21.40 16.97
C LEU A 472 -4.99 -20.24 16.64
N ASN A 473 -3.94 -20.05 17.45
CA ASN A 473 -2.95 -19.01 17.16
C ASN A 473 -2.20 -19.30 15.86
N MET A 474 -1.82 -20.56 15.68
CA MET A 474 -1.11 -20.99 14.47
C MET A 474 -1.99 -20.81 13.24
N PHE A 475 -3.28 -21.12 13.40
CA PHE A 475 -4.24 -21.09 12.29
C PHE A 475 -4.54 -19.66 11.86
N HIS A 476 -4.42 -18.72 12.79
CA HIS A 476 -4.65 -17.31 12.51
C HIS A 476 -3.54 -16.72 11.65
N THR A 477 -2.31 -17.20 11.82
CA THR A 477 -1.20 -16.69 11.03
C THR A 477 -1.24 -17.18 9.56
N MET A 478 -2.13 -18.13 9.26
CA MET A 478 -2.27 -18.62 7.91
C MET A 478 -3.16 -17.69 7.08
N LYS A 479 -2.77 -17.46 5.84
CA LYS A 479 -3.61 -16.69 4.91
C LYS A 479 -4.50 -17.71 4.21
N LEU A 480 -5.78 -17.71 4.57
CA LEU A 480 -6.61 -18.85 4.20
C LEU A 480 -8.04 -18.53 3.83
N ASN A 481 -8.46 -19.13 2.73
CA ASN A 481 -9.86 -19.22 2.40
C ASN A 481 -10.44 -20.51 3.02
N ILE A 482 -11.32 -20.34 4.00
CA ILE A 482 -11.89 -21.47 4.73
C ILE A 482 -12.49 -22.49 3.79
N SER A 483 -13.13 -22.00 2.74
CA SER A 483 -13.85 -22.89 1.84
C SER A 483 -12.92 -23.67 0.92
N ASP A 484 -11.64 -23.32 0.92
CA ASP A 484 -10.59 -24.09 0.23
C ASP A 484 -9.93 -25.17 1.10
N MET A 485 -10.13 -25.11 2.41
CA MET A 485 -9.57 -26.13 3.29
C MET A 485 -10.05 -27.52 2.90
N ARG A 486 -9.15 -28.48 2.91
CA ARG A 486 -9.47 -29.84 2.48
C ARG A 486 -8.85 -30.90 3.41
N GLY A 487 -8.10 -30.45 4.42
CA GLY A 487 -7.56 -31.37 5.42
C GLY A 487 -6.84 -30.68 6.55
N VAL A 488 -6.81 -31.35 7.70
CA VAL A 488 -6.19 -30.82 8.90
C VAL A 488 -5.40 -31.92 9.60
N GLY A 489 -4.23 -31.57 10.12
CA GLY A 489 -3.40 -32.54 10.82
C GLY A 489 -2.71 -31.85 11.97
N ILE A 490 -2.76 -32.48 13.15
CA ILE A 490 -1.97 -32.04 14.30
C ILE A 490 -0.83 -33.04 14.59
N HIS A 491 0.39 -32.53 14.76
CA HIS A 491 1.58 -33.32 14.97
C HIS A 491 2.30 -32.85 16.22
N VAL A 492 2.55 -33.78 17.13
CA VAL A 492 3.22 -33.47 18.37
C VAL A 492 4.61 -34.08 18.36
N ASN A 493 5.62 -33.26 18.62
CA ASN A 493 7.01 -33.71 18.76
C ASN A 493 7.62 -33.36 20.10
N GLN A 494 8.91 -33.66 20.25
CA GLN A 494 9.67 -33.51 21.52
C GLN A 494 8.90 -34.02 22.74
N LEU A 495 8.70 -35.33 22.76
CA LEU A 495 7.89 -35.99 23.77
C LEU A 495 8.66 -36.26 25.05
N VAL A 496 7.92 -36.37 26.15
CA VAL A 496 8.45 -36.92 27.40
C VAL A 496 7.41 -37.90 27.97
N PRO A 497 7.86 -39.03 28.53
CA PRO A 497 6.91 -39.97 29.14
C PRO A 497 6.39 -39.46 30.48
N THR A 498 5.12 -39.74 30.79
CA THR A 498 4.52 -39.39 32.09
C THR A 498 5.15 -40.21 33.23
N ASN A 499 4.88 -39.82 34.47
CA ASN A 499 5.37 -40.52 35.67
C ASN A 499 6.88 -40.78 35.65
N SER B 15 -29.05 -6.33 -46.21
CA SER B 15 -27.84 -6.40 -47.08
C SER B 15 -26.95 -7.57 -46.73
N ASP B 16 -26.32 -8.15 -47.73
CA ASP B 16 -25.25 -9.15 -47.54
C ASP B 16 -23.88 -8.45 -47.42
N CYS B 17 -23.82 -7.19 -47.85
CA CYS B 17 -22.63 -6.34 -47.64
C CYS B 17 -22.59 -5.82 -46.20
N ASN B 18 -23.76 -5.54 -45.63
CA ASN B 18 -23.87 -5.17 -44.22
C ASN B 18 -23.68 -6.36 -43.27
N PHE B 19 -24.07 -7.56 -43.71
CA PHE B 19 -23.82 -8.78 -42.94
C PHE B 19 -22.32 -9.02 -42.73
N ILE B 20 -21.53 -8.83 -43.80
CA ILE B 20 -20.09 -9.00 -43.77
C ILE B 20 -19.41 -8.00 -42.82
N SER B 21 -19.79 -6.72 -42.95
CA SER B 21 -19.37 -5.67 -42.01
C SER B 21 -19.78 -5.94 -40.57
N ASN B 22 -21.04 -6.29 -40.37
CA ASN B 22 -21.54 -6.57 -39.02
C ASN B 22 -20.78 -7.72 -38.36
N PHE B 23 -20.51 -8.78 -39.14
CA PHE B 23 -19.84 -9.94 -38.61
C PHE B 23 -18.43 -9.59 -38.17
N TYR B 24 -17.68 -8.99 -39.08
CA TYR B 24 -16.29 -8.63 -38.84
C TYR B 24 -16.08 -7.72 -37.62
N SER B 25 -16.93 -6.70 -37.45
CA SER B 25 -16.82 -5.79 -36.30
C SER B 25 -17.13 -6.45 -34.95
N HIS B 26 -17.81 -7.60 -34.98
CA HIS B 26 -18.11 -8.38 -33.77
C HIS B 26 -17.14 -9.55 -33.50
N SER B 27 -16.36 -9.92 -34.52
CA SER B 27 -15.49 -11.08 -34.47
C SER B 27 -14.13 -10.79 -33.83
N ARG B 28 -13.90 -11.37 -32.66
CA ARG B 28 -12.63 -11.22 -31.96
C ARG B 28 -11.49 -11.86 -32.79
N LEU B 29 -11.78 -13.02 -33.38
CA LEU B 29 -10.79 -13.70 -34.21
C LEU B 29 -10.38 -12.85 -35.42
N HIS B 30 -11.34 -12.30 -36.16
CA HIS B 30 -11.00 -11.35 -37.21
C HIS B 30 -10.08 -10.26 -36.66
N HIS B 31 -10.42 -9.73 -35.50
CA HIS B 31 -9.67 -8.62 -34.93
C HIS B 31 -8.23 -8.98 -34.55
N ILE B 32 -8.02 -10.09 -33.87
CA ILE B 32 -6.67 -10.40 -33.47
C ILE B 32 -5.77 -10.70 -34.68
N SER B 33 -6.34 -11.22 -35.76
CA SER B 33 -5.57 -11.48 -36.97
C SER B 33 -5.15 -10.21 -37.69
N MET B 34 -6.04 -9.20 -37.73
CA MET B 34 -5.71 -7.90 -38.32
C MET B 34 -4.57 -7.25 -37.56
N TRP B 35 -4.61 -7.33 -36.23
CA TRP B 35 -3.65 -6.62 -35.40
C TRP B 35 -2.27 -7.26 -35.51
N LYS B 36 -2.25 -8.60 -35.55
CA LYS B 36 -1.03 -9.33 -35.80
C LYS B 36 -0.46 -8.93 -37.17
N CYS B 37 -1.34 -8.77 -38.15
CA CYS B 37 -0.85 -8.32 -39.44
C CYS B 37 -0.29 -6.90 -39.34
N GLU B 38 -1.06 -5.97 -38.77
CA GLU B 38 -0.61 -4.59 -38.57
C GLU B 38 0.70 -4.49 -37.79
N LEU B 39 0.82 -5.26 -36.73
CA LEU B 39 2.01 -5.21 -35.88
C LEU B 39 3.24 -5.91 -36.49
N THR B 40 3.02 -6.90 -37.33
CA THR B 40 4.10 -7.48 -38.11
C THR B 40 4.59 -6.41 -39.08
N GLU B 41 3.66 -5.73 -39.74
CA GLU B 41 4.06 -4.65 -40.63
C GLU B 41 4.73 -3.51 -39.88
N PHE B 42 4.37 -3.31 -38.62
CA PHE B 42 5.04 -2.28 -37.79
C PHE B 42 6.50 -2.63 -37.56
N VAL B 43 6.75 -3.90 -37.22
CA VAL B 43 8.10 -4.38 -36.96
C VAL B 43 8.96 -4.38 -38.24
N ASN B 44 8.35 -4.69 -39.38
CA ASN B 44 9.04 -4.49 -40.65
C ASN B 44 9.61 -3.08 -40.82
N THR B 45 8.82 -2.04 -40.54
CA THR B 45 9.27 -0.64 -40.77
C THR B 45 10.44 -0.26 -39.88
N LEU B 46 10.45 -0.81 -38.67
CA LEU B 46 11.53 -0.63 -37.70
C LEU B 46 12.90 -1.06 -38.23
N GLN B 47 12.92 -1.99 -39.17
CA GLN B 47 14.19 -2.53 -39.70
C GLN B 47 14.83 -1.62 -40.76
N ARG B 48 14.02 -0.83 -41.45
CA ARG B 48 14.52 0.14 -42.43
C ARG B 48 15.11 1.39 -41.74
N GLN B 49 15.07 1.39 -40.40
CA GLN B 49 15.67 2.47 -39.61
C GLN B 49 17.07 2.08 -39.09
N SER B 50 17.97 3.05 -39.03
CA SER B 50 19.29 2.82 -38.43
C SER B 50 19.82 4.05 -37.70
N ASN B 51 18.91 4.84 -37.13
CA ASN B 51 19.28 6.05 -36.37
C ASN B 51 19.89 5.74 -35.00
N GLY B 52 19.68 4.51 -34.51
CA GLY B 52 20.29 4.00 -33.29
C GLY B 52 19.71 4.49 -31.99
N ILE B 53 18.59 5.22 -32.06
CA ILE B 53 18.05 5.91 -30.89
C ILE B 53 17.03 5.04 -30.14
N PHE B 54 17.31 4.81 -28.86
CA PHE B 54 16.52 3.94 -28.02
C PHE B 54 16.25 4.56 -26.66
N PRO B 55 15.15 5.34 -26.53
CA PRO B 55 14.79 6.04 -25.29
C PRO B 55 14.73 5.13 -24.08
N GLY B 56 14.08 3.97 -24.24
CA GLY B 56 13.99 2.98 -23.17
C GLY B 56 15.36 2.45 -22.78
N ARG B 57 16.21 2.26 -23.78
CA ARG B 57 17.57 1.74 -23.60
C ARG B 57 18.51 2.74 -22.91
N GLU B 58 18.47 3.99 -23.33
CA GLU B 58 19.31 5.03 -22.71
C GLU B 58 18.90 5.30 -21.26
N LYS B 59 17.60 5.21 -20.98
CA LYS B 59 17.08 5.43 -19.63
C LYS B 59 17.45 4.28 -18.68
N LEU B 60 17.61 3.08 -19.23
CA LEU B 60 18.05 1.93 -18.44
C LEU B 60 19.51 2.12 -18.05
N LYS B 61 20.29 2.67 -18.98
CA LYS B 61 21.67 3.06 -18.73
C LYS B 61 21.79 4.16 -17.65
N LYS B 62 20.70 4.88 -17.40
CA LYS B 62 20.62 5.83 -16.29
C LYS B 62 20.37 5.14 -14.94
N MET B 63 19.54 4.09 -14.96
CA MET B 63 19.32 3.26 -13.77
C MET B 63 20.44 2.23 -13.62
N GLN B 87 26.49 -14.68 -25.44
CA GLN B 87 25.59 -15.85 -25.54
C GLN B 87 24.12 -15.42 -25.60
N SER B 88 23.41 -15.94 -26.60
CA SER B 88 22.05 -15.51 -26.91
C SER B 88 21.13 -15.44 -25.70
N CYS B 89 20.36 -14.36 -25.64
CA CYS B 89 19.35 -14.21 -24.61
C CYS B 89 18.03 -13.71 -25.20
N ILE B 90 17.02 -14.55 -25.10
CA ILE B 90 15.71 -14.27 -25.68
C ILE B 90 14.71 -14.03 -24.57
N MET B 91 13.87 -13.02 -24.78
CA MET B 91 12.85 -12.63 -23.82
C MET B 91 11.51 -12.72 -24.52
N HIS B 92 10.61 -13.49 -23.91
CA HIS B 92 9.24 -13.61 -24.38
C HIS B 92 8.35 -12.75 -23.49
N VAL B 93 7.68 -11.77 -24.08
CA VAL B 93 6.77 -10.89 -23.34
C VAL B 93 5.31 -11.21 -23.64
N ASP B 94 4.50 -11.41 -22.61
CA ASP B 94 3.15 -11.91 -22.78
C ASP B 94 2.19 -11.25 -21.81
N MET B 95 1.24 -10.51 -22.35
CA MET B 95 0.26 -9.78 -21.55
C MET B 95 -0.70 -10.73 -20.82
N ASP B 96 -0.98 -10.45 -19.55
CA ASP B 96 -1.84 -11.32 -18.75
C ASP B 96 -3.33 -11.15 -19.05
N CYS B 97 -4.03 -12.28 -19.19
CA CYS B 97 -5.47 -12.29 -19.52
C CYS B 97 -5.84 -10.98 -20.17
N PHE B 98 -5.41 -10.84 -21.41
CA PHE B 98 -5.23 -9.53 -22.01
C PHE B 98 -6.53 -8.71 -22.08
N PHE B 99 -7.58 -9.27 -22.70
CA PHE B 99 -8.85 -8.54 -22.87
C PHE B 99 -9.41 -8.10 -21.50
N VAL B 100 -9.36 -9.00 -20.53
CA VAL B 100 -9.86 -8.74 -19.17
C VAL B 100 -9.13 -7.55 -18.55
N SER B 101 -7.79 -7.62 -18.53
CA SER B 101 -7.00 -6.55 -17.97
C SER B 101 -7.38 -5.20 -18.58
N VAL B 102 -7.51 -5.15 -19.91
CA VAL B 102 -7.87 -3.92 -20.58
C VAL B 102 -9.28 -3.51 -20.16
N GLY B 103 -10.19 -4.48 -20.20
CA GLY B 103 -11.60 -4.27 -19.91
C GLY B 103 -11.90 -3.83 -18.49
N ILE B 104 -11.02 -4.18 -17.54
CA ILE B 104 -11.23 -3.76 -16.14
C ILE B 104 -10.26 -2.66 -15.70
N ARG B 105 -9.45 -2.18 -16.64
CA ARG B 105 -8.44 -1.16 -16.40
C ARG B 105 -8.98 0.04 -15.62
N ASN B 106 -10.10 0.60 -16.07
CA ASN B 106 -10.71 1.75 -15.41
C ASN B 106 -11.96 1.41 -14.58
N ARG B 107 -12.19 0.12 -14.32
CA ARG B 107 -13.33 -0.31 -13.52
C ARG B 107 -12.87 -1.06 -12.27
N PRO B 108 -12.42 -0.32 -11.24
CA PRO B 108 -11.83 -0.88 -10.00
C PRO B 108 -12.78 -1.72 -9.12
N ASP B 109 -14.09 -1.57 -9.31
CA ASP B 109 -15.06 -2.40 -8.58
C ASP B 109 -14.92 -3.90 -8.94
N LEU B 110 -14.28 -4.17 -10.07
CA LEU B 110 -14.13 -5.51 -10.63
C LEU B 110 -12.75 -6.13 -10.35
N LYS B 111 -11.78 -5.28 -10.00
CA LYS B 111 -10.43 -5.77 -9.71
C LYS B 111 -10.50 -6.88 -8.66
N GLY B 112 -9.76 -7.96 -8.90
CA GLY B 112 -9.71 -9.09 -7.95
C GLY B 112 -10.93 -9.99 -7.88
N LYS B 113 -11.83 -9.88 -8.85
CA LYS B 113 -13.08 -10.66 -8.90
C LYS B 113 -13.11 -11.58 -10.11
N PRO B 114 -13.89 -12.69 -10.05
CA PRO B 114 -14.02 -13.55 -11.24
C PRO B 114 -14.79 -12.92 -12.41
N VAL B 115 -14.08 -12.42 -13.42
CA VAL B 115 -14.75 -11.83 -14.56
C VAL B 115 -14.35 -12.57 -15.83
N ALA B 116 -15.20 -12.47 -16.86
CA ALA B 116 -14.88 -13.03 -18.17
C ALA B 116 -15.39 -12.14 -19.29
N VAL B 117 -14.61 -12.05 -20.37
CA VAL B 117 -14.98 -11.29 -21.55
C VAL B 117 -15.72 -12.20 -22.51
N THR B 118 -16.96 -11.82 -22.82
CA THR B 118 -17.86 -12.69 -23.56
C THR B 118 -19.00 -11.88 -24.15
N SER B 119 -19.59 -12.41 -25.22
CA SER B 119 -20.65 -11.73 -25.93
C SER B 119 -21.97 -11.82 -25.15
N ASN B 120 -22.12 -12.89 -24.38
CA ASN B 120 -23.26 -13.08 -23.50
C ASN B 120 -23.36 -11.94 -22.48
N ARG B 121 -24.58 -11.53 -22.17
CA ARG B 121 -24.82 -10.36 -21.34
C ARG B 121 -24.65 -10.60 -19.84
N GLY B 122 -24.52 -11.86 -19.41
CA GLY B 122 -24.22 -12.13 -18.01
C GLY B 122 -25.04 -13.21 -17.31
N THR B 123 -26.16 -13.60 -17.90
CA THR B 123 -27.04 -14.60 -17.30
C THR B 123 -26.49 -16.03 -17.42
N GLY B 124 -25.93 -16.35 -18.58
CA GLY B 124 -25.43 -17.71 -18.85
C GLY B 124 -26.49 -18.58 -19.51
N ARG B 125 -27.66 -17.98 -19.76
CA ARG B 125 -28.78 -18.67 -20.36
C ARG B 125 -28.86 -18.33 -21.84
N ALA B 126 -29.53 -19.18 -22.61
CA ALA B 126 -29.86 -18.86 -23.99
C ALA B 126 -31.25 -19.43 -24.31
N PRO B 127 -31.92 -18.87 -25.34
CA PRO B 127 -33.21 -19.38 -25.80
C PRO B 127 -33.15 -20.85 -26.19
N LEU B 128 -34.20 -21.60 -25.90
CA LEU B 128 -34.31 -22.97 -26.35
C LEU B 128 -34.31 -23.04 -27.89
N ARG B 129 -33.43 -23.86 -28.45
CA ARG B 129 -33.42 -24.13 -29.90
C ARG B 129 -33.81 -25.60 -30.13
N PRO B 130 -35.12 -25.88 -30.27
CA PRO B 130 -35.54 -27.27 -30.46
C PRO B 130 -34.87 -27.92 -31.67
N GLY B 131 -34.38 -29.15 -31.49
CA GLY B 131 -33.75 -29.86 -32.60
C GLY B 131 -32.24 -29.73 -32.59
N ALA B 132 -31.72 -28.76 -31.83
CA ALA B 132 -30.29 -28.70 -31.55
C ALA B 132 -29.94 -29.84 -30.60
N ASN B 133 -28.74 -30.39 -30.77
CA ASN B 133 -28.26 -31.53 -30.02
C ASN B 133 -26.81 -31.30 -29.59
N PRO B 134 -26.63 -30.51 -28.52
CA PRO B 134 -25.29 -30.19 -28.04
C PRO B 134 -24.45 -31.42 -27.66
N GLN B 135 -25.05 -32.37 -26.94
CA GLN B 135 -24.37 -33.62 -26.55
C GLN B 135 -23.79 -34.40 -27.74
N LEU B 136 -24.57 -34.52 -28.82
CA LEU B 136 -24.09 -35.14 -30.05
C LEU B 136 -22.86 -34.41 -30.60
N GLU B 137 -22.88 -33.08 -30.54
CA GLU B 137 -21.79 -32.27 -31.10
C GLU B 137 -20.56 -32.29 -30.19
N TRP B 138 -20.79 -32.19 -28.88
CA TRP B 138 -19.74 -32.33 -27.89
C TRP B 138 -19.06 -33.70 -28.01
N GLN B 139 -19.85 -34.74 -28.25
CA GLN B 139 -19.33 -36.10 -28.37
C GLN B 139 -18.70 -36.42 -29.72
N TYR B 140 -19.08 -35.69 -30.76
CA TYR B 140 -18.45 -35.86 -32.07
C TYR B 140 -17.03 -35.31 -32.09
N TYR B 141 -16.86 -34.06 -31.68
CA TYR B 141 -15.53 -33.46 -31.64
C TYR B 141 -14.61 -34.21 -30.68
N GLN B 142 -15.11 -34.47 -29.47
CA GLN B 142 -14.34 -35.11 -28.40
C GLN B 142 -13.99 -36.58 -28.70
N ASN B 143 -14.12 -37.00 -29.95
CA ASN B 143 -13.49 -38.24 -30.41
C ASN B 143 -13.00 -38.17 -31.87
N LYS B 144 -12.75 -36.95 -32.33
CA LYS B 144 -12.14 -36.69 -33.63
C LYS B 144 -11.10 -35.59 -33.52
N ALA B 167 -28.75 -35.98 -20.79
CA ALA B 167 -27.59 -35.17 -20.40
C ALA B 167 -27.73 -33.71 -20.84
N ASN B 168 -28.45 -33.50 -21.95
CA ASN B 168 -28.59 -32.15 -22.50
C ASN B 168 -29.93 -31.45 -22.18
N GLY B 169 -30.46 -31.71 -20.98
CA GLY B 169 -31.57 -30.96 -20.41
C GLY B 169 -31.13 -29.52 -20.16
N ILE B 170 -30.14 -29.33 -19.30
CA ILE B 170 -29.67 -27.97 -19.02
C ILE B 170 -28.89 -27.31 -20.17
N ASP B 171 -28.30 -28.13 -21.03
CA ASP B 171 -27.53 -27.68 -22.20
C ASP B 171 -28.37 -26.85 -23.17
N SER B 172 -29.60 -27.29 -23.39
CA SER B 172 -30.54 -26.68 -24.35
C SER B 172 -30.84 -25.20 -24.07
N VAL B 173 -30.64 -24.75 -22.84
CA VAL B 173 -30.84 -23.34 -22.50
C VAL B 173 -29.58 -22.67 -21.94
N LEU B 174 -28.43 -23.30 -22.14
CA LEU B 174 -27.17 -22.80 -21.60
C LEU B 174 -26.40 -22.01 -22.67
N SER B 175 -25.70 -20.96 -22.27
CA SER B 175 -25.03 -20.07 -23.23
C SER B 175 -23.81 -20.72 -23.83
N ARG B 176 -23.72 -20.65 -25.16
CA ARG B 176 -22.56 -21.15 -25.89
C ARG B 176 -21.73 -20.04 -26.55
N ALA B 177 -21.71 -18.88 -25.90
CA ALA B 177 -20.76 -17.83 -26.23
C ALA B 177 -19.42 -18.20 -25.64
N GLU B 178 -18.34 -18.00 -26.41
CA GLU B 178 -17.01 -18.40 -25.95
C GLU B 178 -16.53 -17.43 -24.89
N ILE B 179 -15.72 -17.91 -23.96
CA ILE B 179 -14.93 -17.02 -23.12
C ILE B 179 -13.63 -16.65 -23.88
N ALA B 180 -13.47 -15.37 -24.17
CA ALA B 180 -12.28 -14.86 -24.82
C ALA B 180 -11.13 -14.84 -23.82
N SER B 181 -11.44 -14.37 -22.62
CA SER B 181 -10.45 -14.14 -21.62
C SER B 181 -11.14 -14.10 -20.26
N CYS B 182 -10.51 -14.68 -19.25
CA CYS B 182 -11.02 -14.61 -17.88
C CYS B 182 -9.90 -14.24 -16.92
N SER B 183 -10.26 -13.57 -15.84
CA SER B 183 -9.30 -13.08 -14.88
C SER B 183 -8.66 -14.26 -14.17
N TYR B 184 -7.54 -14.01 -13.50
CA TYR B 184 -6.89 -15.10 -12.80
C TYR B 184 -7.72 -15.67 -11.65
N GLU B 185 -8.47 -14.81 -10.97
CA GLU B 185 -9.35 -15.24 -9.87
C GLU B 185 -10.35 -16.28 -10.36
N ALA B 186 -10.91 -16.06 -11.55
CA ALA B 186 -11.80 -17.02 -12.23
C ALA B 186 -11.07 -18.30 -12.67
N ARG B 187 -9.84 -18.17 -13.20
CA ARG B 187 -9.03 -19.34 -13.56
C ARG B 187 -8.65 -20.18 -12.35
N GLN B 188 -8.39 -19.49 -11.26
CA GLN B 188 -8.06 -20.10 -9.99
C GLN B 188 -9.14 -21.13 -9.56
N LEU B 189 -10.35 -20.98 -10.13
CA LEU B 189 -11.51 -21.83 -9.82
C LEU B 189 -11.79 -22.88 -10.89
N GLY B 190 -10.98 -22.93 -11.95
CA GLY B 190 -11.17 -23.91 -13.00
C GLY B 190 -11.55 -23.38 -14.37
N ILE B 191 -12.08 -22.16 -14.43
CA ILE B 191 -12.53 -21.57 -15.70
C ILE B 191 -11.34 -21.31 -16.67
N LYS B 192 -11.56 -21.53 -17.97
CA LYS B 192 -10.48 -21.37 -18.95
C LYS B 192 -10.91 -20.64 -20.21
N ASN B 193 -9.98 -19.91 -20.83
CA ASN B 193 -10.23 -19.33 -22.14
C ASN B 193 -10.80 -20.37 -23.09
N GLY B 194 -11.76 -19.96 -23.91
CA GLY B 194 -12.43 -20.87 -24.82
C GLY B 194 -13.53 -21.71 -24.18
N MET B 195 -13.70 -21.64 -22.88
CA MET B 195 -14.82 -22.31 -22.21
C MET B 195 -16.12 -21.62 -22.65
N PHE B 196 -17.24 -22.36 -22.67
CA PHE B 196 -18.54 -21.76 -22.98
C PHE B 196 -19.06 -21.02 -21.75
N PHE B 197 -19.57 -19.81 -21.95
CA PHE B 197 -20.03 -19.02 -20.83
C PHE B 197 -21.07 -19.74 -19.96
N GLY B 198 -22.04 -20.39 -20.60
CA GLY B 198 -23.07 -21.11 -19.87
C GLY B 198 -22.46 -22.10 -18.90
N HIS B 199 -21.57 -22.93 -19.41
CA HIS B 199 -20.92 -23.96 -18.60
C HIS B 199 -20.03 -23.36 -17.50
N ALA B 200 -19.28 -22.31 -17.83
CA ALA B 200 -18.46 -21.60 -16.84
C ALA B 200 -19.30 -21.06 -15.69
N LYS B 201 -20.50 -20.58 -16.02
CA LYS B 201 -21.41 -20.05 -15.03
C LYS B 201 -21.93 -21.09 -14.03
N GLN B 202 -21.91 -22.39 -14.40
CA GLN B 202 -22.23 -23.50 -13.49
C GLN B 202 -21.07 -23.76 -12.52
N LEU B 203 -19.86 -23.60 -13.03
CA LEU B 203 -18.67 -23.82 -12.21
C LEU B 203 -18.52 -22.69 -11.21
N CYS B 204 -19.00 -21.52 -11.60
CA CYS B 204 -18.86 -20.32 -10.80
C CYS B 204 -20.03 -19.38 -11.10
N PRO B 205 -21.08 -19.45 -10.28
CA PRO B 205 -22.32 -18.68 -10.50
C PRO B 205 -22.16 -17.16 -10.34
N ASN B 206 -21.10 -16.73 -9.66
CA ASN B 206 -20.84 -15.29 -9.49
C ASN B 206 -19.96 -14.70 -10.60
N LEU B 207 -19.76 -15.44 -11.68
CA LEU B 207 -18.92 -14.99 -12.78
C LEU B 207 -19.55 -13.73 -13.38
N GLN B 208 -18.76 -12.66 -13.44
CA GLN B 208 -19.19 -11.43 -14.09
C GLN B 208 -18.81 -11.50 -15.55
N ALA B 209 -19.76 -11.17 -16.41
CA ALA B 209 -19.48 -10.99 -17.82
C ALA B 209 -19.15 -9.52 -18.09
N VAL B 210 -18.25 -9.29 -19.04
CA VAL B 210 -17.80 -7.96 -19.45
C VAL B 210 -17.86 -7.96 -20.99
N PRO B 211 -18.34 -6.87 -21.61
CA PRO B 211 -18.39 -6.88 -23.09
C PRO B 211 -17.01 -6.68 -23.75
N TYR B 212 -16.90 -7.00 -25.04
CA TYR B 212 -15.70 -6.70 -25.82
C TYR B 212 -15.46 -5.21 -26.01
N ASP B 213 -14.22 -4.79 -25.87
CA ASP B 213 -13.82 -3.44 -26.25
C ASP B 213 -12.64 -3.48 -27.24
N PHE B 214 -12.93 -3.77 -28.50
CA PHE B 214 -11.91 -3.93 -29.54
C PHE B 214 -10.99 -2.73 -29.70
N HIS B 215 -11.55 -1.53 -29.67
CA HIS B 215 -10.76 -0.31 -29.78
C HIS B 215 -9.67 -0.23 -28.73
N ALA B 216 -10.07 -0.43 -27.47
CA ALA B 216 -9.15 -0.37 -26.35
C ALA B 216 -8.01 -1.41 -26.48
N TYR B 217 -8.35 -2.67 -26.77
CA TYR B 217 -7.31 -3.68 -26.95
C TYR B 217 -6.29 -3.24 -28.00
N LYS B 218 -6.78 -2.61 -29.07
CA LYS B 218 -5.92 -2.11 -30.14
C LYS B 218 -4.92 -1.06 -29.66
N GLU B 219 -5.37 -0.16 -28.78
CA GLU B 219 -4.48 0.86 -28.20
C GLU B 219 -3.37 0.26 -27.38
N VAL B 220 -3.77 -0.55 -26.41
CA VAL B 220 -2.84 -1.19 -25.49
C VAL B 220 -1.84 -2.06 -26.25
N ALA B 221 -2.31 -2.76 -27.29
CA ALA B 221 -1.42 -3.58 -28.11
C ALA B 221 -0.34 -2.71 -28.74
N GLN B 222 -0.76 -1.67 -29.45
CA GLN B 222 0.12 -0.69 -30.09
C GLN B 222 1.15 -0.10 -29.13
N THR B 223 0.68 0.35 -27.97
CA THR B 223 1.57 0.82 -26.91
C THR B 223 2.66 -0.19 -26.53
N LEU B 224 2.25 -1.43 -26.28
CA LEU B 224 3.16 -2.52 -25.98
C LEU B 224 4.32 -2.58 -26.98
N TYR B 225 3.99 -2.66 -28.26
CA TYR B 225 5.03 -2.77 -29.27
C TYR B 225 5.86 -1.50 -29.38
N GLU B 226 5.23 -0.35 -29.13
CA GLU B 226 5.95 0.91 -29.10
C GLU B 226 6.93 0.93 -27.91
N THR B 227 6.51 0.43 -26.74
CA THR B 227 7.38 0.34 -25.57
C THR B 227 8.59 -0.54 -25.89
N LEU B 228 8.35 -1.72 -26.45
CA LEU B 228 9.42 -2.66 -26.76
C LEU B 228 10.37 -2.12 -27.79
N ALA B 229 9.85 -1.39 -28.76
CA ALA B 229 10.69 -0.75 -29.80
C ALA B 229 11.54 0.38 -29.23
N SER B 230 11.23 0.87 -28.04
CA SER B 230 12.03 1.90 -27.40
C SER B 230 13.32 1.33 -26.81
N TYR B 231 13.39 0.00 -26.70
CA TYR B 231 14.60 -0.66 -26.21
C TYR B 231 15.44 -1.27 -27.32
N THR B 232 14.79 -1.72 -28.40
CA THR B 232 15.44 -2.41 -29.53
C THR B 232 14.45 -2.65 -30.67
N HIS B 233 14.96 -2.74 -31.89
CA HIS B 233 14.13 -3.15 -33.03
C HIS B 233 14.22 -4.64 -33.34
N ASN B 234 14.99 -5.35 -32.51
CA ASN B 234 15.16 -6.79 -32.66
C ASN B 234 14.01 -7.57 -32.00
N ILE B 235 12.89 -7.61 -32.70
CA ILE B 235 11.59 -8.01 -32.17
C ILE B 235 10.89 -8.91 -33.18
N GLU B 236 10.17 -9.89 -32.67
CA GLU B 236 9.30 -10.68 -33.51
C GLU B 236 7.89 -10.53 -32.98
N ALA B 237 6.99 -10.08 -33.86
CA ALA B 237 5.59 -9.98 -33.55
C ALA B 237 5.03 -11.39 -33.44
N VAL B 238 4.42 -11.71 -32.30
CA VAL B 238 3.79 -13.01 -32.10
C VAL B 238 2.27 -12.86 -32.21
N SER B 239 1.73 -11.91 -31.46
CA SER B 239 0.35 -11.51 -31.59
C SER B 239 0.22 -10.17 -30.91
N CYS B 240 -1.01 -9.74 -30.74
CA CYS B 240 -1.31 -8.39 -30.26
C CYS B 240 -0.78 -8.12 -28.86
N ASP B 241 -0.66 -9.17 -28.04
CA ASP B 241 -0.28 -9.04 -26.65
C ASP B 241 0.97 -9.85 -26.27
N GLU B 242 1.82 -10.12 -27.25
CA GLU B 242 2.82 -11.15 -27.08
C GLU B 242 3.94 -10.93 -28.08
N ALA B 243 5.16 -10.82 -27.56
CA ALA B 243 6.32 -10.60 -28.41
C ALA B 243 7.53 -11.41 -28.00
N LEU B 244 8.40 -11.60 -28.98
CA LEU B 244 9.74 -12.16 -28.79
C LEU B 244 10.74 -11.02 -29.00
N VAL B 245 11.72 -10.95 -28.12
CA VAL B 245 12.75 -9.92 -28.21
C VAL B 245 14.10 -10.56 -27.96
N ASP B 246 15.03 -10.37 -28.89
CA ASP B 246 16.42 -10.81 -28.68
C ASP B 246 17.19 -9.76 -27.89
N ILE B 247 17.48 -10.03 -26.62
CA ILE B 247 18.13 -9.02 -25.79
C ILE B 247 19.63 -9.21 -25.57
N THR B 248 20.24 -10.08 -26.37
CA THR B 248 21.68 -10.35 -26.29
C THR B 248 22.52 -9.06 -26.28
N GLU B 249 22.20 -8.16 -27.20
CA GLU B 249 22.95 -6.91 -27.41
C GLU B 249 22.67 -5.85 -26.34
N ILE B 250 21.39 -5.65 -26.03
CA ILE B 250 20.99 -4.66 -25.03
C ILE B 250 21.56 -4.97 -23.64
N LEU B 251 21.62 -6.25 -23.28
CA LEU B 251 22.29 -6.69 -22.06
C LEU B 251 23.77 -6.30 -22.00
N ALA B 252 24.45 -6.45 -23.13
CA ALA B 252 25.87 -6.12 -23.26
C ALA B 252 26.13 -4.60 -23.24
N GLU B 253 25.27 -3.84 -23.91
CA GLU B 253 25.37 -2.38 -23.99
C GLU B 253 24.80 -1.64 -22.76
N THR B 254 24.42 -2.37 -21.72
CA THR B 254 23.88 -1.74 -20.51
C THR B 254 24.31 -2.43 -19.22
N LYS B 255 24.85 -3.65 -19.38
CA LYS B 255 25.47 -4.39 -18.26
C LYS B 255 24.49 -4.81 -17.15
N LEU B 256 23.26 -5.13 -17.53
CA LEU B 256 22.24 -5.64 -16.60
C LEU B 256 22.05 -7.16 -16.70
N THR B 257 21.69 -7.77 -15.58
CA THR B 257 21.32 -9.18 -15.57
C THR B 257 20.00 -9.34 -16.31
N PRO B 258 19.82 -10.48 -16.99
CA PRO B 258 18.50 -10.76 -17.58
C PRO B 258 17.33 -10.39 -16.64
N ASP B 259 17.42 -10.73 -15.35
CA ASP B 259 16.36 -10.46 -14.38
C ASP B 259 16.09 -8.99 -14.09
N GLU B 260 17.14 -8.18 -14.06
CA GLU B 260 17.00 -6.74 -13.90
C GLU B 260 16.26 -6.12 -15.10
N PHE B 261 16.67 -6.47 -16.31
CA PHE B 261 16.05 -5.89 -17.50
C PHE B 261 14.60 -6.33 -17.66
N ALA B 262 14.31 -7.56 -17.30
CA ALA B 262 12.95 -8.07 -17.36
C ALA B 262 12.06 -7.33 -16.36
N ASN B 263 12.57 -7.12 -15.15
CA ASN B 263 11.83 -6.32 -14.19
C ASN B 263 11.59 -4.94 -14.77
N ALA B 264 12.65 -4.35 -15.31
CA ALA B 264 12.57 -3.03 -15.93
C ALA B 264 11.45 -2.95 -16.97
N VAL B 265 11.34 -3.95 -17.85
CA VAL B 265 10.31 -3.89 -18.89
C VAL B 265 8.90 -4.06 -18.34
N ARG B 266 8.74 -4.93 -17.34
CA ARG B 266 7.44 -5.16 -16.71
C ARG B 266 6.89 -3.90 -16.07
N MET B 267 7.77 -3.12 -15.46
CA MET B 267 7.36 -1.87 -14.83
C MET B 267 6.94 -0.83 -15.86
N GLU B 268 7.79 -0.59 -16.85
CA GLU B 268 7.46 0.35 -17.93
C GLU B 268 6.14 -0.02 -18.58
N ILE B 269 5.99 -1.30 -18.93
CA ILE B 269 4.73 -1.79 -19.51
C ILE B 269 3.52 -1.46 -18.62
N LYS B 270 3.62 -1.75 -17.32
CA LYS B 270 2.53 -1.45 -16.37
C LYS B 270 2.23 0.05 -16.32
N ASP B 271 3.27 0.87 -16.20
CA ASP B 271 3.16 2.32 -16.31
C ASP B 271 2.28 2.79 -17.46
N GLN B 272 2.61 2.32 -18.68
CA GLN B 272 1.95 2.79 -19.88
C GLN B 272 0.53 2.25 -19.97
N THR B 273 0.42 0.93 -19.95
CA THR B 273 -0.82 0.27 -20.32
C THR B 273 -1.79 0.24 -19.16
N LYS B 274 -1.26 0.36 -17.95
CA LYS B 274 -1.99 0.00 -16.73
C LYS B 274 -2.32 -1.50 -16.62
N CYS B 275 -1.69 -2.32 -17.48
CA CYS B 275 -1.88 -3.78 -17.47
C CYS B 275 -0.58 -4.54 -17.14
N ALA B 276 -0.72 -5.68 -16.49
CA ALA B 276 0.44 -6.49 -16.10
C ALA B 276 0.90 -7.43 -17.20
N ALA B 277 2.22 -7.61 -17.30
CA ALA B 277 2.79 -8.56 -18.26
C ALA B 277 3.77 -9.48 -17.57
N SER B 278 3.87 -10.70 -18.08
CA SER B 278 4.79 -11.67 -17.53
C SER B 278 5.86 -11.94 -18.56
N VAL B 279 7.08 -12.21 -18.13
CA VAL B 279 8.15 -12.51 -19.09
C VAL B 279 8.94 -13.80 -18.81
N GLY B 280 9.33 -14.44 -19.90
CA GLY B 280 10.18 -15.64 -19.86
C GLY B 280 11.52 -15.32 -20.50
N ILE B 281 12.59 -15.74 -19.84
CA ILE B 281 13.94 -15.51 -20.33
C ILE B 281 14.60 -16.86 -20.56
N GLY B 282 15.10 -17.08 -21.77
CA GLY B 282 15.78 -18.31 -22.13
C GLY B 282 16.88 -18.16 -23.17
N SER B 283 17.59 -19.26 -23.39
CA SER B 283 18.76 -19.30 -24.26
C SER B 283 18.30 -19.26 -25.72
N ASN B 284 17.12 -19.79 -25.96
CA ASN B 284 16.52 -19.78 -27.28
C ASN B 284 15.02 -19.46 -27.12
N ILE B 285 14.30 -19.37 -28.25
CA ILE B 285 12.89 -18.98 -28.28
C ILE B 285 11.99 -19.97 -27.59
N LEU B 286 12.22 -21.25 -27.84
CA LEU B 286 11.46 -22.32 -27.21
C LEU B 286 11.53 -22.21 -25.68
N LEU B 287 12.76 -22.04 -25.18
CA LEU B 287 12.98 -21.97 -23.74
C LEU B 287 12.40 -20.70 -23.13
N ALA B 288 12.51 -19.59 -23.87
CA ALA B 288 11.94 -18.33 -23.44
C ALA B 288 10.42 -18.44 -23.28
N ARG B 289 9.77 -18.91 -24.34
CA ARG B 289 8.33 -19.12 -24.32
C ARG B 289 7.93 -20.03 -23.17
N MET B 290 8.58 -21.18 -23.11
CA MET B 290 8.28 -22.16 -22.10
C MET B 290 8.36 -21.56 -20.70
N ALA B 291 9.37 -20.74 -20.47
CA ALA B 291 9.60 -20.10 -19.16
C ALA B 291 8.47 -19.15 -18.76
N THR B 292 7.69 -18.67 -19.73
CA THR B 292 6.61 -17.74 -19.44
C THR B 292 5.48 -18.44 -18.68
N ARG B 293 5.17 -19.68 -19.04
CA ARG B 293 4.19 -20.46 -18.28
C ARG B 293 4.50 -20.39 -16.78
N LYS B 294 5.77 -20.58 -16.42
CA LYS B 294 6.17 -20.53 -15.02
C LYS B 294 6.17 -19.12 -14.43
N ALA B 295 6.15 -18.09 -15.29
CA ALA B 295 6.13 -16.72 -14.80
C ALA B 295 4.72 -16.21 -14.47
N LYS B 296 3.72 -16.67 -15.22
CA LYS B 296 2.35 -16.15 -15.10
C LYS B 296 1.76 -16.54 -13.75
N PRO B 297 1.06 -15.59 -13.09
CA PRO B 297 0.77 -14.20 -13.45
C PRO B 297 1.72 -13.16 -12.88
N ASP B 298 1.75 -11.99 -13.53
CA ASP B 298 2.46 -10.79 -13.08
C ASP B 298 3.84 -11.07 -12.50
N GLY B 299 4.67 -11.76 -13.27
CA GLY B 299 6.02 -12.06 -12.82
C GLY B 299 6.95 -12.42 -13.95
N GLN B 300 8.13 -12.90 -13.59
CA GLN B 300 9.18 -13.27 -14.52
C GLN B 300 9.89 -14.55 -14.12
N TYR B 301 10.48 -15.22 -15.10
CA TYR B 301 11.28 -16.40 -14.88
C TYR B 301 12.42 -16.54 -15.88
N HIS B 302 13.64 -16.62 -15.34
CA HIS B 302 14.83 -16.83 -16.12
C HIS B 302 15.18 -18.32 -16.06
N LEU B 303 15.01 -19.00 -17.19
CA LEU B 303 15.38 -20.41 -17.33
C LEU B 303 16.88 -20.57 -17.59
N LYS B 304 17.63 -20.81 -16.53
CA LYS B 304 19.08 -20.91 -16.58
C LYS B 304 19.52 -22.28 -17.12
N PRO B 305 20.70 -22.33 -17.79
CA PRO B 305 21.12 -23.54 -18.53
C PRO B 305 21.12 -24.81 -17.70
N GLU B 306 21.65 -24.75 -16.47
CA GLU B 306 21.75 -25.92 -15.60
C GLU B 306 20.40 -26.45 -15.08
N GLU B 307 19.37 -25.61 -15.18
CA GLU B 307 18.01 -25.99 -14.80
C GLU B 307 17.20 -26.58 -15.96
N VAL B 308 17.73 -26.47 -17.17
CA VAL B 308 17.03 -26.85 -18.42
C VAL B 308 16.65 -28.33 -18.59
N ASP B 309 17.64 -29.23 -18.61
CA ASP B 309 17.39 -30.65 -18.90
C ASP B 309 16.22 -31.21 -18.07
N ASP B 310 16.16 -30.81 -16.80
CA ASP B 310 15.10 -31.25 -15.89
C ASP B 310 13.78 -30.50 -16.07
N PHE B 311 13.86 -29.19 -16.30
CA PHE B 311 12.68 -28.37 -16.57
C PHE B 311 11.91 -28.89 -17.78
N ILE B 312 12.66 -29.28 -18.82
CA ILE B 312 12.05 -29.72 -20.09
C ILE B 312 11.48 -31.13 -20.04
N ARG B 313 12.11 -32.00 -19.28
CA ARG B 313 11.74 -33.42 -19.18
C ARG B 313 10.35 -33.60 -18.58
N GLY B 314 9.96 -32.66 -17.72
CA GLY B 314 8.68 -32.74 -17.01
C GLY B 314 7.56 -32.26 -17.91
N GLN B 315 7.88 -31.34 -18.82
CA GLN B 315 6.91 -30.71 -19.68
C GLN B 315 6.00 -31.68 -20.41
N LEU B 316 4.72 -31.36 -20.40
CA LEU B 316 3.75 -32.05 -21.25
C LEU B 316 4.06 -31.75 -22.72
N VAL B 317 3.94 -32.77 -23.54
CA VAL B 317 4.24 -32.71 -24.96
C VAL B 317 3.37 -31.68 -25.69
N THR B 318 2.17 -31.45 -25.17
CA THR B 318 1.23 -30.55 -25.81
C THR B 318 1.60 -29.07 -25.61
N ASN B 319 2.42 -28.79 -24.61
CA ASN B 319 2.90 -27.43 -24.37
C ASN B 319 4.03 -26.98 -25.31
N LEU B 320 4.52 -27.89 -26.14
CA LEU B 320 5.48 -27.53 -27.18
C LEU B 320 4.77 -26.76 -28.30
N PRO B 321 5.27 -25.56 -28.63
CA PRO B 321 4.87 -24.89 -29.86
C PRO B 321 4.80 -25.86 -31.03
N GLY B 322 3.65 -25.88 -31.72
CA GLY B 322 3.48 -26.71 -32.90
C GLY B 322 2.85 -28.06 -32.63
N VAL B 323 2.63 -28.38 -31.37
CA VAL B 323 1.98 -29.63 -30.98
C VAL B 323 0.58 -29.33 -30.47
N GLY B 324 -0.43 -29.70 -31.25
CA GLY B 324 -1.82 -29.48 -30.87
C GLY B 324 -2.55 -30.79 -30.64
N HIS B 325 -3.88 -30.73 -30.63
CA HIS B 325 -4.74 -31.86 -30.26
C HIS B 325 -4.42 -33.10 -31.08
N SER B 326 -4.22 -32.91 -32.38
CA SER B 326 -4.07 -34.03 -33.30
C SER B 326 -2.71 -34.70 -33.19
N MET B 327 -1.66 -33.92 -32.96
CA MET B 327 -0.33 -34.47 -32.74
C MET B 327 -0.25 -35.12 -31.36
N GLU B 328 -0.78 -34.43 -30.33
CA GLU B 328 -0.84 -35.01 -28.99
C GLU B 328 -1.46 -36.39 -29.05
N SER B 329 -2.51 -36.50 -29.84
CA SER B 329 -3.32 -37.71 -29.94
C SER B 329 -2.48 -38.88 -30.51
N LYS B 330 -1.81 -38.66 -31.64
CA LYS B 330 -0.90 -39.66 -32.20
C LYS B 330 0.27 -39.93 -31.25
N LEU B 331 0.69 -38.91 -30.50
CA LEU B 331 1.77 -39.10 -29.51
C LEU B 331 1.32 -39.94 -28.32
N ALA B 332 0.12 -39.67 -27.81
CA ALA B 332 -0.44 -40.48 -26.72
C ALA B 332 -0.67 -41.92 -27.14
N SER B 333 -0.85 -42.15 -28.44
CA SER B 333 -1.08 -43.51 -28.95
C SER B 333 0.20 -44.34 -29.03
N LEU B 334 1.35 -43.69 -28.97
CA LEU B 334 2.62 -44.40 -28.99
C LEU B 334 3.22 -44.53 -27.59
N GLY B 335 2.59 -43.87 -26.61
CA GLY B 335 3.01 -43.97 -25.22
C GLY B 335 3.52 -42.67 -24.63
N ILE B 336 3.55 -41.60 -25.45
CA ILE B 336 4.21 -40.37 -25.07
C ILE B 336 3.25 -39.33 -24.48
N LYS B 337 3.64 -38.74 -23.36
CA LYS B 337 2.87 -37.64 -22.74
C LYS B 337 3.77 -36.48 -22.29
N THR B 338 4.98 -36.80 -21.85
CA THR B 338 5.99 -35.78 -21.54
C THR B 338 7.15 -35.82 -22.55
N CYS B 339 7.92 -34.73 -22.57
CA CYS B 339 9.15 -34.66 -23.36
C CYS B 339 10.15 -35.71 -22.92
N GLY B 340 10.06 -36.13 -21.66
CA GLY B 340 10.85 -37.23 -21.16
C GLY B 340 10.63 -38.50 -21.96
N ASP B 341 9.35 -38.85 -22.18
CA ASP B 341 9.00 -40.07 -22.93
C ASP B 341 9.41 -39.93 -24.39
N LEU B 342 9.19 -38.73 -24.95
CA LEU B 342 9.56 -38.46 -26.33
C LEU B 342 11.04 -38.68 -26.60
N GLN B 343 11.88 -38.36 -25.61
CA GLN B 343 13.33 -38.46 -25.75
C GLN B 343 13.83 -39.84 -26.16
N TYR B 344 13.07 -40.88 -25.81
CA TYR B 344 13.46 -42.28 -26.07
C TYR B 344 13.22 -42.69 -27.53
N MET B 345 12.64 -41.81 -28.32
CA MET B 345 12.37 -42.10 -29.72
C MET B 345 13.53 -41.71 -30.63
N THR B 346 13.87 -42.60 -31.54
CA THR B 346 14.87 -42.33 -32.56
C THR B 346 14.36 -41.25 -33.52
N MET B 347 15.26 -40.37 -33.93
CA MET B 347 15.01 -39.37 -34.95
C MET B 347 14.29 -39.97 -36.17
N ALA B 348 14.85 -41.07 -36.69
CA ALA B 348 14.26 -41.78 -37.82
C ALA B 348 12.82 -42.23 -37.58
N LYS B 349 12.56 -42.91 -36.45
CA LYS B 349 11.19 -43.32 -36.09
C LYS B 349 10.22 -42.14 -36.00
N LEU B 350 10.68 -41.06 -35.36
CA LEU B 350 9.88 -39.84 -35.28
C LEU B 350 9.61 -39.31 -36.68
N GLN B 351 10.58 -39.46 -37.57
CA GLN B 351 10.46 -38.97 -38.94
C GLN B 351 9.51 -39.79 -39.82
N LYS B 352 9.45 -41.10 -39.60
CA LYS B 352 8.55 -41.96 -40.38
C LYS B 352 7.09 -41.91 -39.89
N GLU B 353 6.85 -41.29 -38.73
CA GLU B 353 5.50 -41.21 -38.16
C GLU B 353 4.95 -39.78 -38.04
N PHE B 354 5.78 -38.79 -38.39
CA PHE B 354 5.34 -37.38 -38.35
C PHE B 354 5.79 -36.57 -39.57
N GLY B 355 6.70 -37.15 -40.36
CA GLY B 355 7.25 -36.46 -41.54
C GLY B 355 8.64 -35.95 -41.23
N PRO B 356 9.47 -35.73 -42.27
CA PRO B 356 10.85 -35.27 -42.06
C PRO B 356 10.98 -34.03 -41.14
N LYS B 357 10.18 -33.00 -41.40
CA LYS B 357 10.34 -31.72 -40.71
C LYS B 357 9.80 -31.75 -39.28
N THR B 358 8.59 -32.27 -39.11
CA THR B 358 7.93 -32.34 -37.81
C THR B 358 8.71 -33.25 -36.87
N GLY B 359 9.06 -34.44 -37.35
CA GLY B 359 9.83 -35.42 -36.59
C GLY B 359 11.15 -34.86 -36.08
N GLN B 360 11.81 -34.07 -36.93
CA GLN B 360 13.05 -33.40 -36.58
C GLN B 360 12.77 -32.38 -35.48
N MET B 361 11.66 -31.67 -35.60
CA MET B 361 11.27 -30.65 -34.60
C MET B 361 10.94 -31.29 -33.25
N LEU B 362 10.33 -32.47 -33.27
CA LEU B 362 9.94 -33.14 -32.04
C LEU B 362 11.17 -33.65 -31.29
N TYR B 363 12.11 -34.22 -32.03
CA TYR B 363 13.37 -34.71 -31.48
C TYR B 363 14.14 -33.56 -30.81
N ARG B 364 14.17 -32.41 -31.46
CA ARG B 364 14.95 -31.27 -30.97
C ARG B 364 14.25 -30.52 -29.82
N PHE B 365 12.96 -30.25 -29.99
CA PHE B 365 12.22 -29.48 -28.99
C PHE B 365 12.12 -30.19 -27.66
N CYS B 366 11.89 -31.50 -27.70
CA CYS B 366 11.76 -32.26 -26.47
C CYS B 366 13.10 -32.31 -25.70
N ARG B 367 14.16 -31.74 -26.27
CA ARG B 367 15.45 -31.65 -25.61
C ARG B 367 15.85 -30.20 -25.34
N GLY B 368 14.91 -29.28 -25.54
CA GLY B 368 15.18 -27.86 -25.35
C GLY B 368 16.07 -27.25 -26.41
N LEU B 369 16.25 -27.94 -27.53
CA LEU B 369 17.04 -27.43 -28.65
C LEU B 369 16.22 -26.61 -29.67
N ASP B 370 16.61 -25.37 -29.88
CA ASP B 370 15.94 -24.50 -30.83
C ASP B 370 16.98 -23.51 -31.35
N ASP B 371 17.16 -23.44 -32.66
CA ASP B 371 18.18 -22.54 -33.20
C ASP B 371 17.63 -21.35 -34.00
N ARG B 372 16.32 -21.33 -34.23
CA ARG B 372 15.69 -20.23 -34.95
C ARG B 372 16.02 -18.86 -34.31
N PRO B 373 16.57 -17.92 -35.11
CA PRO B 373 16.69 -16.53 -34.67
C PRO B 373 15.31 -15.90 -34.65
N VAL B 374 15.16 -14.76 -33.98
CA VAL B 374 13.85 -14.11 -34.00
C VAL B 374 13.67 -13.49 -35.38
N ARG B 375 12.55 -13.76 -36.03
CA ARG B 375 12.33 -13.22 -37.37
C ARG B 375 11.77 -11.79 -37.33
N THR B 376 12.60 -10.83 -37.72
CA THR B 376 12.23 -9.42 -37.72
C THR B 376 11.53 -8.98 -39.01
N GLU B 377 11.77 -9.72 -40.10
CA GLU B 377 11.21 -9.37 -41.40
C GLU B 377 10.38 -10.53 -41.95
N LYS B 378 9.09 -10.28 -42.14
CA LYS B 378 8.15 -11.30 -42.62
C LYS B 378 7.37 -10.75 -43.81
N GLU B 379 7.43 -11.43 -44.94
CA GLU B 379 6.64 -11.06 -46.12
C GLU B 379 5.35 -11.88 -46.23
N ARG B 380 4.29 -11.17 -46.58
CA ARG B 380 2.96 -11.73 -46.79
C ARG B 380 3.00 -12.71 -47.96
N LYS B 381 2.35 -13.87 -47.78
CA LYS B 381 2.26 -14.87 -48.84
C LYS B 381 0.82 -15.11 -49.28
N SER B 382 -0.14 -14.88 -48.40
CA SER B 382 -1.55 -15.03 -48.74
C SER B 382 -2.41 -13.88 -48.20
N VAL B 383 -3.50 -13.61 -48.90
CA VAL B 383 -4.55 -12.73 -48.40
C VAL B 383 -5.87 -13.46 -48.52
N SER B 384 -6.67 -13.47 -47.47
CA SER B 384 -7.92 -14.21 -47.51
C SER B 384 -9.01 -13.59 -46.67
N ALA B 385 -10.20 -14.16 -46.78
CA ALA B 385 -11.35 -13.67 -46.05
C ALA B 385 -12.39 -14.76 -46.00
N GLU B 386 -12.79 -15.09 -44.78
CA GLU B 386 -13.74 -16.16 -44.60
C GLU B 386 -14.73 -15.91 -43.48
N ILE B 387 -15.95 -16.30 -43.75
CA ILE B 387 -16.98 -16.25 -42.74
C ILE B 387 -17.57 -17.64 -42.65
N ASN B 388 -17.34 -18.25 -41.48
CA ASN B 388 -17.80 -19.60 -41.16
C ASN B 388 -18.81 -19.56 -40.00
N TYR B 389 -19.51 -18.45 -39.88
CA TYR B 389 -20.47 -18.23 -38.82
C TYR B 389 -21.67 -17.52 -39.42
N GLY B 390 -22.87 -17.88 -38.95
CA GLY B 390 -24.10 -17.21 -39.37
C GLY B 390 -24.44 -17.34 -40.84
N ILE B 391 -23.90 -18.40 -41.48
CA ILE B 391 -24.12 -18.64 -42.90
C ILE B 391 -25.30 -19.58 -43.10
N ARG B 392 -26.37 -19.03 -43.66
CA ARG B 392 -27.59 -19.75 -43.94
C ARG B 392 -28.16 -19.22 -45.26
N PHE B 393 -28.16 -20.06 -46.28
CA PHE B 393 -28.79 -19.72 -47.56
C PHE B 393 -29.91 -20.69 -47.89
N THR B 394 -30.86 -20.23 -48.70
CA THR B 394 -31.95 -21.08 -49.20
C THR B 394 -31.72 -21.34 -50.69
N GLN B 395 -31.38 -20.28 -51.42
CA GLN B 395 -31.34 -20.36 -52.86
C GLN B 395 -29.95 -20.00 -53.40
N PRO B 396 -29.55 -20.66 -54.51
CA PRO B 396 -28.33 -20.37 -55.25
C PRO B 396 -28.03 -18.88 -55.43
N LYS B 397 -29.06 -18.07 -55.72
CA LYS B 397 -28.82 -16.64 -56.03
C LYS B 397 -28.35 -15.78 -54.86
N GLU B 398 -28.73 -16.13 -53.62
CA GLU B 398 -28.25 -15.36 -52.47
C GLU B 398 -26.82 -15.77 -52.12
N ALA B 399 -26.54 -17.06 -52.29
CA ALA B 399 -25.18 -17.60 -52.22
C ALA B 399 -24.26 -16.98 -53.27
N GLU B 400 -24.73 -16.92 -54.51
CA GLU B 400 -23.99 -16.27 -55.60
C GLU B 400 -23.76 -14.77 -55.35
N ALA B 401 -24.79 -14.09 -54.84
CA ALA B 401 -24.67 -12.69 -54.48
C ALA B 401 -23.67 -12.52 -53.35
N PHE B 402 -23.71 -13.43 -52.37
CA PHE B 402 -22.79 -13.37 -51.25
C PHE B 402 -21.34 -13.57 -51.69
N LEU B 403 -21.10 -14.52 -52.58
CA LEU B 403 -19.78 -14.71 -53.17
C LEU B 403 -19.25 -13.41 -53.80
N LEU B 404 -20.10 -12.76 -54.59
CA LEU B 404 -19.76 -11.49 -55.22
C LEU B 404 -19.39 -10.39 -54.21
N SER B 405 -20.14 -10.32 -53.12
CA SER B 405 -19.88 -9.33 -52.07
C SER B 405 -18.60 -9.62 -51.30
N LEU B 406 -18.23 -10.89 -51.17
CA LEU B 406 -17.02 -11.25 -50.44
C LEU B 406 -15.79 -10.99 -51.30
N SER B 407 -16.02 -10.92 -52.61
CA SER B 407 -14.99 -10.52 -53.57
C SER B 407 -14.64 -9.06 -53.40
N GLU B 408 -15.65 -8.21 -53.18
CA GLU B 408 -15.41 -6.80 -52.86
C GLU B 408 -14.49 -6.71 -51.66
N GLU B 409 -14.77 -7.50 -50.62
CA GLU B 409 -13.95 -7.52 -49.43
C GLU B 409 -12.52 -7.93 -49.75
N ILE B 410 -12.36 -8.92 -50.61
CA ILE B 410 -11.03 -9.36 -51.04
C ILE B 410 -10.28 -8.23 -51.75
N GLN B 411 -10.96 -7.56 -52.69
CA GLN B 411 -10.36 -6.41 -53.35
C GLN B 411 -9.81 -5.40 -52.34
N ARG B 412 -10.65 -5.06 -51.34
CA ARG B 412 -10.27 -4.15 -50.27
C ARG B 412 -9.02 -4.59 -49.50
N ARG B 413 -8.89 -5.89 -49.21
CA ARG B 413 -7.73 -6.36 -48.47
C ARG B 413 -6.44 -6.45 -49.28
N LEU B 414 -6.56 -6.51 -50.60
CA LEU B 414 -5.39 -6.56 -51.48
C LEU B 414 -4.89 -5.15 -51.72
N GLU B 415 -5.82 -4.24 -52.00
CA GLU B 415 -5.55 -2.81 -52.01
C GLU B 415 -4.91 -2.43 -50.67
N ALA B 416 -5.52 -2.89 -49.58
CA ALA B 416 -5.03 -2.60 -48.23
C ALA B 416 -3.59 -3.03 -48.03
N THR B 417 -3.17 -4.11 -48.66
CA THR B 417 -1.81 -4.63 -48.47
C THR B 417 -0.88 -4.30 -49.64
N GLY B 418 -1.43 -3.70 -50.69
CA GLY B 418 -0.67 -3.39 -51.90
C GLY B 418 -0.30 -4.61 -52.73
N MET B 419 -1.14 -5.65 -52.69
CA MET B 419 -0.87 -6.89 -53.44
C MET B 419 -1.89 -7.15 -54.54
N LYS B 420 -1.46 -7.88 -55.57
CA LYS B 420 -2.35 -8.48 -56.54
C LYS B 420 -2.13 -9.98 -56.45
N GLY B 421 -3.11 -10.77 -56.87
CA GLY B 421 -3.01 -12.22 -56.76
C GLY B 421 -3.26 -13.02 -58.01
N LYS B 422 -2.60 -14.18 -58.09
CA LYS B 422 -2.71 -15.08 -59.23
C LYS B 422 -3.59 -16.28 -58.93
N ARG B 423 -3.44 -16.85 -57.73
CA ARG B 423 -4.14 -18.09 -57.37
C ARG B 423 -5.31 -17.84 -56.40
N LEU B 424 -6.51 -18.27 -56.82
CA LEU B 424 -7.73 -18.07 -56.05
C LEU B 424 -8.33 -19.39 -55.59
N THR B 425 -8.76 -19.44 -54.33
CA THR B 425 -9.34 -20.65 -53.76
C THR B 425 -10.70 -20.36 -53.14
N LEU B 426 -11.68 -21.17 -53.49
CA LEU B 426 -13.01 -21.14 -52.86
C LEU B 426 -13.11 -22.33 -51.94
N LYS B 427 -13.40 -22.07 -50.67
CA LYS B 427 -13.59 -23.15 -49.73
C LYS B 427 -14.97 -22.96 -49.14
N ILE B 428 -15.80 -24.00 -49.28
CA ILE B 428 -17.14 -24.01 -48.70
C ILE B 428 -17.26 -25.08 -47.62
N MET B 429 -17.70 -24.67 -46.43
CA MET B 429 -18.02 -25.65 -45.41
C MET B 429 -19.44 -26.15 -45.60
N VAL B 430 -19.63 -27.46 -45.59
CA VAL B 430 -20.94 -28.05 -45.82
C VAL B 430 -21.34 -28.99 -44.68
N ARG B 431 -22.61 -28.97 -44.29
CA ARG B 431 -23.10 -29.84 -43.21
C ARG B 431 -22.87 -31.31 -43.53
N LYS B 432 -22.20 -32.00 -42.61
CA LYS B 432 -21.93 -33.43 -42.76
C LYS B 432 -23.23 -34.23 -42.88
N PRO B 433 -23.22 -35.31 -43.68
CA PRO B 433 -24.39 -36.18 -43.70
C PRO B 433 -24.66 -36.80 -42.30
N GLY B 434 -25.89 -36.64 -41.82
CA GLY B 434 -26.30 -37.23 -40.55
C GLY B 434 -26.28 -36.22 -39.41
N ALA B 435 -25.51 -35.14 -39.61
CA ALA B 435 -25.39 -34.06 -38.63
C ALA B 435 -26.69 -33.29 -38.49
N PRO B 436 -27.01 -32.87 -37.24
CA PRO B 436 -28.24 -32.11 -37.01
C PRO B 436 -28.22 -30.73 -37.70
N VAL B 437 -29.29 -30.45 -38.43
CA VAL B 437 -29.51 -29.20 -39.16
C VAL B 437 -29.46 -27.99 -38.23
N GLU B 438 -30.10 -28.07 -37.07
CA GLU B 438 -29.97 -27.04 -36.05
C GLU B 438 -28.66 -27.23 -35.30
N THR B 439 -27.75 -26.27 -35.43
CA THR B 439 -26.43 -26.33 -34.80
C THR B 439 -26.56 -25.99 -33.33
N ALA B 440 -25.75 -26.65 -32.51
CA ALA B 440 -25.78 -26.44 -31.06
C ALA B 440 -25.43 -25.00 -30.68
N LYS B 441 -24.41 -24.43 -31.34
CA LYS B 441 -24.10 -23.00 -31.16
C LYS B 441 -24.94 -22.14 -32.09
N PHE B 442 -25.59 -21.11 -31.54
CA PHE B 442 -26.41 -20.26 -32.37
C PHE B 442 -25.53 -19.62 -33.44
N GLY B 443 -25.96 -19.77 -34.69
CA GLY B 443 -25.22 -19.27 -35.82
C GLY B 443 -24.02 -20.09 -36.22
N GLY B 444 -23.65 -21.10 -35.45
CA GLY B 444 -22.41 -21.84 -35.72
C GLY B 444 -22.44 -22.69 -36.97
N HIS B 445 -21.27 -23.11 -37.46
CA HIS B 445 -21.25 -23.92 -38.66
C HIS B 445 -21.69 -25.34 -38.40
N GLY B 446 -21.55 -25.77 -37.15
CA GLY B 446 -21.87 -27.15 -36.75
C GLY B 446 -20.84 -28.11 -37.31
N ILE B 447 -21.21 -29.38 -37.39
CA ILE B 447 -20.32 -30.44 -37.89
C ILE B 447 -20.37 -30.45 -39.40
N CYS B 448 -19.19 -30.40 -40.03
CA CYS B 448 -19.11 -30.12 -41.47
C CYS B 448 -18.06 -30.89 -42.26
N ASP B 449 -18.26 -30.92 -43.58
CA ASP B 449 -17.22 -31.28 -44.52
C ASP B 449 -16.71 -30.02 -45.24
N ASN B 450 -15.48 -30.08 -45.75
CA ASN B 450 -14.93 -29.00 -46.57
C ASN B 450 -14.90 -29.41 -48.05
N ILE B 451 -15.20 -28.47 -48.92
CA ILE B 451 -15.03 -28.67 -50.34
C ILE B 451 -14.29 -27.47 -50.89
N ALA B 452 -13.24 -27.74 -51.66
CA ALA B 452 -12.36 -26.67 -52.14
C ALA B 452 -12.21 -26.68 -53.65
N ARG B 453 -12.05 -25.49 -54.23
CA ARG B 453 -11.72 -25.32 -55.63
C ARG B 453 -10.67 -24.22 -55.76
N THR B 454 -9.82 -24.33 -56.78
CA THR B 454 -8.74 -23.39 -56.99
C THR B 454 -8.45 -23.15 -58.47
N VAL B 455 -8.29 -21.88 -58.83
CA VAL B 455 -7.89 -21.50 -60.18
C VAL B 455 -6.71 -20.54 -60.14
N THR B 456 -5.97 -20.51 -61.25
CA THR B 456 -4.89 -19.56 -61.47
C THR B 456 -5.24 -18.72 -62.69
N LEU B 457 -4.95 -17.43 -62.60
CA LEU B 457 -5.19 -16.52 -63.71
C LEU B 457 -3.89 -16.29 -64.46
N ASP B 458 -4.01 -15.80 -65.69
CA ASP B 458 -2.85 -15.51 -66.54
C ASP B 458 -2.09 -14.33 -65.97
N GLN B 459 -2.85 -13.35 -65.47
CA GLN B 459 -2.30 -12.15 -64.86
C GLN B 459 -2.87 -11.88 -63.47
N ALA B 460 -2.00 -11.46 -62.56
CA ALA B 460 -2.39 -11.14 -61.19
C ALA B 460 -3.39 -9.98 -61.17
N THR B 461 -4.34 -10.08 -60.27
CA THR B 461 -5.41 -9.11 -60.19
C THR B 461 -5.73 -8.75 -58.75
N ASP B 462 -6.52 -7.70 -58.60
CA ASP B 462 -7.16 -7.37 -57.36
C ASP B 462 -8.60 -6.97 -57.64
N ASN B 463 -9.00 -7.07 -58.90
CA ASN B 463 -10.35 -6.66 -59.28
C ASN B 463 -11.41 -7.66 -58.83
N ALA B 464 -12.39 -7.14 -58.08
CA ALA B 464 -13.48 -7.92 -57.51
C ALA B 464 -14.37 -8.57 -58.58
N LYS B 465 -14.64 -7.86 -59.67
CA LYS B 465 -15.51 -8.40 -60.73
C LYS B 465 -14.90 -9.65 -61.37
N ILE B 466 -13.57 -9.64 -61.56
CA ILE B 466 -12.82 -10.80 -62.03
C ILE B 466 -12.79 -11.89 -60.96
N ILE B 467 -12.39 -11.51 -59.76
CA ILE B 467 -12.34 -12.43 -58.61
C ILE B 467 -13.71 -13.06 -58.36
N GLY B 468 -14.76 -12.26 -58.35
CA GLY B 468 -16.13 -12.76 -58.23
C GLY B 468 -16.55 -13.72 -59.33
N LYS B 469 -16.15 -13.46 -60.56
CA LYS B 469 -16.50 -14.37 -61.63
C LYS B 469 -15.82 -15.74 -61.45
N ALA B 470 -14.54 -15.74 -61.13
CA ALA B 470 -13.82 -16.97 -60.81
C ALA B 470 -14.50 -17.80 -59.71
N MET B 471 -14.93 -17.13 -58.64
CA MET B 471 -15.66 -17.77 -57.53
C MET B 471 -16.92 -18.45 -58.01
N LEU B 472 -17.68 -17.75 -58.86
CA LEU B 472 -18.90 -18.28 -59.43
C LEU B 472 -18.61 -19.52 -60.26
N ASN B 473 -17.57 -19.44 -61.09
CA ASN B 473 -17.13 -20.60 -61.89
C ASN B 473 -16.80 -21.83 -61.03
N MET B 474 -15.91 -21.65 -60.06
CA MET B 474 -15.56 -22.71 -59.09
C MET B 474 -16.76 -23.22 -58.31
N PHE B 475 -17.64 -22.31 -57.93
CA PHE B 475 -18.84 -22.63 -57.20
C PHE B 475 -19.81 -23.50 -58.00
N HIS B 476 -19.80 -23.35 -59.32
CA HIS B 476 -20.68 -24.14 -60.17
C HIS B 476 -20.18 -25.56 -60.38
N THR B 477 -18.90 -25.80 -60.15
CA THR B 477 -18.32 -27.15 -60.28
C THR B 477 -18.46 -27.96 -58.99
N MET B 478 -18.97 -27.31 -57.95
CA MET B 478 -19.20 -27.96 -56.66
C MET B 478 -20.56 -28.62 -56.63
N LYS B 479 -20.63 -29.85 -56.13
CA LYS B 479 -21.90 -30.55 -56.06
C LYS B 479 -22.37 -30.50 -54.61
N LEU B 480 -23.37 -29.66 -54.36
CA LEU B 480 -23.85 -29.44 -52.99
C LEU B 480 -25.27 -28.95 -52.92
N ASN B 481 -25.97 -29.33 -51.86
CA ASN B 481 -27.24 -28.70 -51.54
C ASN B 481 -26.98 -27.41 -50.78
N ILE B 482 -27.67 -26.36 -51.21
CA ILE B 482 -27.47 -25.01 -50.72
C ILE B 482 -27.85 -24.79 -49.25
N SER B 483 -28.89 -25.47 -48.79
CA SER B 483 -29.27 -25.37 -47.38
C SER B 483 -28.24 -26.04 -46.46
N ASP B 484 -27.35 -26.84 -47.04
CA ASP B 484 -26.31 -27.50 -46.26
C ASP B 484 -25.03 -26.64 -46.08
N MET B 485 -24.97 -25.50 -46.76
CA MET B 485 -23.80 -24.59 -46.63
C MET B 485 -23.71 -23.96 -45.23
N ARG B 486 -22.50 -23.86 -44.70
CA ARG B 486 -22.32 -23.35 -43.33
C ARG B 486 -21.13 -22.39 -43.17
N GLY B 487 -20.33 -22.23 -44.21
CA GLY B 487 -19.19 -21.33 -44.15
C GLY B 487 -18.58 -21.13 -45.51
N VAL B 488 -18.13 -19.90 -45.77
CA VAL B 488 -17.55 -19.53 -47.06
C VAL B 488 -16.21 -18.85 -46.86
N GLY B 489 -15.19 -19.29 -47.58
CA GLY B 489 -13.87 -18.67 -47.57
C GLY B 489 -13.25 -18.46 -48.95
N ILE B 490 -12.60 -17.31 -49.13
CA ILE B 490 -11.87 -17.01 -50.35
C ILE B 490 -10.40 -16.76 -50.00
N HIS B 491 -9.48 -17.34 -50.77
CA HIS B 491 -8.06 -17.35 -50.44
C HIS B 491 -7.20 -17.03 -51.65
N VAL B 492 -6.35 -16.03 -51.50
CA VAL B 492 -5.55 -15.55 -52.60
C VAL B 492 -4.06 -15.87 -52.37
N ASN B 493 -3.51 -16.70 -53.24
CA ASN B 493 -2.08 -17.06 -53.26
C ASN B 493 -1.33 -16.48 -54.46
N GLN B 494 -0.04 -16.79 -54.55
CA GLN B 494 0.88 -16.27 -55.59
C GLN B 494 0.74 -14.75 -55.74
N LEU B 495 1.04 -14.03 -54.67
CA LEU B 495 0.86 -12.59 -54.62
C LEU B 495 1.96 -11.87 -55.40
N VAL B 496 1.61 -10.70 -55.92
CA VAL B 496 2.56 -9.81 -56.54
C VAL B 496 2.26 -8.43 -55.98
N PRO B 497 3.29 -7.76 -55.41
CA PRO B 497 3.13 -6.36 -54.93
C PRO B 497 2.93 -5.37 -56.06
N THR B 498 2.05 -4.40 -55.84
CA THR B 498 1.82 -3.33 -56.81
C THR B 498 2.94 -2.28 -56.72
N ASN B 499 3.81 -2.27 -57.74
CA ASN B 499 4.96 -1.35 -57.83
C ASN B 499 5.72 -1.15 -56.50
N SER C 15 27.44 56.20 11.66
CA SER C 15 26.85 57.54 11.32
C SER C 15 25.36 57.41 11.02
N ASP C 16 24.56 58.16 11.80
CA ASP C 16 23.09 58.08 11.78
C ASP C 16 22.47 58.99 10.72
N CYS C 17 23.17 60.08 10.40
CA CYS C 17 22.75 61.00 9.36
C CYS C 17 22.65 60.26 8.04
N ASN C 18 23.70 59.49 7.70
CA ASN C 18 23.78 58.75 6.44
C ASN C 18 22.72 57.67 6.34
N PHE C 19 22.55 56.93 7.43
CA PHE C 19 21.54 55.87 7.49
C PHE C 19 20.14 56.41 7.16
N ILE C 20 19.70 57.39 7.95
CA ILE C 20 18.41 58.06 7.77
C ILE C 20 18.21 58.54 6.32
N SER C 21 19.12 59.36 5.82
CA SER C 21 18.97 59.88 4.47
C SER C 21 19.02 58.74 3.46
N ASN C 22 19.93 57.80 3.67
CA ASN C 22 20.05 56.67 2.78
C ASN C 22 18.80 55.80 2.73
N PHE C 23 18.15 55.62 3.87
CA PHE C 23 16.94 54.82 3.95
C PHE C 23 15.78 55.51 3.23
N TYR C 24 15.58 56.79 3.52
CA TYR C 24 14.51 57.55 2.87
C TYR C 24 14.69 57.67 1.36
N SER C 25 15.94 57.63 0.88
CA SER C 25 16.21 57.65 -0.55
C SER C 25 15.74 56.38 -1.26
N HIS C 26 15.72 55.27 -0.53
CA HIS C 26 15.32 53.99 -1.09
C HIS C 26 13.90 53.63 -0.72
N SER C 27 13.24 54.43 0.12
CA SER C 27 11.93 54.09 0.63
C SER C 27 10.82 54.60 -0.28
N ARG C 28 10.15 53.68 -0.94
CA ARG C 28 9.10 54.04 -1.87
C ARG C 28 7.88 54.55 -1.12
N LEU C 29 7.64 53.99 0.05
CA LEU C 29 6.55 54.44 0.91
C LEU C 29 6.76 55.88 1.40
N HIS C 30 8.00 56.25 1.71
CA HIS C 30 8.33 57.61 2.12
C HIS C 30 8.05 58.54 0.95
N HIS C 31 8.49 58.12 -0.23
CA HIS C 31 8.36 58.93 -1.43
C HIS C 31 6.91 59.19 -1.80
N ILE C 32 6.07 58.15 -1.83
CA ILE C 32 4.68 58.35 -2.24
C ILE C 32 3.94 59.27 -1.28
N SER C 33 4.22 59.14 0.03
CA SER C 33 3.63 60.02 1.03
C SER C 33 4.04 61.49 0.82
N MET C 34 5.33 61.72 0.57
CA MET C 34 5.81 63.05 0.20
C MET C 34 5.06 63.63 -1.01
N TRP C 35 4.96 62.82 -2.07
CA TRP C 35 4.32 63.28 -3.29
C TRP C 35 2.86 63.63 -3.09
N LYS C 36 2.16 62.85 -2.26
CA LYS C 36 0.80 63.18 -1.85
C LYS C 36 0.76 64.56 -1.19
N CYS C 37 1.70 64.82 -0.30
CA CYS C 37 1.82 66.12 0.31
C CYS C 37 2.09 67.19 -0.74
N GLU C 38 3.02 66.93 -1.64
CA GLU C 38 3.41 67.93 -2.62
C GLU C 38 2.26 68.25 -3.56
N LEU C 39 1.54 67.21 -3.98
CA LEU C 39 0.44 67.36 -4.91
C LEU C 39 -0.77 68.02 -4.23
N THR C 40 -1.03 67.68 -2.97
CA THR C 40 -2.05 68.36 -2.19
C THR C 40 -1.71 69.84 -2.03
N GLU C 41 -0.46 70.15 -1.67
CA GLU C 41 -0.02 71.55 -1.57
C GLU C 41 -0.20 72.27 -2.92
N PHE C 42 0.11 71.58 -4.01
CA PHE C 42 -0.04 72.14 -5.36
C PHE C 42 -1.49 72.44 -5.74
N VAL C 43 -2.40 71.52 -5.44
CA VAL C 43 -3.83 71.72 -5.68
C VAL C 43 -4.33 72.94 -4.89
N ASN C 44 -3.96 73.01 -3.61
CA ASN C 44 -4.23 74.16 -2.74
C ASN C 44 -3.87 75.50 -3.37
N THR C 45 -2.72 75.57 -4.05
CA THR C 45 -2.24 76.77 -4.72
C THR C 45 -3.23 77.22 -5.78
N LEU C 46 -3.72 76.28 -6.57
CA LEU C 46 -4.60 76.55 -7.71
C LEU C 46 -5.95 77.17 -7.32
N GLN C 47 -6.39 76.92 -6.09
CA GLN C 47 -7.63 77.50 -5.60
C GLN C 47 -7.56 79.03 -5.52
N ARG C 48 -6.36 79.54 -5.22
CA ARG C 48 -6.11 80.99 -5.11
C ARG C 48 -6.36 81.79 -6.39
N GLN C 49 -6.51 81.11 -7.53
CA GLN C 49 -6.79 81.76 -8.81
C GLN C 49 -8.22 82.27 -8.88
N PHE C 54 -9.29 78.10 -18.86
CA PHE C 54 -9.10 76.66 -18.81
C PHE C 54 -8.98 76.06 -20.22
N PRO C 55 -7.75 75.84 -20.71
CA PRO C 55 -7.49 75.31 -22.06
C PRO C 55 -8.45 74.21 -22.54
N GLY C 56 -8.93 73.36 -21.63
CA GLY C 56 -9.88 72.30 -21.98
C GLY C 56 -11.32 72.77 -21.89
N GLN C 87 -28.35 66.08 -10.64
CA GLN C 87 -27.35 65.10 -10.22
C GLN C 87 -25.91 65.61 -10.39
N SER C 88 -25.21 65.70 -9.27
CA SER C 88 -23.77 65.97 -9.29
C SER C 88 -23.00 64.83 -9.97
N CYS C 89 -21.83 65.13 -10.51
CA CYS C 89 -21.06 64.12 -11.23
C CYS C 89 -19.59 64.11 -10.83
N ILE C 90 -19.14 62.98 -10.31
CA ILE C 90 -17.76 62.86 -9.80
C ILE C 90 -16.91 61.89 -10.63
N MET C 91 -15.68 62.30 -10.88
CA MET C 91 -14.74 61.55 -11.71
C MET C 91 -13.54 61.13 -10.86
N HIS C 92 -13.23 59.85 -10.93
CA HIS C 92 -12.10 59.31 -10.24
C HIS C 92 -11.10 58.82 -11.26
N VAL C 93 -9.91 59.40 -11.28
CA VAL C 93 -8.89 58.98 -12.24
C VAL C 93 -7.70 58.37 -11.52
N ASP C 94 -7.23 57.23 -12.02
CA ASP C 94 -6.34 56.36 -11.28
C ASP C 94 -5.45 55.62 -12.27
N MET C 95 -4.14 55.87 -12.23
CA MET C 95 -3.22 55.20 -13.16
C MET C 95 -3.24 53.70 -12.91
N ASP C 96 -3.24 52.92 -13.99
CA ASP C 96 -3.10 51.47 -13.88
C ASP C 96 -1.68 51.12 -13.44
N CYS C 97 -1.60 50.16 -12.51
CA CYS C 97 -0.34 49.64 -11.96
C CYS C 97 0.83 50.60 -12.13
N PHE C 98 0.74 51.69 -11.38
CA PHE C 98 1.47 52.90 -11.69
C PHE C 98 2.99 52.73 -11.88
N PHE C 99 3.67 52.13 -10.91
CA PHE C 99 5.12 51.98 -11.01
C PHE C 99 5.51 51.11 -12.20
N VAL C 100 4.71 50.08 -12.50
CA VAL C 100 4.94 49.19 -13.64
C VAL C 100 4.79 49.91 -14.98
N SER C 101 3.67 50.61 -15.16
CA SER C 101 3.42 51.30 -16.41
C SER C 101 4.54 52.26 -16.68
N VAL C 102 4.94 53.01 -15.66
CA VAL C 102 6.01 53.99 -15.83
C VAL C 102 7.32 53.31 -16.18
N GLY C 103 7.66 52.29 -15.40
CA GLY C 103 8.85 51.48 -15.63
C GLY C 103 8.96 50.83 -17.01
N ILE C 104 7.83 50.54 -17.65
CA ILE C 104 7.88 49.83 -18.94
C ILE C 104 7.46 50.71 -20.15
N ARG C 105 7.39 52.02 -19.93
CA ARG C 105 7.09 53.00 -20.98
C ARG C 105 7.91 52.77 -22.23
N ASN C 106 9.22 52.59 -22.04
CA ASN C 106 10.19 52.40 -23.14
C ASN C 106 10.79 50.98 -23.19
N ARG C 107 9.96 49.99 -22.89
CA ARG C 107 10.34 48.59 -22.92
C ARG C 107 9.15 47.77 -23.44
N PRO C 108 8.80 47.94 -24.74
CA PRO C 108 7.62 47.27 -25.28
C PRO C 108 7.75 45.74 -25.23
N ASP C 109 8.97 45.27 -25.04
CA ASP C 109 9.26 43.88 -24.74
C ASP C 109 8.43 43.37 -23.54
N LEU C 110 8.12 44.26 -22.60
CA LEU C 110 7.45 43.89 -21.36
C LEU C 110 5.92 44.05 -21.32
N LYS C 111 5.35 44.58 -22.40
CA LYS C 111 3.89 44.73 -22.56
C LYS C 111 3.16 43.39 -22.50
N GLY C 112 2.13 43.33 -21.67
CA GLY C 112 1.32 42.13 -21.51
C GLY C 112 2.07 40.95 -20.91
N LYS C 113 3.09 41.22 -20.09
CA LYS C 113 3.81 40.12 -19.44
C LYS C 113 3.65 40.32 -17.93
N PRO C 114 3.86 39.24 -17.14
CA PRO C 114 3.89 39.36 -15.67
C PRO C 114 5.15 40.08 -15.21
N VAL C 115 4.96 41.26 -14.64
CA VAL C 115 6.06 42.17 -14.35
C VAL C 115 5.81 42.76 -12.97
N ALA C 116 6.87 42.89 -12.18
CA ALA C 116 6.76 43.37 -10.82
C ALA C 116 7.87 44.37 -10.53
N VAL C 117 7.51 45.56 -10.04
CA VAL C 117 8.52 46.52 -9.57
C VAL C 117 9.00 46.11 -8.19
N THR C 118 10.33 46.01 -8.03
CA THR C 118 10.92 45.43 -6.83
C THR C 118 12.41 45.77 -6.71
N SER C 119 12.92 45.82 -5.47
CA SER C 119 14.36 46.05 -5.24
C SER C 119 15.20 44.84 -5.63
N ASN C 120 14.63 43.65 -5.51
CA ASN C 120 15.33 42.45 -5.95
C ASN C 120 15.60 42.50 -7.46
N ARG C 121 16.77 42.03 -7.86
CA ARG C 121 17.23 42.20 -9.23
C ARG C 121 16.62 41.19 -10.21
N GLY C 122 15.92 40.19 -9.69
CA GLY C 122 15.25 39.20 -10.55
C GLY C 122 15.48 37.72 -10.27
N THR C 123 16.42 37.40 -9.38
CA THR C 123 16.65 36.00 -9.03
C THR C 123 15.47 35.44 -8.23
N GLY C 124 14.93 36.27 -7.36
CA GLY C 124 13.95 35.80 -6.39
C GLY C 124 14.65 35.16 -5.20
N ARG C 125 15.98 35.21 -5.19
CA ARG C 125 16.76 34.59 -4.11
C ARG C 125 17.43 35.64 -3.21
N ALA C 126 17.96 35.19 -2.08
CA ALA C 126 18.55 36.07 -1.08
C ALA C 126 19.43 35.23 -0.20
N PRO C 127 20.45 35.84 0.42
CA PRO C 127 21.34 34.99 1.24
C PRO C 127 20.57 34.25 2.32
N LEU C 128 20.98 33.02 2.61
CA LEU C 128 20.42 32.21 3.67
C LEU C 128 20.52 32.92 5.02
N ARG C 129 19.44 32.86 5.80
CA ARG C 129 19.37 33.52 7.10
C ARG C 129 19.07 32.47 8.16
N PRO C 130 20.12 31.85 8.72
CA PRO C 130 20.00 30.61 9.49
C PRO C 130 19.23 30.74 10.81
N GLY C 131 19.28 31.92 11.45
CA GLY C 131 18.56 32.08 12.71
C GLY C 131 17.05 32.27 12.57
N ALA C 132 16.58 32.47 11.35
CA ALA C 132 15.20 32.92 11.11
C ALA C 132 14.18 31.79 11.01
N ASN C 133 12.92 32.16 11.15
CA ASN C 133 11.79 31.24 11.05
C ASN C 133 10.68 31.93 10.23
N PRO C 134 10.80 31.88 8.89
CA PRO C 134 9.85 32.54 7.98
C PRO C 134 8.46 31.88 7.97
N GLN C 135 8.40 30.60 8.31
CA GLN C 135 7.11 29.91 8.41
C GLN C 135 6.32 30.47 9.57
N LEU C 136 7.00 30.71 10.68
CA LEU C 136 6.40 31.37 11.84
C LEU C 136 5.88 32.75 11.50
N GLU C 137 6.67 33.52 10.75
CA GLU C 137 6.34 34.90 10.43
C GLU C 137 5.17 35.01 9.43
N TRP C 138 5.10 34.06 8.50
CA TRP C 138 3.98 33.97 7.54
C TRP C 138 2.68 33.55 8.22
N GLN C 139 2.77 32.61 9.16
CA GLN C 139 1.60 32.20 9.95
C GLN C 139 1.06 33.36 10.78
N TYR C 140 1.96 34.04 11.51
CA TYR C 140 1.60 35.26 12.23
C TYR C 140 1.06 36.37 11.30
N TYR C 141 1.50 36.39 10.04
CA TYR C 141 1.01 37.36 9.05
C TYR C 141 -0.49 37.18 8.73
N GLN C 142 -1.00 35.96 8.93
CA GLN C 142 -2.43 35.69 8.78
C GLN C 142 -3.26 36.04 10.02
N ASN C 143 -2.68 35.84 11.21
CA ASN C 143 -3.37 36.14 12.47
C ASN C 143 -3.51 37.65 12.72
N ASP C 171 12.23 28.21 0.67
CA ASP C 171 11.71 29.27 1.55
C ASP C 171 12.85 30.02 2.23
N SER C 172 13.70 29.26 2.93
CA SER C 172 14.85 29.81 3.65
C SER C 172 15.68 30.79 2.79
N VAL C 173 15.67 30.57 1.48
CA VAL C 173 16.46 31.35 0.51
C VAL C 173 15.64 32.28 -0.42
N LEU C 174 14.33 32.37 -0.17
CA LEU C 174 13.43 33.23 -0.95
C LEU C 174 13.63 34.71 -0.66
N SER C 175 13.60 35.54 -1.70
CA SER C 175 13.66 36.98 -1.53
C SER C 175 12.46 37.49 -0.77
N ARG C 176 12.69 38.50 0.06
CA ARG C 176 11.59 39.10 0.81
C ARG C 176 11.49 40.61 0.58
N ALA C 177 12.00 41.05 -0.56
CA ALA C 177 11.71 42.38 -1.07
C ALA C 177 10.23 42.45 -1.43
N GLU C 178 9.56 43.52 -1.03
CA GLU C 178 8.14 43.66 -1.36
C GLU C 178 7.97 43.99 -2.82
N ILE C 179 6.86 43.54 -3.40
CA ILE C 179 6.48 43.99 -4.73
C ILE C 179 5.70 45.26 -4.52
N ALA C 180 6.18 46.36 -5.09
CA ALA C 180 5.46 47.62 -5.00
C ALA C 180 4.26 47.64 -5.95
N SER C 181 4.49 47.18 -7.19
CA SER C 181 3.45 47.10 -8.21
C SER C 181 3.70 45.92 -9.13
N CYS C 182 2.61 45.21 -9.45
CA CYS C 182 2.67 44.15 -10.43
C CYS C 182 1.68 44.43 -11.55
N SER C 183 2.02 43.92 -12.73
CA SER C 183 1.16 44.04 -13.91
C SER C 183 -0.14 43.24 -13.74
N TYR C 184 -1.13 43.57 -14.57
CA TYR C 184 -2.41 42.87 -14.53
C TYR C 184 -2.27 41.37 -14.83
N GLU C 185 -1.33 41.04 -15.72
CA GLU C 185 -1.01 39.68 -16.09
C GLU C 185 -0.51 38.87 -14.89
N ALA C 186 0.30 39.51 -14.04
CA ALA C 186 0.76 38.90 -12.81
C ALA C 186 -0.40 38.64 -11.86
N ARG C 187 -1.36 39.57 -11.81
CA ARG C 187 -2.52 39.41 -10.92
C ARG C 187 -3.39 38.24 -11.38
N GLN C 188 -3.42 37.99 -12.68
CA GLN C 188 -4.08 36.81 -13.25
C GLN C 188 -3.58 35.53 -12.57
N LEU C 189 -2.27 35.43 -12.36
CA LEU C 189 -1.66 34.26 -11.73
C LEU C 189 -1.60 34.36 -10.20
N GLY C 190 -2.25 35.36 -9.60
CA GLY C 190 -2.36 35.41 -8.13
C GLY C 190 -1.47 36.38 -7.38
N ILE C 191 -0.57 37.05 -8.10
CA ILE C 191 0.36 38.01 -7.53
C ILE C 191 -0.38 39.31 -7.15
N LYS C 192 0.05 39.95 -6.05
CA LYS C 192 -0.60 41.16 -5.54
C LYS C 192 0.46 42.14 -5.04
N ASN C 193 0.16 43.44 -5.11
CA ASN C 193 1.01 44.46 -4.50
C ASN C 193 1.23 44.13 -3.00
N GLY C 194 2.46 44.33 -2.51
CA GLY C 194 2.79 44.05 -1.12
C GLY C 194 3.29 42.65 -0.86
N MET C 195 3.04 41.73 -1.78
CA MET C 195 3.56 40.37 -1.69
C MET C 195 5.09 40.35 -1.82
N PHE C 196 5.75 39.42 -1.11
CA PHE C 196 7.20 39.20 -1.23
C PHE C 196 7.55 38.63 -2.60
N PHE C 197 8.62 39.16 -3.18
CA PHE C 197 9.03 38.76 -4.53
C PHE C 197 9.34 37.26 -4.66
N GLY C 198 10.04 36.71 -3.67
CA GLY C 198 10.35 35.27 -3.63
C GLY C 198 9.14 34.37 -3.82
N HIS C 199 8.11 34.60 -3.02
CA HIS C 199 6.85 33.86 -3.12
C HIS C 199 6.21 34.08 -4.48
N ALA C 200 6.33 35.29 -5.03
CA ALA C 200 5.71 35.61 -6.30
C ALA C 200 6.35 34.83 -7.43
N LYS C 201 7.67 34.75 -7.41
CA LYS C 201 8.43 34.07 -8.45
C LYS C 201 8.20 32.58 -8.40
N GLN C 202 7.56 32.11 -7.33
CA GLN C 202 7.17 30.73 -7.18
C GLN C 202 5.77 30.53 -7.70
N LEU C 203 4.96 31.58 -7.68
CA LEU C 203 3.62 31.51 -8.24
C LEU C 203 3.70 31.72 -9.73
N CYS C 204 4.86 32.19 -10.20
CA CYS C 204 5.02 32.60 -11.57
C CYS C 204 6.51 32.66 -11.87
N PRO C 205 7.10 31.54 -12.29
CA PRO C 205 8.56 31.48 -12.51
C PRO C 205 9.15 32.42 -13.56
N ASN C 206 8.35 32.98 -14.46
CA ASN C 206 8.92 33.90 -15.46
C ASN C 206 8.68 35.37 -15.14
N LEU C 207 8.27 35.63 -13.90
CA LEU C 207 8.01 36.98 -13.40
C LEU C 207 9.25 37.84 -13.57
N GLN C 208 9.12 38.89 -14.37
CA GLN C 208 10.22 39.82 -14.58
C GLN C 208 10.24 40.89 -13.49
N ALA C 209 11.43 41.20 -13.00
CA ALA C 209 11.62 42.24 -11.98
C ALA C 209 12.13 43.51 -12.63
N VAL C 210 11.45 44.61 -12.36
CA VAL C 210 11.87 45.92 -12.85
C VAL C 210 12.25 46.75 -11.62
N PRO C 211 13.32 47.58 -11.72
CA PRO C 211 13.76 48.36 -10.56
C PRO C 211 13.05 49.72 -10.39
N TYR C 212 12.99 50.19 -9.15
CA TYR C 212 12.44 51.51 -8.83
C TYR C 212 13.03 52.62 -9.69
N ASP C 213 12.17 53.56 -10.13
CA ASP C 213 12.60 54.80 -10.78
C ASP C 213 11.79 56.00 -10.28
N PHE C 214 12.22 56.52 -9.12
CA PHE C 214 11.49 57.53 -8.38
C PHE C 214 11.33 58.84 -9.14
N HIS C 215 12.41 59.30 -9.79
CA HIS C 215 12.36 60.51 -10.61
C HIS C 215 11.34 60.44 -11.76
N ALA C 216 11.09 59.24 -12.28
CA ALA C 216 10.12 59.07 -13.38
C ALA C 216 8.68 59.00 -12.87
N TYR C 217 8.45 58.33 -11.74
CA TYR C 217 7.13 58.32 -11.13
C TYR C 217 6.68 59.74 -10.82
N LYS C 218 7.61 60.52 -10.28
CA LYS C 218 7.34 61.89 -9.89
C LYS C 218 6.97 62.78 -11.08
N GLU C 219 7.66 62.63 -12.22
CA GLU C 219 7.33 63.40 -13.43
C GLU C 219 5.96 63.05 -13.93
N VAL C 220 5.61 61.77 -13.90
CA VAL C 220 4.33 61.32 -14.43
C VAL C 220 3.18 61.82 -13.58
N ALA C 221 3.35 61.76 -12.25
CA ALA C 221 2.35 62.26 -11.30
C ALA C 221 2.07 63.73 -11.51
N GLN C 222 3.14 64.52 -11.59
CA GLN C 222 3.04 65.95 -11.85
C GLN C 222 2.29 66.20 -13.15
N THR C 223 2.68 65.50 -14.21
CA THR C 223 1.94 65.60 -15.48
C THR C 223 0.47 65.30 -15.29
N LEU C 224 0.17 64.21 -14.59
CA LEU C 224 -1.22 63.86 -14.33
C LEU C 224 -1.98 65.05 -13.75
N TYR C 225 -1.48 65.59 -12.63
CA TYR C 225 -2.15 66.68 -11.95
C TYR C 225 -2.25 67.94 -12.80
N GLU C 226 -1.14 68.33 -13.43
CA GLU C 226 -1.15 69.43 -14.40
C GLU C 226 -2.22 69.22 -15.48
N THR C 227 -2.28 68.04 -16.08
CA THR C 227 -3.30 67.73 -17.08
C THR C 227 -4.71 67.94 -16.52
N LEU C 228 -4.96 67.46 -15.30
CA LEU C 228 -6.27 67.65 -14.72
C LEU C 228 -6.54 69.12 -14.45
N ALA C 229 -5.50 69.85 -14.06
CA ALA C 229 -5.63 71.27 -13.76
C ALA C 229 -6.18 72.06 -14.94
N SER C 230 -5.74 71.71 -16.15
CA SER C 230 -6.18 72.41 -17.36
C SER C 230 -7.67 72.21 -17.75
N TYR C 231 -8.44 71.50 -16.93
CA TYR C 231 -9.89 71.44 -17.12
C TYR C 231 -10.64 72.08 -15.95
N THR C 232 -10.07 71.98 -14.75
CA THR C 232 -10.70 72.51 -13.52
C THR C 232 -9.71 72.56 -12.36
N HIS C 233 -10.10 73.25 -11.29
CA HIS C 233 -9.36 73.18 -10.04
C HIS C 233 -10.19 72.51 -8.95
N ASN C 234 -11.31 71.92 -9.33
CA ASN C 234 -12.17 71.20 -8.40
C ASN C 234 -11.62 69.79 -8.27
N ILE C 235 -10.41 69.70 -7.72
CA ILE C 235 -9.64 68.46 -7.64
C ILE C 235 -9.33 68.11 -6.18
N GLU C 236 -9.43 66.81 -5.86
CA GLU C 236 -8.93 66.30 -4.60
C GLU C 236 -7.77 65.33 -4.89
N ALA C 237 -6.59 65.67 -4.37
CA ALA C 237 -5.47 64.75 -4.41
C ALA C 237 -5.77 63.51 -3.57
N VAL C 238 -5.73 62.34 -4.18
CA VAL C 238 -5.90 61.11 -3.40
C VAL C 238 -4.56 60.44 -3.13
N SER C 239 -3.71 60.33 -4.15
CA SER C 239 -2.33 59.88 -4.00
C SER C 239 -1.57 60.39 -5.20
N CYS C 240 -0.34 59.91 -5.39
CA CYS C 240 0.43 60.36 -6.53
C CYS C 240 -0.15 59.94 -7.89
N ASP C 241 -0.94 58.86 -7.94
CA ASP C 241 -1.43 58.36 -9.23
C ASP C 241 -2.96 58.42 -9.34
N GLU C 242 -3.58 59.16 -8.44
CA GLU C 242 -4.99 59.04 -8.17
C GLU C 242 -5.55 60.38 -7.75
N ALA C 243 -6.65 60.79 -8.39
CA ALA C 243 -7.34 62.00 -8.00
C ALA C 243 -8.84 61.91 -8.17
N LEU C 244 -9.56 62.74 -7.40
CA LEU C 244 -10.99 62.91 -7.55
C LEU C 244 -11.22 64.26 -8.18
N VAL C 245 -12.24 64.34 -9.02
CA VAL C 245 -12.56 65.59 -9.71
C VAL C 245 -14.07 65.75 -9.89
N ASP C 246 -14.57 66.90 -9.45
CA ASP C 246 -15.97 67.25 -9.60
C ASP C 246 -16.13 67.94 -10.94
N ILE C 247 -16.80 67.26 -11.86
CA ILE C 247 -16.86 67.67 -13.28
C ILE C 247 -18.27 68.10 -13.70
N THR C 248 -19.17 68.21 -12.72
CA THR C 248 -20.51 68.74 -12.91
C THR C 248 -20.53 70.06 -13.71
N GLU C 249 -19.58 70.96 -13.42
CA GLU C 249 -19.50 72.27 -14.05
C GLU C 249 -18.73 72.30 -15.38
N ILE C 250 -17.89 71.30 -15.62
CA ILE C 250 -17.26 71.09 -16.93
C ILE C 250 -18.28 70.51 -17.89
N LEU C 251 -19.05 69.53 -17.42
CA LEU C 251 -20.10 68.91 -18.22
C LEU C 251 -21.17 69.90 -18.63
N ALA C 252 -21.50 70.82 -17.73
CA ALA C 252 -22.54 71.82 -17.97
C ALA C 252 -22.15 72.81 -19.06
N GLU C 253 -20.85 73.02 -19.23
CA GLU C 253 -20.32 74.05 -20.14
C GLU C 253 -19.61 73.43 -21.35
N THR C 254 -19.88 72.17 -21.66
CA THR C 254 -19.06 71.49 -22.65
C THR C 254 -19.64 71.39 -24.08
N LYS C 255 -20.86 70.87 -24.29
CA LYS C 255 -21.70 70.21 -23.30
C LYS C 255 -21.59 68.71 -23.55
N LEU C 256 -20.38 68.19 -23.35
CA LEU C 256 -20.05 66.79 -23.59
C LEU C 256 -20.71 65.88 -22.57
N THR C 257 -20.83 64.61 -22.93
CA THR C 257 -21.30 63.54 -22.04
C THR C 257 -20.14 63.14 -21.12
N PRO C 258 -20.43 62.54 -19.94
CA PRO C 258 -19.35 62.08 -19.08
C PRO C 258 -18.39 61.13 -19.80
N ASP C 259 -18.94 60.15 -20.51
CA ASP C 259 -18.13 59.22 -21.30
C ASP C 259 -17.21 59.92 -22.32
N GLU C 260 -17.63 61.08 -22.81
CA GLU C 260 -16.86 61.81 -23.80
C GLU C 260 -15.76 62.64 -23.16
N PHE C 261 -16.05 63.20 -21.99
CA PHE C 261 -15.04 63.94 -21.26
C PHE C 261 -14.00 62.99 -20.68
N ALA C 262 -14.44 61.86 -20.15
CA ALA C 262 -13.53 60.88 -19.57
C ALA C 262 -12.51 60.47 -20.62
N ASN C 263 -13.03 59.97 -21.74
CA ASN C 263 -12.20 59.58 -22.87
C ASN C 263 -11.17 60.63 -23.28
N ALA C 264 -11.57 61.90 -23.28
CA ALA C 264 -10.66 62.99 -23.65
C ALA C 264 -9.50 63.13 -22.68
N VAL C 265 -9.81 63.24 -21.40
CA VAL C 265 -8.76 63.32 -20.37
C VAL C 265 -7.93 62.05 -20.37
N ARG C 266 -8.57 60.92 -20.56
CA ARG C 266 -7.86 59.66 -20.63
C ARG C 266 -6.88 59.60 -21.81
N MET C 267 -7.28 60.11 -22.97
CA MET C 267 -6.42 60.14 -24.14
C MET C 267 -5.26 61.14 -23.97
N GLU C 268 -5.53 62.25 -23.31
CA GLU C 268 -4.52 63.28 -23.08
C GLU C 268 -3.49 62.83 -22.03
N ILE C 269 -3.92 62.02 -21.06
CA ILE C 269 -2.97 61.44 -20.10
C ILE C 269 -2.04 60.45 -20.81
N LYS C 270 -2.61 59.54 -21.61
CA LYS C 270 -1.80 58.58 -22.34
C LYS C 270 -0.79 59.26 -23.21
N ASP C 271 -1.23 60.25 -23.98
CA ASP C 271 -0.35 60.95 -24.89
C ASP C 271 0.80 61.72 -24.23
N GLN C 272 0.59 62.26 -23.05
CA GLN C 272 1.67 62.99 -22.39
C GLN C 272 2.54 62.14 -21.47
N THR C 273 2.03 60.99 -21.02
CA THR C 273 2.81 60.15 -20.11
C THR C 273 3.24 58.83 -20.73
N LYS C 274 2.52 58.40 -21.76
CA LYS C 274 2.66 57.07 -22.35
C LYS C 274 2.22 55.96 -21.37
N CYS C 275 1.42 56.35 -20.36
CA CYS C 275 0.87 55.43 -19.36
C CYS C 275 -0.62 55.59 -19.34
N ALA C 276 -1.29 54.47 -19.07
CA ALA C 276 -2.75 54.43 -19.08
C ALA C 276 -3.36 54.82 -17.73
N ALA C 277 -4.51 55.49 -17.81
CA ALA C 277 -5.30 55.84 -16.64
C ALA C 277 -6.69 55.23 -16.79
N SER C 278 -7.27 54.77 -15.69
CA SER C 278 -8.65 54.33 -15.70
C SER C 278 -9.55 55.37 -15.02
N VAL C 279 -10.80 55.47 -15.44
CA VAL C 279 -11.68 56.40 -14.75
C VAL C 279 -13.04 55.85 -14.43
N GLY C 280 -13.44 56.06 -13.18
CA GLY C 280 -14.78 55.77 -12.72
C GLY C 280 -15.49 57.10 -12.58
N ILE C 281 -16.81 57.08 -12.85
CA ILE C 281 -17.65 58.25 -12.78
C ILE C 281 -18.96 57.82 -12.15
N GLY C 282 -19.49 58.67 -11.25
CA GLY C 282 -20.74 58.41 -10.59
C GLY C 282 -21.22 59.66 -9.93
N SER C 283 -22.38 59.55 -9.29
CA SER C 283 -23.05 60.66 -8.61
C SER C 283 -22.28 61.17 -7.40
N ASN C 284 -21.66 60.26 -6.66
CA ASN C 284 -20.95 60.62 -5.44
C ASN C 284 -19.52 60.01 -5.40
N ILE C 285 -18.69 60.45 -4.46
CA ILE C 285 -17.29 60.00 -4.39
C ILE C 285 -17.16 58.49 -4.26
N LEU C 286 -17.96 57.90 -3.38
CA LEU C 286 -18.01 56.46 -3.26
C LEU C 286 -18.29 55.75 -4.58
N LEU C 287 -19.25 56.27 -5.36
CA LEU C 287 -19.65 55.57 -6.60
C LEU C 287 -18.61 55.73 -7.67
N ALA C 288 -18.02 56.90 -7.78
CA ALA C 288 -16.91 57.09 -8.70
C ALA C 288 -15.77 56.10 -8.42
N ARG C 289 -15.49 55.84 -7.15
CA ARG C 289 -14.41 54.94 -6.75
C ARG C 289 -14.66 53.44 -6.95
N MET C 290 -15.87 52.97 -6.66
CA MET C 290 -16.22 51.60 -6.98
C MET C 290 -16.20 51.39 -8.50
N ALA C 291 -16.71 52.37 -9.23
CA ALA C 291 -16.79 52.34 -10.69
C ALA C 291 -15.44 52.14 -11.37
N THR C 292 -14.38 52.64 -10.73
CA THR C 292 -13.03 52.53 -11.29
C THR C 292 -12.54 51.10 -11.30
N ARG C 293 -12.92 50.36 -10.26
CA ARG C 293 -12.61 48.95 -10.17
C ARG C 293 -13.11 48.20 -11.42
N LYS C 294 -14.30 48.56 -11.88
CA LYS C 294 -14.85 47.99 -13.11
C LYS C 294 -14.17 48.49 -14.38
N ALA C 295 -13.65 49.71 -14.34
CA ALA C 295 -12.95 50.29 -15.50
C ALA C 295 -11.56 49.69 -15.76
N LYS C 296 -10.83 49.33 -14.70
CA LYS C 296 -9.44 48.86 -14.82
C LYS C 296 -9.42 47.46 -15.39
N PRO C 297 -8.42 47.15 -16.25
CA PRO C 297 -7.36 48.04 -16.78
C PRO C 297 -7.74 48.85 -18.02
N ASP C 298 -7.06 49.98 -18.20
CA ASP C 298 -7.08 50.80 -19.41
C ASP C 298 -8.46 51.19 -19.95
N GLY C 299 -9.41 51.44 -19.05
CA GLY C 299 -10.77 51.70 -19.46
C GLY C 299 -11.50 52.74 -18.64
N GLN C 300 -12.81 52.82 -18.86
CA GLN C 300 -13.62 53.78 -18.15
C GLN C 300 -14.97 53.19 -17.93
N TYR C 301 -15.59 53.58 -16.82
CA TYR C 301 -16.91 53.10 -16.49
C TYR C 301 -17.72 54.20 -15.77
N HIS C 302 -18.96 54.38 -16.21
CA HIS C 302 -19.88 55.35 -15.60
C HIS C 302 -21.04 54.59 -14.98
N LEU C 303 -21.01 54.47 -13.65
CA LEU C 303 -22.06 53.78 -12.91
C LEU C 303 -23.33 54.63 -12.86
N LYS C 304 -24.32 54.26 -13.67
CA LYS C 304 -25.57 54.99 -13.76
C LYS C 304 -26.49 54.68 -12.57
N PRO C 305 -27.22 55.69 -12.06
CA PRO C 305 -28.17 55.54 -10.95
C PRO C 305 -29.03 54.26 -10.98
N GLU C 306 -29.41 53.81 -12.18
CA GLU C 306 -30.23 52.61 -12.31
C GLU C 306 -29.43 51.33 -12.09
N GLU C 307 -28.11 51.40 -12.34
CA GLU C 307 -27.23 50.24 -12.23
C GLU C 307 -26.74 50.07 -10.79
N VAL C 308 -26.90 51.10 -9.97
CA VAL C 308 -26.29 51.19 -8.63
C VAL C 308 -26.62 50.03 -7.68
N ASP C 309 -27.90 49.85 -7.33
CA ASP C 309 -28.30 48.80 -6.38
C ASP C 309 -27.84 47.41 -6.85
N ASP C 310 -27.82 47.23 -8.16
CA ASP C 310 -27.38 45.99 -8.77
C ASP C 310 -25.87 45.79 -8.59
N PHE C 311 -25.11 46.83 -8.92
CA PHE C 311 -23.67 46.81 -8.88
C PHE C 311 -23.14 46.63 -7.47
N ILE C 312 -23.80 47.27 -6.51
CA ILE C 312 -23.27 47.37 -5.16
C ILE C 312 -23.54 46.13 -4.32
N ARG C 313 -24.70 45.49 -4.51
CA ARG C 313 -25.05 44.26 -3.78
C ARG C 313 -24.01 43.16 -3.93
N GLY C 314 -23.38 43.11 -5.10
CA GLY C 314 -22.41 42.05 -5.40
C GLY C 314 -20.96 42.32 -5.01
N GLN C 315 -20.66 43.54 -4.55
CA GLN C 315 -19.27 43.88 -4.26
C GLN C 315 -18.86 43.31 -2.91
N LEU C 316 -17.59 42.92 -2.80
CA LEU C 316 -17.02 42.44 -1.54
C LEU C 316 -16.91 43.63 -0.61
N VAL C 317 -17.31 43.44 0.64
CA VAL C 317 -17.31 44.54 1.58
C VAL C 317 -15.91 45.15 1.77
N THR C 318 -14.88 44.37 1.45
CA THR C 318 -13.49 44.79 1.63
C THR C 318 -13.08 45.82 0.58
N ASN C 319 -13.81 45.92 -0.51
CA ASN C 319 -13.53 46.92 -1.52
C ASN C 319 -14.17 48.29 -1.27
N LEU C 320 -14.93 48.42 -0.18
CA LEU C 320 -15.37 49.73 0.29
C LEU C 320 -14.21 50.48 0.98
N PRO C 321 -14.00 51.75 0.62
CA PRO C 321 -13.03 52.61 1.32
C PRO C 321 -13.30 52.68 2.81
N GLY C 322 -12.28 52.36 3.61
CA GLY C 322 -12.39 52.39 5.07
C GLY C 322 -12.61 51.02 5.69
N VAL C 323 -12.88 50.01 4.84
CA VAL C 323 -12.88 48.62 5.30
C VAL C 323 -11.58 48.00 4.87
N GLY C 324 -10.68 47.79 5.84
CA GLY C 324 -9.47 47.02 5.63
C GLY C 324 -9.65 45.62 6.19
N HIS C 325 -8.53 44.99 6.60
CA HIS C 325 -8.49 43.59 7.01
C HIS C 325 -9.23 43.33 8.30
N SER C 326 -9.06 44.20 9.29
CA SER C 326 -9.71 44.03 10.59
C SER C 326 -11.23 44.10 10.49
N MET C 327 -11.75 45.20 9.96
CA MET C 327 -13.17 45.35 9.73
C MET C 327 -13.72 44.21 8.87
N GLU C 328 -12.94 43.76 7.88
CA GLU C 328 -13.33 42.63 7.04
C GLU C 328 -13.56 41.37 7.85
N SER C 329 -12.63 41.09 8.75
CA SER C 329 -12.67 39.87 9.53
C SER C 329 -13.76 39.91 10.59
N LYS C 330 -14.05 41.09 11.12
CA LYS C 330 -15.07 41.27 12.16
C LYS C 330 -16.47 41.16 11.53
N LEU C 331 -16.60 41.66 10.30
CA LEU C 331 -17.80 41.49 9.50
C LEU C 331 -18.00 40.04 9.08
N ALA C 332 -16.90 39.33 8.83
CA ALA C 332 -16.97 37.91 8.46
C ALA C 332 -17.45 37.02 9.62
N SER C 333 -17.12 37.40 10.85
CA SER C 333 -17.57 36.68 12.01
C SER C 333 -19.05 36.97 12.27
N LEU C 334 -19.62 37.82 11.43
CA LEU C 334 -21.03 38.19 11.53
C LEU C 334 -21.83 37.65 10.32
N GLY C 335 -21.16 36.92 9.43
CA GLY C 335 -21.82 36.36 8.25
C GLY C 335 -21.81 37.27 7.02
N ILE C 336 -21.01 38.34 7.07
CA ILE C 336 -21.03 39.35 6.01
C ILE C 336 -19.81 39.34 5.08
N LYS C 337 -20.02 38.98 3.82
CA LYS C 337 -18.97 39.04 2.83
C LYS C 337 -19.19 40.17 1.82
N THR C 338 -20.44 40.37 1.42
CA THR C 338 -20.80 41.39 0.40
C THR C 338 -21.59 42.54 1.01
N CYS C 339 -21.64 43.66 0.30
CA CYS C 339 -22.50 44.78 0.66
C CYS C 339 -23.95 44.32 0.74
N GLY C 340 -24.30 43.43 -0.20
CA GLY C 340 -25.56 42.71 -0.17
C GLY C 340 -25.89 42.18 1.20
N ASP C 341 -24.97 41.41 1.78
CA ASP C 341 -25.16 40.88 3.14
C ASP C 341 -25.31 42.03 4.13
N LEU C 342 -24.47 43.05 3.96
CA LEU C 342 -24.41 44.19 4.89
C LEU C 342 -25.72 44.98 4.96
N GLN C 343 -26.46 45.02 3.86
CA GLN C 343 -27.70 45.78 3.82
C GLN C 343 -28.71 45.33 4.88
N TYR C 344 -28.63 44.06 5.28
CA TYR C 344 -29.60 43.50 6.22
C TYR C 344 -29.41 43.93 7.67
N MET C 345 -28.22 44.42 8.04
CA MET C 345 -28.01 44.89 9.40
C MET C 345 -28.64 46.25 9.65
N THR C 346 -29.26 46.41 10.82
CA THR C 346 -29.80 47.71 11.20
C THR C 346 -28.69 48.74 11.42
N MET C 347 -29.02 50.00 11.24
CA MET C 347 -28.13 51.09 11.59
C MET C 347 -27.70 50.98 13.04
N ALA C 348 -28.69 50.85 13.92
CA ALA C 348 -28.50 50.76 15.37
C ALA C 348 -27.51 49.67 15.81
N LYS C 349 -27.61 48.49 15.21
CA LYS C 349 -26.70 47.37 15.47
C LYS C 349 -25.30 47.62 14.91
N LEU C 350 -25.22 48.27 13.76
CA LEU C 350 -23.94 48.60 13.14
C LEU C 350 -23.19 49.65 13.98
N GLN C 351 -23.93 50.60 14.54
CA GLN C 351 -23.32 51.58 15.41
C GLN C 351 -22.93 50.98 16.76
N LYS C 352 -23.64 49.93 17.19
CA LYS C 352 -23.28 49.24 18.42
C LYS C 352 -22.02 48.41 18.22
N GLU C 353 -21.95 47.70 17.10
CA GLU C 353 -20.83 46.80 16.88
C GLU C 353 -19.54 47.54 16.49
N PHE C 354 -19.68 48.65 15.76
CA PHE C 354 -18.53 49.33 15.16
C PHE C 354 -18.30 50.76 15.65
N GLY C 355 -19.29 51.36 16.29
CA GLY C 355 -19.21 52.77 16.68
C GLY C 355 -20.14 53.65 15.84
N PRO C 356 -20.51 54.82 16.39
CA PRO C 356 -21.42 55.78 15.74
C PRO C 356 -21.06 56.13 14.29
N LYS C 357 -19.87 56.66 14.07
CA LYS C 357 -19.51 57.11 12.73
C LYS C 357 -19.28 55.97 11.75
N THR C 358 -18.56 54.94 12.19
CA THR C 358 -18.21 53.81 11.33
C THR C 358 -19.45 52.98 10.99
N GLY C 359 -20.31 52.76 11.99
CA GLY C 359 -21.55 52.05 11.77
C GLY C 359 -22.37 52.78 10.72
N GLN C 360 -22.47 54.08 10.86
CA GLN C 360 -23.17 54.92 9.89
C GLN C 360 -22.56 54.87 8.50
N MET C 361 -21.23 54.93 8.44
CA MET C 361 -20.47 54.80 7.19
C MET C 361 -20.77 53.46 6.49
N LEU C 362 -20.86 52.39 7.26
CA LEU C 362 -21.20 51.07 6.70
C LEU C 362 -22.64 50.97 6.16
N TYR C 363 -23.60 51.50 6.91
CA TYR C 363 -25.01 51.50 6.51
C TYR C 363 -25.18 52.26 5.19
N ARG C 364 -24.51 53.41 5.10
CA ARG C 364 -24.58 54.28 3.94
C ARG C 364 -23.80 53.73 2.73
N PHE C 365 -22.52 53.37 2.96
CA PHE C 365 -21.64 52.89 1.89
C PHE C 365 -22.17 51.63 1.23
N CYS C 366 -22.72 50.68 1.99
CA CYS C 366 -23.19 49.46 1.33
C CYS C 366 -24.46 49.67 0.50
N ARG C 367 -25.03 50.87 0.57
CA ARG C 367 -26.15 51.30 -0.30
C ARG C 367 -25.75 52.28 -1.42
N GLY C 368 -24.47 52.63 -1.52
CA GLY C 368 -24.04 53.59 -2.52
C GLY C 368 -24.33 55.03 -2.16
N LEU C 369 -24.63 55.28 -0.89
CA LEU C 369 -24.94 56.61 -0.36
C LEU C 369 -23.73 57.29 0.23
N ASP C 370 -23.52 58.56 -0.12
CA ASP C 370 -22.30 59.28 0.23
C ASP C 370 -22.51 60.77 -0.07
N ASP C 371 -22.47 61.60 0.97
CA ASP C 371 -22.77 63.02 0.80
C ASP C 371 -21.53 63.92 0.82
N ARG C 372 -20.35 63.37 1.05
CA ARG C 372 -19.18 64.25 1.21
C ARG C 372 -18.74 64.87 -0.12
N PRO C 373 -18.48 66.18 -0.12
CA PRO C 373 -18.03 66.82 -1.35
C PRO C 373 -16.53 66.61 -1.55
N VAL C 374 -16.06 66.86 -2.76
CA VAL C 374 -14.64 66.87 -3.06
C VAL C 374 -13.94 67.90 -2.17
N ARG C 375 -12.95 67.47 -1.39
CA ARG C 375 -12.24 68.38 -0.51
C ARG C 375 -11.05 69.00 -1.23
N THR C 376 -11.24 70.24 -1.68
CA THR C 376 -10.27 70.92 -2.52
C THR C 376 -9.09 71.48 -1.74
N GLU C 377 -9.27 71.69 -0.44
CA GLU C 377 -8.16 72.16 0.43
C GLU C 377 -8.10 71.40 1.76
N LYS C 378 -6.89 70.98 2.13
CA LYS C 378 -6.66 70.26 3.37
C LYS C 378 -5.59 70.97 4.21
N GLU C 379 -5.80 71.05 5.51
CA GLU C 379 -4.81 71.65 6.42
C GLU C 379 -4.11 70.57 7.26
N ARG C 380 -2.79 70.49 7.11
CA ARG C 380 -2.03 69.46 7.80
C ARG C 380 -2.11 69.58 9.32
N LYS C 381 -2.25 68.43 10.00
CA LYS C 381 -2.52 68.38 11.43
C LYS C 381 -1.42 67.70 12.25
N SER C 382 -0.50 67.03 11.57
CA SER C 382 0.61 66.36 12.22
C SER C 382 1.79 66.25 11.28
N VAL C 383 2.97 66.15 11.88
CA VAL C 383 4.20 65.92 11.14
C VAL C 383 4.97 64.85 11.86
N SER C 384 5.44 63.85 11.11
CA SER C 384 6.10 62.72 11.72
C SER C 384 7.29 62.21 10.90
N ALA C 385 8.13 61.39 11.53
CA ALA C 385 9.19 60.64 10.85
C ALA C 385 9.43 59.29 11.53
N GLU C 386 9.43 58.25 10.71
CA GLU C 386 9.34 56.87 11.18
C GLU C 386 10.32 56.04 10.38
N ILE C 387 11.18 55.30 11.07
CA ILE C 387 11.99 54.26 10.45
C ILE C 387 11.84 52.93 11.20
N ASN C 388 11.15 51.99 10.57
CA ASN C 388 10.92 50.68 11.15
C ASN C 388 11.59 49.60 10.32
N TYR C 389 12.77 49.91 9.83
CA TYR C 389 13.47 49.00 8.99
C TYR C 389 14.95 49.29 9.14
N GLY C 390 15.75 48.23 9.25
CA GLY C 390 17.20 48.35 9.35
C GLY C 390 17.61 48.87 10.71
N ILE C 391 16.74 48.70 11.71
CA ILE C 391 17.01 49.19 13.06
C ILE C 391 17.64 48.12 13.96
N ARG C 392 18.95 48.24 14.16
CA ARG C 392 19.71 47.38 15.09
C ARG C 392 20.61 48.19 16.03
N PHE C 393 20.34 48.10 17.33
CA PHE C 393 21.20 48.70 18.34
C PHE C 393 21.60 47.68 19.40
N THR C 394 22.90 47.66 19.71
CA THR C 394 23.43 46.88 20.83
C THR C 394 23.44 47.66 22.15
N GLN C 395 23.67 48.97 22.05
CA GLN C 395 23.94 49.80 23.22
C GLN C 395 22.94 50.93 23.44
N PRO C 396 22.57 51.19 24.70
CA PRO C 396 21.79 52.38 25.01
C PRO C 396 22.34 53.64 24.34
N LYS C 397 23.66 53.78 24.31
CA LYS C 397 24.32 54.94 23.69
C LYS C 397 24.06 55.05 22.19
N GLU C 398 23.72 53.93 21.55
CA GLU C 398 23.48 53.92 20.10
C GLU C 398 22.03 54.31 19.80
N ALA C 399 21.12 53.81 20.61
CA ALA C 399 19.71 54.12 20.46
C ALA C 399 19.51 55.63 20.62
N GLU C 400 20.13 56.19 21.65
CA GLU C 400 20.00 57.60 21.98
C GLU C 400 20.57 58.50 20.89
N ALA C 401 21.74 58.15 20.37
CA ALA C 401 22.37 58.92 19.30
C ALA C 401 21.45 59.03 18.08
N PHE C 402 20.83 57.91 17.73
CA PHE C 402 19.88 57.83 16.63
C PHE C 402 18.62 58.70 16.86
N LEU C 403 18.04 58.65 18.06
CA LEU C 403 16.93 59.54 18.45
C LEU C 403 17.27 61.03 18.33
N LEU C 404 18.52 61.39 18.56
CA LEU C 404 18.96 62.78 18.42
C LEU C 404 19.04 63.14 16.94
N SER C 405 19.45 62.18 16.14
CA SER C 405 19.61 62.40 14.72
C SER C 405 18.25 62.46 14.02
N LEU C 406 17.30 61.70 14.53
CA LEU C 406 15.94 61.67 13.99
C LEU C 406 15.16 62.94 14.36
N SER C 407 15.49 63.52 15.51
CA SER C 407 14.93 64.79 15.92
C SER C 407 15.42 65.88 15.00
N GLU C 408 16.66 65.77 14.56
CA GLU C 408 17.20 66.66 13.56
C GLU C 408 16.39 66.55 12.26
N GLU C 409 16.07 65.32 11.84
CA GLU C 409 15.20 65.10 10.68
C GLU C 409 13.80 65.69 10.93
N ILE C 410 13.33 65.62 12.16
CA ILE C 410 12.01 66.17 12.46
C ILE C 410 12.02 67.69 12.36
N GLN C 411 13.12 68.31 12.78
CA GLN C 411 13.26 69.76 12.64
C GLN C 411 13.17 70.21 11.18
N ARG C 412 13.88 69.52 10.28
CA ARG C 412 13.85 69.84 8.86
C ARG C 412 12.44 69.82 8.29
N ARG C 413 11.68 68.77 8.61
CA ARG C 413 10.36 68.56 8.05
C ARG C 413 9.36 69.59 8.56
N LEU C 414 9.59 70.06 9.77
CA LEU C 414 8.78 71.10 10.37
C LEU C 414 9.09 72.46 9.71
N GLU C 415 10.37 72.72 9.41
CA GLU C 415 10.76 73.92 8.65
C GLU C 415 10.14 73.91 7.25
N ALA C 416 10.38 72.84 6.49
CA ALA C 416 9.77 72.66 5.17
C ALA C 416 8.26 72.92 5.12
N THR C 417 7.55 72.56 6.19
CA THR C 417 6.11 72.74 6.25
C THR C 417 5.77 74.06 6.95
N GLY C 418 6.82 74.76 7.38
CA GLY C 418 6.65 76.01 8.11
C GLY C 418 5.67 75.86 9.25
N MET C 419 5.94 74.92 10.14
CA MET C 419 5.12 74.71 11.32
C MET C 419 5.97 74.35 12.52
N LYS C 420 5.44 74.63 13.71
CA LYS C 420 6.03 74.29 15.00
C LYS C 420 4.96 73.52 15.73
N GLY C 421 5.38 72.68 16.68
CA GLY C 421 4.45 71.81 17.39
C GLY C 421 4.65 71.77 18.89
N LYS C 422 3.57 71.49 19.62
CA LYS C 422 3.57 71.40 21.08
C LYS C 422 3.57 69.96 21.60
N ARG C 423 2.99 69.03 20.85
CA ARG C 423 2.79 67.67 21.33
C ARG C 423 3.73 66.68 20.63
N LEU C 424 4.46 65.89 21.41
CA LEU C 424 5.45 64.96 20.88
C LEU C 424 5.14 63.52 21.24
N THR C 425 5.25 62.60 20.27
CA THR C 425 5.04 61.19 20.56
C THR C 425 6.24 60.36 20.15
N LEU C 426 6.76 59.55 21.06
CA LEU C 426 7.81 58.58 20.72
C LEU C 426 7.17 57.21 20.62
N LYS C 427 7.43 56.54 19.50
CA LYS C 427 6.88 55.22 19.24
C LYS C 427 8.01 54.26 18.93
N ILE C 428 8.17 53.25 19.78
CA ILE C 428 9.23 52.26 19.59
C ILE C 428 8.63 50.90 19.27
N MET C 429 9.19 50.23 18.27
CA MET C 429 8.81 48.86 17.97
C MET C 429 9.79 47.88 18.58
N VAL C 430 9.27 46.94 19.36
CA VAL C 430 10.13 45.98 20.05
C VAL C 430 9.78 44.53 19.70
N ARG C 431 10.80 43.71 19.44
CA ARG C 431 10.66 42.27 19.21
C ARG C 431 9.75 41.66 20.25
N LYS C 432 8.79 40.85 19.81
CA LYS C 432 7.79 40.26 20.71
C LYS C 432 8.32 38.94 21.28
N PRO C 433 8.22 38.76 22.61
CA PRO C 433 8.65 37.50 23.25
C PRO C 433 8.20 36.26 22.45
N GLY C 434 9.17 35.50 21.97
CA GLY C 434 8.88 34.27 21.22
C GLY C 434 9.26 34.33 19.76
N ALA C 435 9.39 35.55 19.22
CA ALA C 435 9.76 35.77 17.84
C ALA C 435 11.28 35.75 17.74
N PRO C 436 11.82 35.14 16.67
CA PRO C 436 13.26 34.98 16.55
C PRO C 436 14.03 36.29 16.42
N VAL C 437 15.07 36.41 17.24
CA VAL C 437 16.05 37.49 17.18
C VAL C 437 16.50 37.76 15.75
N GLU C 438 16.59 36.70 14.96
CA GLU C 438 16.91 36.85 13.56
C GLU C 438 15.61 36.99 12.74
N THR C 439 15.51 38.06 11.96
CA THR C 439 14.30 38.39 11.21
C THR C 439 14.23 37.65 9.87
N ALA C 440 13.03 37.24 9.46
CA ALA C 440 12.85 36.58 8.13
C ALA C 440 13.24 37.46 6.95
N LYS C 441 12.92 38.75 7.02
CA LYS C 441 13.34 39.69 6.00
C LYS C 441 14.66 40.33 6.45
N PHE C 442 15.62 40.44 5.54
CA PHE C 442 16.82 41.19 5.86
C PHE C 442 16.46 42.64 6.23
N GLY C 443 16.78 43.02 7.47
CA GLY C 443 16.58 44.40 7.91
C GLY C 443 15.20 44.63 8.51
N GLY C 444 14.37 43.59 8.45
CA GLY C 444 12.97 43.69 8.82
C GLY C 444 12.78 43.98 10.28
N HIS C 445 11.57 44.41 10.64
CA HIS C 445 11.23 44.58 12.04
C HIS C 445 10.67 43.31 12.63
N GLY C 446 10.25 42.39 11.77
CA GLY C 446 9.61 41.13 12.21
C GLY C 446 8.45 41.36 13.16
N ILE C 447 8.00 40.28 13.81
CA ILE C 447 6.93 40.34 14.80
C ILE C 447 7.35 41.22 15.97
N CYS C 448 6.47 42.17 16.33
CA CYS C 448 6.77 43.25 17.31
C CYS C 448 5.56 43.71 18.11
N ASP C 449 5.84 44.32 19.26
CA ASP C 449 4.86 45.12 20.00
C ASP C 449 5.29 46.60 19.96
N ASN C 450 4.40 47.49 20.39
CA ASN C 450 4.64 48.94 20.36
C ASN C 450 4.63 49.55 21.75
N ILE C 451 5.68 50.31 22.07
CA ILE C 451 5.75 51.07 23.30
C ILE C 451 5.74 52.55 22.94
N ALA C 452 4.79 53.30 23.48
CA ALA C 452 4.63 54.71 23.14
C ALA C 452 4.51 55.64 24.34
N ARG C 453 5.21 56.78 24.24
CA ARG C 453 5.08 57.87 25.22
C ARG C 453 4.79 59.17 24.50
N THR C 454 3.98 60.02 25.12
CA THR C 454 3.71 61.32 24.55
C THR C 454 3.91 62.42 25.59
N VAL C 455 4.30 63.62 25.14
CA VAL C 455 4.48 64.79 26.01
C VAL C 455 3.98 66.08 25.37
N THR C 456 3.64 67.06 26.19
CA THR C 456 3.19 68.37 25.71
C THR C 456 4.15 69.43 26.24
N LEU C 457 4.59 70.33 25.36
CA LEU C 457 5.45 71.43 25.77
C LEU C 457 4.63 72.65 26.16
N ASP C 458 5.28 73.63 26.80
CA ASP C 458 4.62 74.88 27.12
C ASP C 458 4.36 75.66 25.84
N GLN C 459 5.39 75.75 25.00
CA GLN C 459 5.34 76.54 23.77
C GLN C 459 5.70 75.63 22.61
N ALA C 460 5.00 75.79 21.49
CA ALA C 460 5.35 75.10 20.24
C ALA C 460 6.80 75.34 19.88
N THR C 461 7.45 74.30 19.39
CA THR C 461 8.87 74.42 18.99
C THR C 461 9.12 73.77 17.61
N ASP C 462 10.31 74.01 17.08
CA ASP C 462 10.84 73.22 15.97
C ASP C 462 12.32 72.96 16.21
N ASN C 463 12.72 73.06 17.48
CA ASN C 463 14.12 72.97 17.90
C ASN C 463 14.51 71.51 18.17
N ALA C 464 15.44 70.99 17.35
CA ALA C 464 15.90 69.60 17.44
C ALA C 464 16.48 69.25 18.81
N LYS C 465 17.09 70.24 19.46
CA LYS C 465 17.67 70.05 20.77
C LYS C 465 16.56 69.87 21.81
N ILE C 466 15.52 70.67 21.71
CA ILE C 466 14.39 70.58 22.62
C ILE C 466 13.55 69.35 22.28
N ILE C 467 13.48 69.01 20.99
CA ILE C 467 12.76 67.81 20.58
C ILE C 467 13.52 66.57 21.01
N GLY C 468 14.83 66.54 20.76
CA GLY C 468 15.70 65.40 21.08
C GLY C 468 15.73 65.10 22.57
N LYS C 469 15.95 66.13 23.38
CA LYS C 469 15.84 66.02 24.82
C LYS C 469 14.50 65.42 25.28
N ALA C 470 13.39 65.84 24.69
CA ALA C 470 12.10 65.26 25.07
C ALA C 470 12.04 63.78 24.70
N MET C 471 12.56 63.42 23.53
CA MET C 471 12.71 62.01 23.12
C MET C 471 13.49 61.18 24.15
N LEU C 472 14.63 61.70 24.60
CA LEU C 472 15.46 61.03 25.60
C LEU C 472 14.70 60.77 26.90
N ASN C 473 14.16 61.84 27.50
CA ASN C 473 13.27 61.71 28.65
C ASN C 473 12.26 60.58 28.48
N MET C 474 11.45 60.65 27.42
CA MET C 474 10.42 59.65 27.17
C MET C 474 10.97 58.23 26.98
N PHE C 475 12.11 58.13 26.31
CA PHE C 475 12.75 56.86 26.07
C PHE C 475 13.23 56.20 27.35
N HIS C 476 13.68 57.01 28.31
CA HIS C 476 14.14 56.48 29.59
C HIS C 476 13.02 55.86 30.43
N THR C 477 11.80 56.38 30.31
CA THR C 477 10.67 55.82 31.05
C THR C 477 10.20 54.48 30.48
N MET C 478 10.69 54.11 29.29
CA MET C 478 10.25 52.89 28.62
C MET C 478 10.99 51.66 29.13
N LYS C 479 10.23 50.71 29.66
CA LYS C 479 10.81 49.49 30.18
C LYS C 479 11.06 48.51 29.04
N LEU C 480 12.30 48.48 28.54
CA LEU C 480 12.72 47.50 27.53
C LEU C 480 14.23 47.41 27.36
N ASN C 481 14.68 46.46 26.55
CA ASN C 481 16.10 46.34 26.21
C ASN C 481 16.42 46.62 24.74
N ILE C 482 17.60 47.20 24.53
CA ILE C 482 18.02 47.78 23.26
C ILE C 482 18.17 46.74 22.15
N SER C 483 18.63 45.55 22.51
CA SER C 483 18.88 44.46 21.58
C SER C 483 17.60 44.05 20.83
N ASP C 484 16.46 44.30 21.47
CA ASP C 484 15.17 43.94 20.90
C ASP C 484 14.48 45.05 20.10
N MET C 485 15.09 46.24 20.00
CA MET C 485 14.43 47.38 19.31
C MET C 485 14.35 47.11 17.81
N ARG C 486 13.21 47.42 17.21
CA ARG C 486 12.98 47.05 15.82
C ARG C 486 12.53 48.20 14.93
N GLY C 487 12.11 49.30 15.54
CA GLY C 487 11.76 50.50 14.80
C GLY C 487 11.42 51.67 15.69
N VAL C 488 11.57 52.88 15.14
CA VAL C 488 11.46 54.13 15.91
C VAL C 488 10.66 55.18 15.16
N GLY C 489 9.83 55.95 15.86
CA GLY C 489 9.03 56.96 15.20
C GLY C 489 8.74 58.17 16.05
N ILE C 490 8.87 59.35 15.44
CA ILE C 490 8.53 60.61 16.10
C ILE C 490 7.33 61.26 15.42
N HIS C 491 6.38 61.73 16.24
CA HIS C 491 5.16 62.30 15.76
C HIS C 491 4.99 63.65 16.44
N VAL C 492 4.75 64.69 15.65
CA VAL C 492 4.51 66.02 16.19
C VAL C 492 3.06 66.39 15.93
N ASN C 493 2.32 66.65 17.00
CA ASN C 493 0.92 67.10 16.90
C ASN C 493 0.76 68.50 17.49
N GLN C 494 -0.49 68.99 17.59
CA GLN C 494 -0.78 70.36 18.07
C GLN C 494 0.12 71.38 17.40
N LEU C 495 -0.09 71.59 16.11
CA LEU C 495 0.78 72.40 15.27
C LEU C 495 0.31 73.84 15.21
N VAL C 496 1.27 74.76 15.06
CA VAL C 496 0.97 76.14 14.71
C VAL C 496 1.89 76.59 13.56
N PRO C 497 1.37 77.42 12.63
CA PRO C 497 2.19 78.00 11.56
C PRO C 497 3.30 78.92 12.08
N THR C 498 4.48 78.90 11.45
CA THR C 498 5.56 79.82 11.80
C THR C 498 5.55 81.13 11.00
N CYS D 17 19.89 -7.42 30.04
CA CYS D 17 19.66 -7.54 31.52
C CYS D 17 20.11 -6.28 32.27
N ASN D 18 21.43 -6.02 32.23
CA ASN D 18 21.99 -4.73 32.70
C ASN D 18 21.49 -3.58 31.80
N PHE D 19 21.40 -3.87 30.51
CA PHE D 19 20.99 -2.92 29.48
C PHE D 19 19.62 -2.33 29.78
N ILE D 20 18.69 -3.20 30.16
CA ILE D 20 17.30 -2.82 30.37
C ILE D 20 17.14 -1.81 31.50
N SER D 21 17.71 -2.10 32.66
CA SER D 21 17.57 -1.22 33.83
C SER D 21 18.28 0.12 33.65
N ASN D 22 19.45 0.09 33.04
CA ASN D 22 20.17 1.33 32.77
C ASN D 22 19.40 2.24 31.80
N PHE D 23 18.81 1.67 30.76
CA PHE D 23 18.04 2.49 29.83
C PHE D 23 16.90 3.19 30.57
N TYR D 24 16.13 2.42 31.32
CA TYR D 24 14.96 2.95 32.01
C TYR D 24 15.30 4.00 33.04
N SER D 25 16.39 3.80 33.78
CA SER D 25 16.84 4.80 34.76
C SER D 25 17.23 6.13 34.12
N HIS D 26 17.68 6.08 32.87
CA HIS D 26 18.02 7.31 32.15
C HIS D 26 16.89 7.87 31.27
N SER D 27 15.76 7.17 31.17
CA SER D 27 14.71 7.58 30.26
C SER D 27 13.67 8.44 30.93
N ARG D 28 13.59 9.70 30.51
CA ARG D 28 12.63 10.63 31.06
C ARG D 28 11.23 10.23 30.64
N LEU D 29 11.13 9.65 29.45
CA LEU D 29 9.83 9.27 28.88
C LEU D 29 9.26 8.09 29.66
N HIS D 30 10.11 7.13 29.98
CA HIS D 30 9.73 6.06 30.87
C HIS D 30 9.32 6.62 32.24
N HIS D 31 10.04 7.63 32.71
CA HIS D 31 9.79 8.17 34.04
C HIS D 31 8.48 8.93 34.15
N ILE D 32 8.13 9.72 33.15
CA ILE D 32 6.88 10.47 33.18
C ILE D 32 5.69 9.56 32.95
N SER D 33 5.85 8.55 32.10
CA SER D 33 4.78 7.54 31.87
C SER D 33 4.43 6.76 33.13
N MET D 34 5.47 6.36 33.84
CA MET D 34 5.36 5.69 35.12
C MET D 34 4.71 6.60 36.13
N TRP D 35 5.06 7.89 36.09
CA TRP D 35 4.53 8.84 37.06
C TRP D 35 3.05 9.11 36.83
N LYS D 36 2.66 9.22 35.56
CA LYS D 36 1.26 9.34 35.20
C LYS D 36 0.48 8.24 35.90
N CYS D 37 0.96 7.00 35.78
CA CYS D 37 0.28 5.84 36.37
C CYS D 37 0.26 5.88 37.90
N GLU D 38 1.35 6.31 38.52
CA GLU D 38 1.40 6.39 39.98
C GLU D 38 0.39 7.39 40.52
N LEU D 39 0.26 8.51 39.81
CA LEU D 39 -0.63 9.59 40.24
C LEU D 39 -2.08 9.31 39.89
N THR D 40 -2.33 8.54 38.84
CA THR D 40 -3.67 8.08 38.51
C THR D 40 -4.14 7.05 39.54
N GLU D 41 -3.26 6.12 39.93
CA GLU D 41 -3.58 5.21 41.04
C GLU D 41 -3.77 5.99 42.31
N PHE D 42 -3.07 7.11 42.45
CA PHE D 42 -3.27 8.00 43.59
C PHE D 42 -4.67 8.63 43.58
N VAL D 43 -5.12 9.12 42.43
CA VAL D 43 -6.44 9.76 42.36
C VAL D 43 -7.53 8.74 42.68
N ASN D 44 -7.41 7.54 42.11
CA ASN D 44 -8.30 6.43 42.43
C ASN D 44 -8.44 6.22 43.92
N THR D 45 -7.29 6.11 44.60
CA THR D 45 -7.24 5.96 46.06
C THR D 45 -8.18 6.92 46.79
N LEU D 46 -8.18 8.18 46.37
CA LEU D 46 -8.99 9.23 47.00
C LEU D 46 -10.48 8.97 46.92
N GLN D 47 -10.92 8.46 45.77
CA GLN D 47 -12.32 8.10 45.55
C GLN D 47 -12.85 7.08 46.56
N ARG D 48 -11.98 6.18 47.01
CA ARG D 48 -12.34 5.17 48.01
C ARG D 48 -12.52 5.75 49.43
N GLN D 49 -11.97 6.95 49.65
CA GLN D 49 -12.18 7.72 50.90
C GLN D 49 -13.57 8.35 50.95
N SER D 50 -14.02 8.70 52.15
CA SER D 50 -15.36 9.25 52.40
C SER D 50 -15.41 10.35 53.46
N ASN D 51 -14.35 10.45 54.28
CA ASN D 51 -14.17 11.58 55.20
C ASN D 51 -14.28 12.91 54.45
N GLY D 52 -14.56 13.99 55.17
CA GLY D 52 -14.63 15.30 54.55
C GLY D 52 -13.49 16.21 54.99
N ILE D 53 -12.28 15.65 55.08
CA ILE D 53 -11.14 16.44 55.55
C ILE D 53 -10.41 17.08 54.37
N PHE D 54 -10.51 18.41 54.30
CA PHE D 54 -9.86 19.18 53.24
C PHE D 54 -9.16 20.41 53.82
N PRO D 55 -7.88 20.25 54.23
CA PRO D 55 -7.10 21.32 54.86
C PRO D 55 -7.06 22.58 54.02
N GLY D 56 -7.01 22.43 52.70
CA GLY D 56 -6.97 23.56 51.80
C GLY D 56 -8.24 24.38 51.82
N ARG D 57 -9.38 23.70 51.74
CA ARG D 57 -10.68 24.36 51.84
C ARG D 57 -10.89 24.93 53.26
N GLU D 58 -10.23 24.33 54.25
CA GLU D 58 -10.26 24.84 55.62
C GLU D 58 -9.57 26.20 55.69
N LYS D 59 -8.35 26.29 55.14
CA LYS D 59 -7.65 27.57 55.00
C LYS D 59 -8.47 28.57 54.15
N LEU D 60 -8.59 28.30 52.86
CA LEU D 60 -9.37 29.15 51.96
C LEU D 60 -10.86 28.89 52.12
N GLN D 87 -23.21 26.94 38.47
CA GLN D 87 -22.83 26.92 37.04
C GLN D 87 -21.48 26.23 36.86
N SER D 88 -21.42 25.26 35.96
CA SER D 88 -20.25 24.38 35.81
C SER D 88 -18.93 25.13 35.62
N CYS D 89 -17.90 24.73 36.37
CA CYS D 89 -16.63 25.47 36.34
C CYS D 89 -15.37 24.59 36.51
N ILE D 90 -14.54 24.55 35.46
CA ILE D 90 -13.39 23.65 35.44
C ILE D 90 -12.05 24.41 35.44
N MET D 91 -11.09 23.87 36.20
CA MET D 91 -9.76 24.45 36.39
C MET D 91 -8.64 23.51 35.90
N HIS D 92 -7.78 24.05 35.04
CA HIS D 92 -6.60 23.35 34.55
C HIS D 92 -5.34 23.93 35.20
N VAL D 93 -4.63 23.11 35.96
CA VAL D 93 -3.38 23.53 36.61
C VAL D 93 -2.18 22.88 35.91
N ASP D 94 -1.28 23.72 35.42
CA ASP D 94 -0.18 23.27 34.61
C ASP D 94 1.08 23.96 35.12
N MET D 95 2.05 23.16 35.55
CA MET D 95 3.31 23.67 36.04
C MET D 95 4.15 24.26 34.92
N ASP D 96 4.69 25.45 35.15
CA ASP D 96 5.57 26.11 34.16
C ASP D 96 6.90 25.38 33.93
N CYS D 97 7.27 25.16 32.66
CA CYS D 97 8.50 24.47 32.28
C CYS D 97 9.02 23.61 33.42
N PHE D 98 8.29 22.54 33.67
CA PHE D 98 8.40 21.76 34.89
C PHE D 98 9.85 21.41 35.28
N PHE D 99 10.54 20.70 34.40
CA PHE D 99 11.86 20.17 34.72
C PHE D 99 12.82 21.29 35.05
N VAL D 100 12.83 22.33 34.22
CA VAL D 100 13.68 23.51 34.44
C VAL D 100 13.39 24.11 35.82
N SER D 101 12.13 24.46 36.09
CA SER D 101 11.77 25.06 37.38
C SER D 101 12.30 24.30 38.59
N VAL D 102 12.12 22.97 38.58
CA VAL D 102 12.55 22.11 39.68
C VAL D 102 14.08 22.10 39.83
N GLY D 103 14.79 22.09 38.71
CA GLY D 103 16.26 22.02 38.69
C GLY D 103 16.99 23.29 39.10
N ILE D 104 16.41 24.44 38.80
CA ILE D 104 17.01 25.74 39.15
C ILE D 104 16.35 26.29 40.41
N ARG D 105 15.57 25.44 41.06
CA ARG D 105 14.80 25.81 42.24
C ARG D 105 15.72 26.25 43.39
N ASN D 106 16.93 25.70 43.43
CA ASN D 106 17.92 26.08 44.43
C ASN D 106 19.22 26.65 43.84
N ARG D 107 19.11 27.17 42.62
CA ARG D 107 20.25 27.74 41.92
C ARG D 107 19.94 29.16 41.48
N PRO D 108 20.26 30.15 42.33
CA PRO D 108 20.05 31.57 41.98
C PRO D 108 20.94 32.00 40.80
N ASP D 109 22.04 31.29 40.59
CA ASP D 109 22.90 31.48 39.44
C ASP D 109 22.16 31.45 38.08
N LEU D 110 20.98 30.85 38.05
CA LEU D 110 20.32 30.50 36.79
C LEU D 110 18.92 31.10 36.58
N LYS D 111 18.28 31.49 37.69
CA LYS D 111 16.99 32.16 37.61
C LYS D 111 17.08 33.37 36.69
N GLY D 112 16.27 33.37 35.64
CA GLY D 112 16.22 34.46 34.67
C GLY D 112 17.12 34.30 33.44
N LYS D 113 17.78 33.16 33.33
CA LYS D 113 18.71 32.91 32.23
C LYS D 113 18.17 31.83 31.30
N PRO D 114 18.61 31.84 30.01
CA PRO D 114 18.30 30.76 29.07
C PRO D 114 18.90 29.43 29.52
N VAL D 115 18.04 28.47 29.84
CA VAL D 115 18.43 27.20 30.43
C VAL D 115 17.61 26.06 29.81
N ALA D 116 18.21 24.89 29.69
CA ALA D 116 17.52 23.73 29.16
C ALA D 116 17.95 22.44 29.86
N VAL D 117 17.00 21.56 30.09
CA VAL D 117 17.29 20.26 30.66
C VAL D 117 17.58 19.29 29.53
N THR D 118 18.76 18.71 29.55
CA THR D 118 19.21 17.78 28.53
C THR D 118 20.34 16.91 29.09
N SER D 119 20.56 15.75 28.45
CA SER D 119 21.66 14.87 28.81
C SER D 119 23.02 15.40 28.35
N ASN D 120 23.01 16.30 27.37
CA ASN D 120 24.25 16.85 26.90
C ASN D 120 24.90 17.68 28.00
N ARG D 121 26.17 17.39 28.28
CA ARG D 121 26.91 18.05 29.35
C ARG D 121 26.95 19.58 29.22
N GLY D 122 26.67 20.11 28.03
CA GLY D 122 26.49 21.55 27.85
C GLY D 122 27.18 22.21 26.66
N THR D 123 28.00 21.45 25.95
CA THR D 123 28.75 21.97 24.80
C THR D 123 27.88 22.13 23.53
N GLY D 124 26.99 21.17 23.27
CA GLY D 124 26.17 21.22 22.06
C GLY D 124 26.83 20.49 20.92
N ARG D 125 28.06 20.05 21.15
CA ARG D 125 28.79 19.20 20.21
C ARG D 125 28.62 17.74 20.61
N ALA D 126 28.84 16.84 19.66
CA ALA D 126 28.84 15.40 19.85
C ALA D 126 29.91 14.82 18.93
N PRO D 127 30.45 13.64 19.26
CA PRO D 127 31.51 13.13 18.37
C PRO D 127 30.97 12.84 16.97
N LEU D 128 31.79 13.15 15.96
CA LEU D 128 31.50 12.81 14.58
C LEU D 128 31.34 11.29 14.40
N ARG D 129 30.27 10.90 13.70
CA ARG D 129 29.96 9.49 13.37
C ARG D 129 29.83 9.35 11.84
N PRO D 130 30.91 8.94 11.17
CA PRO D 130 31.08 9.02 9.71
C PRO D 130 29.89 8.59 8.84
N GLY D 131 29.27 7.45 9.15
CA GLY D 131 28.20 6.92 8.29
C GLY D 131 26.85 7.63 8.30
N ALA D 132 26.70 8.62 9.20
CA ALA D 132 25.39 9.22 9.46
C ALA D 132 24.99 10.30 8.44
N ASN D 133 23.72 10.29 8.08
CA ASN D 133 23.16 11.29 7.17
C ASN D 133 21.98 12.03 7.81
N PRO D 134 22.28 13.03 8.66
CA PRO D 134 21.22 13.73 9.40
C PRO D 134 20.21 14.43 8.48
N GLN D 135 20.71 15.03 7.40
CA GLN D 135 19.88 15.75 6.42
C GLN D 135 18.88 14.83 5.76
N LEU D 136 19.31 13.61 5.44
CA LEU D 136 18.43 12.60 4.87
C LEU D 136 17.31 12.30 5.88
N GLU D 137 17.68 12.02 7.12
CA GLU D 137 16.71 11.67 8.14
C GLU D 137 15.73 12.81 8.39
N TRP D 138 16.26 14.03 8.58
CA TRP D 138 15.46 15.25 8.76
C TRP D 138 14.53 15.54 7.58
N GLN D 139 14.98 15.20 6.37
CA GLN D 139 14.18 15.39 5.16
C GLN D 139 13.09 14.34 5.01
N TYR D 140 13.36 13.12 5.48
CA TYR D 140 12.39 12.04 5.41
C TYR D 140 11.19 12.33 6.32
N TYR D 141 11.49 12.86 7.50
CA TYR D 141 10.48 13.22 8.50
C TYR D 141 9.45 14.22 7.94
N GLN D 142 9.95 15.31 7.34
CA GLN D 142 9.08 16.27 6.67
C GLN D 142 8.59 15.75 5.29
N ASN D 143 8.02 14.56 5.30
CA ASN D 143 7.36 13.95 4.12
C ASN D 143 6.56 12.69 4.52
N ALA D 167 25.23 21.40 4.17
CA ALA D 167 24.07 21.26 5.04
C ALA D 167 24.36 20.37 6.25
N ASN D 168 24.52 19.06 6.01
CA ASN D 168 24.81 18.16 7.12
C ASN D 168 26.31 18.11 7.53
N GLY D 169 27.11 18.95 6.86
CA GLY D 169 28.49 19.22 7.30
C GLY D 169 28.53 19.68 8.76
N ILE D 170 27.83 20.77 9.06
CA ILE D 170 27.79 21.29 10.42
C ILE D 170 26.92 20.41 11.34
N ASP D 171 25.95 19.71 10.75
CA ASP D 171 25.12 18.76 11.46
C ASP D 171 25.90 17.58 12.00
N SER D 172 26.93 17.20 11.28
CA SER D 172 27.75 16.03 11.57
C SER D 172 28.35 16.04 12.97
N VAL D 173 28.46 17.20 13.60
CA VAL D 173 29.13 17.30 14.89
C VAL D 173 28.26 17.92 16.00
N LEU D 174 26.99 18.17 15.69
CA LEU D 174 26.06 18.72 16.69
C LEU D 174 25.32 17.65 17.50
N SER D 175 25.19 17.90 18.81
CA SER D 175 24.37 17.06 19.68
C SER D 175 22.97 16.87 19.13
N ARG D 176 22.44 15.66 19.25
CA ARG D 176 21.02 15.40 18.97
C ARG D 176 20.32 14.90 20.22
N ALA D 177 20.78 15.38 21.37
CA ALA D 177 20.11 15.14 22.62
C ALA D 177 18.87 16.00 22.63
N GLU D 178 17.76 15.42 23.07
CA GLU D 178 16.51 16.14 23.11
C GLU D 178 16.51 17.07 24.31
N ILE D 179 16.03 18.30 24.11
CA ILE D 179 15.73 19.21 25.21
C ILE D 179 14.41 18.73 25.82
N ALA D 180 14.42 18.45 27.11
CA ALA D 180 13.19 17.99 27.75
C ALA D 180 12.34 19.18 28.15
N SER D 181 13.00 20.25 28.57
CA SER D 181 12.32 21.44 29.00
C SER D 181 13.29 22.62 28.92
N CYS D 182 12.74 23.80 28.61
CA CYS D 182 13.55 25.01 28.52
C CYS D 182 12.84 26.18 29.18
N SER D 183 13.61 27.04 29.82
CA SER D 183 13.08 28.17 30.56
C SER D 183 12.42 29.16 29.61
N TYR D 184 11.65 30.08 30.17
CA TYR D 184 10.90 31.01 29.33
C TYR D 184 11.81 32.05 28.68
N GLU D 185 12.83 32.47 29.43
CA GLU D 185 13.90 33.30 28.91
C GLU D 185 14.55 32.64 27.70
N ALA D 186 14.58 31.31 27.68
CA ALA D 186 15.06 30.54 26.53
C ALA D 186 14.05 30.55 25.39
N ARG D 187 12.78 30.33 25.75
CA ARG D 187 11.67 30.29 24.79
C ARG D 187 11.44 31.65 24.12
N GLN D 188 11.46 32.72 24.91
CA GLN D 188 11.41 34.11 24.41
C GLN D 188 12.40 34.31 23.25
N LEU D 189 13.34 33.39 23.13
CA LEU D 189 14.50 33.50 22.26
C LEU D 189 14.41 32.52 21.09
N GLY D 190 13.28 31.83 20.92
CA GLY D 190 13.13 30.85 19.85
C GLY D 190 13.22 29.38 20.21
N ILE D 191 13.81 29.06 21.37
CA ILE D 191 13.98 27.66 21.80
C ILE D 191 12.65 26.96 22.19
N LYS D 192 12.53 25.67 21.87
CA LYS D 192 11.31 24.88 22.13
C LYS D 192 11.58 23.50 22.74
N ASN D 193 10.65 23.00 23.57
CA ASN D 193 10.75 21.62 24.07
C ASN D 193 10.83 20.61 22.93
N GLY D 194 11.70 19.62 23.05
CA GLY D 194 11.83 18.60 22.02
C GLY D 194 12.83 18.87 20.91
N MET D 195 13.22 20.14 20.77
CA MET D 195 14.28 20.59 19.88
C MET D 195 15.64 19.96 20.26
N PHE D 196 16.47 19.68 19.25
CA PHE D 196 17.80 19.11 19.51
C PHE D 196 18.75 20.15 20.07
N PHE D 197 19.39 19.82 21.18
CA PHE D 197 20.25 20.74 21.90
C PHE D 197 21.34 21.37 21.03
N GLY D 198 21.94 20.56 20.16
CA GLY D 198 22.93 21.05 19.22
C GLY D 198 22.39 22.24 18.45
N HIS D 199 21.18 22.09 17.92
CA HIS D 199 20.54 23.13 17.15
C HIS D 199 20.15 24.34 17.98
N ALA D 200 19.69 24.11 19.20
CA ALA D 200 19.24 25.19 20.08
C ALA D 200 20.41 26.03 20.53
N LYS D 201 21.59 25.43 20.51
CA LYS D 201 22.83 26.11 20.83
C LYS D 201 23.29 27.00 19.68
N GLN D 202 22.80 26.73 18.47
CA GLN D 202 23.06 27.60 17.32
C GLN D 202 22.22 28.85 17.42
N LEU D 203 20.97 28.67 17.82
CA LEU D 203 20.03 29.79 17.92
C LEU D 203 20.38 30.61 19.14
N CYS D 204 20.79 29.92 20.21
CA CYS D 204 21.16 30.57 21.44
C CYS D 204 22.48 30.02 22.00
N PRO D 205 23.61 30.65 21.67
CA PRO D 205 24.94 30.17 22.11
C PRO D 205 25.19 30.16 23.62
N ASN D 206 24.49 31.00 24.38
CA ASN D 206 24.64 31.08 25.83
C ASN D 206 23.80 30.07 26.59
N LEU D 207 23.01 29.28 25.85
CA LEU D 207 22.07 28.32 26.44
C LEU D 207 22.82 27.46 27.44
N GLN D 208 22.36 27.47 28.68
CA GLN D 208 23.00 26.69 29.72
C GLN D 208 22.28 25.36 29.84
N ALA D 209 23.04 24.29 30.03
CA ALA D 209 22.46 22.96 30.12
C ALA D 209 22.44 22.47 31.57
N VAL D 210 21.33 21.85 31.94
CA VAL D 210 21.16 21.29 33.29
C VAL D 210 20.78 19.82 33.14
N PRO D 211 21.41 18.94 33.96
CA PRO D 211 21.05 17.52 33.92
C PRO D 211 19.69 17.22 34.55
N TYR D 212 19.14 16.06 34.19
CA TYR D 212 17.94 15.53 34.79
C TYR D 212 18.11 15.22 36.27
N ASP D 213 17.08 15.53 37.04
CA ASP D 213 16.98 15.09 38.42
C ASP D 213 15.61 14.43 38.60
N PHE D 214 15.52 13.17 38.21
CA PHE D 214 14.26 12.43 38.19
C PHE D 214 13.60 12.27 39.55
N HIS D 215 14.40 12.09 40.59
CA HIS D 215 13.87 11.94 41.94
C HIS D 215 13.28 13.26 42.44
N ALA D 216 13.88 14.37 42.02
CA ALA D 216 13.37 15.67 42.39
C ALA D 216 12.02 15.96 41.71
N TYR D 217 11.90 15.59 40.44
CA TYR D 217 10.66 15.84 39.70
C TYR D 217 9.47 15.11 40.34
N LYS D 218 9.69 13.85 40.70
CA LYS D 218 8.69 12.99 41.32
C LYS D 218 8.20 13.58 42.63
N GLU D 219 9.15 14.04 43.45
CA GLU D 219 8.77 14.69 44.70
C GLU D 219 7.85 15.87 44.46
N VAL D 220 8.21 16.75 43.52
CA VAL D 220 7.37 17.90 43.22
C VAL D 220 6.02 17.45 42.65
N ALA D 221 6.03 16.46 41.76
CA ALA D 221 4.77 15.91 41.25
C ALA D 221 3.85 15.43 42.39
N GLN D 222 4.44 14.72 43.37
CA GLN D 222 3.70 14.26 44.55
C GLN D 222 3.10 15.41 45.35
N THR D 223 3.89 16.47 45.52
CA THR D 223 3.43 17.62 46.30
C THR D 223 2.23 18.28 45.65
N LEU D 224 2.29 18.38 44.32
CA LEU D 224 1.26 19.04 43.54
C LEU D 224 -0.09 18.36 43.74
N TYR D 225 -0.10 17.05 43.53
CA TYR D 225 -1.34 16.29 43.67
C TYR D 225 -1.81 16.25 45.11
N GLU D 226 -0.87 16.17 46.06
CA GLU D 226 -1.21 16.27 47.47
C GLU D 226 -1.83 17.63 47.79
N THR D 227 -1.31 18.67 47.16
CA THR D 227 -1.85 20.02 47.41
C THR D 227 -3.26 20.18 46.84
N LEU D 228 -3.48 19.72 45.62
CA LEU D 228 -4.81 19.77 45.02
C LEU D 228 -5.80 18.90 45.78
N ALA D 229 -5.34 17.73 46.20
CA ALA D 229 -6.16 16.79 46.95
C ALA D 229 -6.62 17.37 48.29
N SER D 230 -5.98 18.47 48.72
CA SER D 230 -6.37 19.13 49.96
C SER D 230 -7.53 20.11 49.81
N TYR D 231 -7.98 20.31 48.57
CA TYR D 231 -9.18 21.11 48.31
C TYR D 231 -10.36 20.22 47.93
N THR D 232 -10.06 19.12 47.24
CA THR D 232 -11.10 18.28 46.64
C THR D 232 -10.52 16.95 46.12
N HIS D 233 -11.38 15.94 46.03
CA HIS D 233 -11.04 14.67 45.41
C HIS D 233 -11.44 14.68 43.93
N ASN D 234 -12.05 15.78 43.50
CA ASN D 234 -12.57 15.90 42.14
C ASN D 234 -11.51 16.34 41.13
N ILE D 235 -10.58 15.42 40.88
CA ILE D 235 -9.36 15.66 40.13
C ILE D 235 -9.23 14.61 39.03
N GLU D 236 -8.71 15.02 37.87
CA GLU D 236 -8.26 14.06 36.86
C GLU D 236 -6.76 14.21 36.70
N ALA D 237 -6.04 13.11 36.86
CA ALA D 237 -4.61 13.12 36.62
C ALA D 237 -4.38 13.26 35.12
N VAL D 238 -3.62 14.28 34.72
CA VAL D 238 -3.32 14.47 33.31
C VAL D 238 -1.88 14.13 33.02
N SER D 239 -1.01 14.52 33.94
CA SER D 239 0.40 14.24 33.79
C SER D 239 1.03 14.54 35.13
N CYS D 240 2.35 14.38 35.22
CA CYS D 240 3.03 14.56 36.49
C CYS D 240 3.02 16.02 36.93
N ASP D 241 2.85 16.95 35.98
CA ASP D 241 2.83 18.37 36.33
C ASP D 241 1.54 19.10 35.94
N GLU D 242 0.49 18.35 35.65
CA GLU D 242 -0.70 18.92 35.01
C GLU D 242 -1.94 18.15 35.47
N ALA D 243 -2.98 18.88 35.86
CA ALA D 243 -4.20 18.25 36.38
C ALA D 243 -5.46 19.06 36.11
N LEU D 244 -6.58 18.37 36.00
CA LEU D 244 -7.87 19.01 35.88
C LEU D 244 -8.60 18.88 37.21
N VAL D 245 -9.19 19.96 37.67
CA VAL D 245 -10.06 19.87 38.84
C VAL D 245 -11.39 20.59 38.62
N ASP D 246 -12.47 19.85 38.87
CA ASP D 246 -13.84 20.38 38.85
C ASP D 246 -14.01 21.20 40.12
N ILE D 247 -14.19 22.51 39.99
CA ILE D 247 -14.23 23.36 41.18
C ILE D 247 -15.60 23.94 41.48
N THR D 248 -16.64 23.31 40.92
CA THR D 248 -18.01 23.81 41.02
C THR D 248 -18.54 23.69 42.45
N GLU D 249 -18.37 22.53 43.09
CA GLU D 249 -18.83 22.34 44.46
C GLU D 249 -18.00 23.11 45.48
N ILE D 250 -16.73 23.32 45.20
CA ILE D 250 -15.89 24.09 46.13
C ILE D 250 -16.17 25.60 46.09
N LEU D 251 -16.33 26.15 44.89
CA LEU D 251 -16.73 27.56 44.74
C LEU D 251 -18.09 27.84 45.35
N ALA D 252 -18.98 26.85 45.31
CA ALA D 252 -20.35 26.98 45.85
C ALA D 252 -20.44 26.97 47.39
N GLU D 253 -19.39 26.48 48.06
CA GLU D 253 -19.30 26.51 49.54
C GLU D 253 -18.46 27.69 49.99
N THR D 254 -17.28 27.83 49.40
CA THR D 254 -16.30 28.84 49.81
C THR D 254 -16.80 30.26 49.59
N LYS D 255 -17.79 30.41 48.72
CA LYS D 255 -18.23 31.73 48.27
C LYS D 255 -17.01 32.58 47.88
N LEU D 256 -16.25 32.09 46.90
CA LEU D 256 -15.14 32.82 46.32
C LEU D 256 -15.29 32.82 44.80
N THR D 257 -14.73 33.84 44.14
CA THR D 257 -14.80 33.89 42.68
C THR D 257 -13.73 32.97 42.11
N PRO D 258 -13.97 32.42 40.91
CA PRO D 258 -12.96 31.54 40.30
C PRO D 258 -11.56 32.15 40.40
N ASP D 259 -11.45 33.43 40.08
CA ASP D 259 -10.17 34.14 40.05
C ASP D 259 -9.50 34.21 41.42
N GLU D 260 -10.30 34.33 42.47
CA GLU D 260 -9.80 34.38 43.84
C GLU D 260 -9.31 33.01 44.27
N PHE D 261 -10.06 31.98 43.90
CA PHE D 261 -9.66 30.61 44.18
C PHE D 261 -8.38 30.22 43.44
N ALA D 262 -8.29 30.59 42.16
CA ALA D 262 -7.13 30.22 41.34
C ALA D 262 -5.86 30.88 41.85
N ASN D 263 -5.97 32.14 42.25
CA ASN D 263 -4.86 32.85 42.85
C ASN D 263 -4.38 32.14 44.11
N ALA D 264 -5.34 31.68 44.90
CA ALA D 264 -5.04 31.01 46.17
C ALA D 264 -4.27 29.71 45.99
N VAL D 265 -4.65 28.90 45.00
CA VAL D 265 -3.97 27.62 44.73
C VAL D 265 -2.59 27.80 44.11
N ARG D 266 -2.44 28.87 43.33
CA ARG D 266 -1.14 29.23 42.75
C ARG D 266 -0.14 29.60 43.82
N MET D 267 -0.60 30.31 44.85
CA MET D 267 0.27 30.70 45.95
C MET D 267 0.73 29.52 46.80
N GLU D 268 -0.20 28.62 47.14
CA GLU D 268 0.14 27.45 47.93
C GLU D 268 1.06 26.48 47.19
N ILE D 269 0.84 26.34 45.89
CA ILE D 269 1.75 25.54 45.05
C ILE D 269 3.18 26.11 45.15
N LYS D 270 3.30 27.42 44.98
CA LYS D 270 4.59 28.10 45.00
C LYS D 270 5.27 28.08 46.37
N ASP D 271 4.48 28.27 47.42
CA ASP D 271 5.02 28.25 48.79
C ASP D 271 5.37 26.81 49.20
N GLN D 272 4.79 25.84 48.51
CA GLN D 272 5.01 24.44 48.88
C GLN D 272 5.97 23.68 47.96
N THR D 273 6.26 24.24 46.77
CA THR D 273 7.21 23.61 45.84
C THR D 273 8.34 24.55 45.38
N LYS D 274 8.22 25.83 45.70
CA LYS D 274 9.11 26.87 45.16
C LYS D 274 9.09 26.93 43.63
N CYS D 275 8.11 26.26 43.02
CA CYS D 275 7.90 26.26 41.57
C CYS D 275 6.58 26.92 41.23
N ALA D 276 6.54 27.66 40.12
CA ALA D 276 5.30 28.35 39.71
C ALA D 276 4.41 27.53 38.79
N ALA D 277 3.11 27.68 38.98
CA ALA D 277 2.10 27.04 38.15
C ALA D 277 1.20 28.08 37.50
N SER D 278 0.81 27.83 36.26
CA SER D 278 -0.24 28.58 35.63
C SER D 278 -1.57 27.85 35.72
N VAL D 279 -2.66 28.62 35.65
CA VAL D 279 -4.01 28.11 35.79
C VAL D 279 -4.92 28.66 34.70
N GLY D 280 -5.62 27.77 34.02
CA GLY D 280 -6.73 28.14 33.15
C GLY D 280 -8.06 27.76 33.78
N ILE D 281 -9.09 28.56 33.51
CA ILE D 281 -10.43 28.33 34.06
C ILE D 281 -11.44 28.55 32.95
N GLY D 282 -12.39 27.60 32.84
CA GLY D 282 -13.44 27.64 31.81
C GLY D 282 -14.65 26.81 32.23
N SER D 283 -15.68 26.78 31.38
CA SER D 283 -16.93 26.13 31.77
C SER D 283 -16.89 24.65 31.42
N ASN D 284 -15.86 24.26 30.67
CA ASN D 284 -15.61 22.85 30.40
C ASN D 284 -14.11 22.60 30.33
N ILE D 285 -13.73 21.34 30.12
CA ILE D 285 -12.36 20.87 30.10
C ILE D 285 -11.56 21.44 28.93
N LEU D 286 -12.19 21.50 27.76
CA LEU D 286 -11.52 22.06 26.57
C LEU D 286 -11.16 23.52 26.80
N LEU D 287 -12.14 24.28 27.27
CA LEU D 287 -11.99 25.71 27.54
C LEU D 287 -10.93 26.02 28.59
N ALA D 288 -10.88 25.20 29.64
CA ALA D 288 -9.95 25.41 30.74
C ALA D 288 -8.50 25.23 30.26
N ARG D 289 -8.26 24.16 29.50
CA ARG D 289 -6.97 23.86 28.92
C ARG D 289 -6.44 24.98 28.02
N MET D 290 -7.31 25.53 27.18
CA MET D 290 -6.91 26.58 26.23
C MET D 290 -6.63 27.90 26.93
N ALA D 291 -7.39 28.15 27.99
CA ALA D 291 -7.17 29.32 28.86
C ALA D 291 -5.79 29.30 29.51
N THR D 292 -5.24 28.10 29.73
CA THR D 292 -3.92 27.97 30.34
C THR D 292 -2.83 28.48 29.40
N ARG D 293 -2.95 28.16 28.11
CA ARG D 293 -2.05 28.70 27.10
C ARG D 293 -1.96 30.23 27.19
N LYS D 294 -3.09 30.87 27.47
CA LYS D 294 -3.16 32.32 27.60
C LYS D 294 -2.55 32.79 28.93
N ALA D 295 -2.62 31.93 29.95
CA ALA D 295 -2.17 32.27 31.31
C ALA D 295 -0.66 32.18 31.48
N LYS D 296 -0.02 31.34 30.68
CA LYS D 296 1.40 31.04 30.80
C LYS D 296 2.23 32.21 30.28
N PRO D 297 3.27 32.61 31.02
CA PRO D 297 3.81 32.03 32.25
C PRO D 297 3.39 32.69 33.57
N ASP D 298 3.40 31.90 34.64
CA ASP D 298 3.23 32.39 36.01
C ASP D 298 2.03 33.31 36.14
N GLY D 299 0.92 32.92 35.53
CA GLY D 299 -0.30 33.73 35.56
C GLY D 299 -1.54 32.88 35.56
N GLN D 300 -2.67 33.55 35.35
CA GLN D 300 -3.95 32.87 35.31
C GLN D 300 -4.94 33.57 34.38
N TYR D 301 -5.83 32.80 33.79
CA TYR D 301 -6.82 33.34 32.87
C TYR D 301 -8.15 32.62 33.00
N HIS D 302 -9.19 33.37 33.30
CA HIS D 302 -10.56 32.88 33.30
C HIS D 302 -11.22 33.27 31.98
N LEU D 303 -11.45 32.26 31.14
CA LEU D 303 -12.18 32.43 29.88
C LEU D 303 -13.68 32.38 30.11
N LYS D 304 -14.30 33.55 30.16
CA LYS D 304 -15.72 33.69 30.47
C LYS D 304 -16.57 33.46 29.20
N PRO D 305 -17.87 33.14 29.36
CA PRO D 305 -18.72 32.80 28.21
C PRO D 305 -18.80 33.89 27.12
N GLU D 306 -18.79 35.15 27.55
CA GLU D 306 -18.84 36.29 26.63
C GLU D 306 -17.63 36.38 25.68
N GLU D 307 -16.49 35.82 26.10
CA GLU D 307 -15.25 35.90 25.33
C GLU D 307 -14.92 34.61 24.55
N VAL D 308 -15.68 33.55 24.80
CA VAL D 308 -15.46 32.23 24.18
C VAL D 308 -15.54 32.27 22.66
N ASP D 309 -16.59 32.90 22.16
CA ASP D 309 -16.87 32.92 20.73
C ASP D 309 -15.70 33.44 19.91
N ASP D 310 -15.13 34.58 20.32
CA ASP D 310 -14.01 35.20 19.62
C ASP D 310 -12.68 34.49 19.86
N PHE D 311 -12.45 34.05 21.10
CA PHE D 311 -11.22 33.33 21.47
C PHE D 311 -10.99 32.12 20.55
N ILE D 312 -12.00 31.29 20.39
CA ILE D 312 -11.82 30.02 19.68
C ILE D 312 -11.68 30.15 18.16
N ARG D 313 -12.36 31.13 17.59
CA ARG D 313 -12.36 31.35 16.14
C ARG D 313 -10.93 31.47 15.59
N GLY D 314 -10.08 32.21 16.31
CA GLY D 314 -8.67 32.43 15.92
C GLY D 314 -7.65 31.49 16.53
N GLN D 315 -8.10 30.40 17.15
CA GLN D 315 -7.16 29.39 17.63
C GLN D 315 -6.74 28.50 16.48
N LEU D 316 -5.44 28.22 16.42
CA LEU D 316 -4.91 27.25 15.49
C LEU D 316 -5.48 25.88 15.82
N VAL D 317 -5.86 25.15 14.78
CA VAL D 317 -6.51 23.86 14.97
C VAL D 317 -5.61 22.80 15.65
N THR D 318 -4.30 22.96 15.51
CA THR D 318 -3.33 22.04 16.13
C THR D 318 -3.32 22.10 17.66
N ASN D 319 -3.85 23.18 18.22
CA ASN D 319 -3.91 23.37 19.68
C ASN D 319 -5.17 22.81 20.33
N LEU D 320 -6.02 22.18 19.53
CA LEU D 320 -7.09 21.37 20.08
C LEU D 320 -6.50 20.03 20.54
N PRO D 321 -6.88 19.55 21.73
CA PRO D 321 -6.55 18.19 22.15
C PRO D 321 -6.96 17.17 21.09
N GLY D 322 -6.06 16.25 20.78
CA GLY D 322 -6.37 15.18 19.84
C GLY D 322 -5.96 15.45 18.41
N VAL D 323 -5.62 16.71 18.12
CA VAL D 323 -5.13 17.12 16.80
C VAL D 323 -3.60 17.25 16.83
N GLY D 324 -2.93 16.28 16.21
CA GLY D 324 -1.48 16.30 16.08
C GLY D 324 -1.06 16.58 14.66
N HIS D 325 0.20 16.26 14.36
CA HIS D 325 0.80 16.59 13.05
C HIS D 325 0.07 15.95 11.88
N SER D 326 -0.32 14.69 12.04
CA SER D 326 -1.02 13.96 10.99
C SER D 326 -2.42 14.51 10.69
N MET D 327 -3.09 15.11 11.66
CA MET D 327 -4.36 15.76 11.40
C MET D 327 -4.16 17.20 10.90
N GLU D 328 -3.23 17.93 11.54
CA GLU D 328 -2.77 19.24 11.10
C GLU D 328 -2.61 19.22 9.57
N SER D 329 -1.86 18.24 9.09
CA SER D 329 -1.58 18.08 7.67
C SER D 329 -2.83 17.88 6.83
N LYS D 330 -3.68 16.93 7.23
CA LYS D 330 -4.92 16.69 6.52
C LYS D 330 -5.81 17.94 6.51
N LEU D 331 -5.82 18.68 7.63
CA LEU D 331 -6.62 19.91 7.76
C LEU D 331 -6.07 21.08 6.94
N ALA D 332 -4.75 21.26 6.96
CA ALA D 332 -4.09 22.27 6.12
C ALA D 332 -4.36 22.02 4.63
N SER D 333 -4.38 20.76 4.24
CA SER D 333 -4.62 20.40 2.83
C SER D 333 -6.07 20.60 2.41
N LEU D 334 -6.93 20.96 3.35
CA LEU D 334 -8.31 21.32 3.01
C LEU D 334 -8.56 22.82 3.09
N GLY D 335 -7.58 23.56 3.61
CA GLY D 335 -7.68 25.01 3.73
C GLY D 335 -8.02 25.44 5.15
N ILE D 336 -8.07 24.48 6.06
CA ILE D 336 -8.37 24.78 7.46
C ILE D 336 -7.08 24.96 8.24
N LYS D 337 -6.94 26.14 8.86
CA LYS D 337 -5.80 26.45 9.72
C LYS D 337 -6.26 26.85 11.13
N THR D 338 -7.32 27.66 11.20
CA THR D 338 -7.92 28.06 12.46
C THR D 338 -9.23 27.30 12.71
N CYS D 339 -9.65 27.30 13.96
CA CYS D 339 -10.96 26.76 14.33
C CYS D 339 -12.10 27.46 13.59
N GLY D 340 -11.93 28.76 13.35
CA GLY D 340 -12.87 29.53 12.53
C GLY D 340 -13.08 28.94 11.14
N ASP D 341 -11.99 28.51 10.49
CA ASP D 341 -12.08 27.87 9.18
C ASP D 341 -12.81 26.54 9.29
N LEU D 342 -12.65 25.89 10.44
CA LEU D 342 -13.20 24.56 10.67
C LEU D 342 -14.72 24.59 10.84
N GLN D 343 -15.21 25.67 11.45
CA GLN D 343 -16.63 25.87 11.69
C GLN D 343 -17.50 25.79 10.42
N TYR D 344 -16.86 25.97 9.26
CA TYR D 344 -17.58 25.98 7.99
C TYR D 344 -17.83 24.58 7.43
N MET D 345 -17.21 23.57 8.03
CA MET D 345 -17.41 22.18 7.62
C MET D 345 -18.62 21.56 8.32
N THR D 346 -19.46 20.90 7.54
CA THR D 346 -20.57 20.10 8.05
C THR D 346 -20.09 18.91 8.88
N MET D 347 -20.95 18.45 9.80
CA MET D 347 -20.72 17.23 10.56
C MET D 347 -20.51 16.09 9.57
N ALA D 348 -21.35 16.04 8.54
CA ALA D 348 -21.30 15.01 7.50
C ALA D 348 -19.92 14.91 6.83
N LYS D 349 -19.43 16.03 6.28
CA LYS D 349 -18.12 16.06 5.58
C LYS D 349 -16.90 15.85 6.49
N LEU D 350 -17.04 16.21 7.76
CA LEU D 350 -16.00 15.99 8.75
C LEU D 350 -15.98 14.52 9.16
N GLN D 351 -17.17 13.94 9.35
CA GLN D 351 -17.27 12.53 9.74
C GLN D 351 -16.77 11.60 8.64
N LYS D 352 -17.11 11.89 7.39
CA LYS D 352 -16.61 11.10 6.26
C LYS D 352 -15.11 11.29 6.05
N GLU D 353 -14.60 12.49 6.31
CA GLU D 353 -13.17 12.77 6.13
C GLU D 353 -12.26 12.35 7.29
N PHE D 354 -12.74 12.34 8.52
CA PHE D 354 -11.89 11.99 9.67
C PHE D 354 -12.35 10.79 10.49
N GLY D 355 -13.55 10.29 10.22
CA GLY D 355 -14.12 9.22 11.02
C GLY D 355 -15.31 9.70 11.83
N PRO D 356 -16.18 8.77 12.24
CA PRO D 356 -17.33 9.10 13.08
C PRO D 356 -16.92 9.91 14.33
N LYS D 357 -16.14 9.29 15.21
CA LYS D 357 -15.80 9.90 16.49
C LYS D 357 -14.92 11.15 16.38
N THR D 358 -13.92 11.14 15.50
CA THR D 358 -12.97 12.26 15.31
C THR D 358 -13.65 13.49 14.70
N GLY D 359 -14.46 13.27 13.67
CA GLY D 359 -15.21 14.32 13.00
C GLY D 359 -16.15 15.06 13.93
N GLN D 360 -16.89 14.29 14.73
CA GLN D 360 -17.81 14.88 15.70
C GLN D 360 -17.06 15.76 16.66
N MET D 361 -15.92 15.25 17.12
CA MET D 361 -15.08 15.94 18.06
C MET D 361 -14.53 17.26 17.44
N LEU D 362 -14.17 17.22 16.17
CA LEU D 362 -13.68 18.40 15.47
C LEU D 362 -14.78 19.47 15.36
N TYR D 363 -15.97 19.05 14.94
CA TYR D 363 -17.11 19.94 14.82
C TYR D 363 -17.40 20.66 16.15
N ARG D 364 -17.36 19.90 17.24
CA ARG D 364 -17.70 20.47 18.54
C ARG D 364 -16.59 21.32 19.12
N PHE D 365 -15.37 20.79 19.10
CA PHE D 365 -14.22 21.46 19.71
C PHE D 365 -13.95 22.83 19.12
N CYS D 366 -14.16 22.99 17.81
CA CYS D 366 -13.89 24.26 17.15
C CYS D 366 -15.00 25.28 17.39
N ARG D 367 -16.08 24.82 18.03
CA ARG D 367 -17.17 25.68 18.46
C ARG D 367 -17.11 25.87 19.97
N GLY D 368 -16.09 25.30 20.62
CA GLY D 368 -15.96 25.39 22.08
C GLY D 368 -16.85 24.43 22.88
N LEU D 369 -17.45 23.47 22.19
CA LEU D 369 -18.33 22.48 22.82
C LEU D 369 -17.55 21.29 23.38
N ASP D 370 -17.88 20.89 24.61
CA ASP D 370 -17.20 19.78 25.31
C ASP D 370 -18.00 19.38 26.54
N ASP D 371 -18.40 18.10 26.60
CA ASP D 371 -19.27 17.59 27.66
C ASP D 371 -18.58 16.56 28.58
N ARG D 372 -17.34 16.21 28.25
CA ARG D 372 -16.52 15.34 29.08
C ARG D 372 -16.49 15.86 30.52
N PRO D 373 -16.84 14.99 31.50
CA PRO D 373 -16.60 15.35 32.90
C PRO D 373 -15.18 15.01 33.26
N VAL D 374 -14.71 15.50 34.40
CA VAL D 374 -13.41 15.10 34.90
C VAL D 374 -13.55 13.64 35.34
N ARG D 375 -12.82 12.75 34.65
CA ARG D 375 -12.87 11.32 34.91
C ARG D 375 -11.89 11.00 36.03
N THR D 376 -12.45 10.61 37.17
CA THR D 376 -11.69 10.53 38.40
C THR D 376 -11.25 9.11 38.77
N GLU D 377 -11.74 8.11 38.06
CA GLU D 377 -11.28 6.75 38.23
C GLU D 377 -10.93 6.10 36.88
N LYS D 378 -9.70 5.60 36.75
CA LYS D 378 -9.28 4.92 35.52
C LYS D 378 -8.85 3.48 35.76
N GLU D 379 -9.19 2.60 34.83
CA GLU D 379 -8.80 1.20 34.92
C GLU D 379 -7.75 0.91 33.85
N ARG D 380 -6.57 0.47 34.30
CA ARG D 380 -5.51 -0.03 33.41
C ARG D 380 -6.05 -1.08 32.43
N LYS D 381 -5.87 -0.86 31.14
CA LYS D 381 -6.30 -1.85 30.13
C LYS D 381 -5.12 -2.59 29.50
N SER D 382 -3.92 -2.00 29.57
CA SER D 382 -2.76 -2.63 28.97
C SER D 382 -1.49 -2.44 29.81
N VAL D 383 -0.55 -3.37 29.68
CA VAL D 383 0.75 -3.26 30.31
C VAL D 383 1.78 -3.56 29.24
N SER D 384 2.75 -2.66 29.09
CA SER D 384 3.74 -2.76 28.04
C SER D 384 5.15 -2.48 28.54
N ALA D 385 6.13 -2.86 27.73
CA ALA D 385 7.50 -2.46 27.94
C ALA D 385 8.16 -2.43 26.59
N GLU D 386 8.79 -1.31 26.29
CA GLU D 386 9.48 -1.14 25.02
C GLU D 386 10.71 -0.27 25.16
N ILE D 387 11.76 -0.70 24.48
CA ILE D 387 12.97 0.06 24.30
C ILE D 387 13.18 0.16 22.80
N ASN D 388 13.01 1.36 22.26
CA ASN D 388 13.29 1.58 20.84
C ASN D 388 14.52 2.47 20.71
N TYR D 389 15.43 2.34 21.66
CA TYR D 389 16.67 3.07 21.70
C TYR D 389 17.82 2.12 22.08
N GLY D 390 18.92 2.20 21.34
CA GLY D 390 20.11 1.41 21.62
C GLY D 390 20.00 -0.08 21.30
N ILE D 391 19.12 -0.43 20.36
CA ILE D 391 18.95 -1.81 19.95
C ILE D 391 19.88 -2.12 18.77
N ARG D 392 20.89 -2.95 19.04
CA ARG D 392 21.86 -3.40 18.04
C ARG D 392 22.19 -4.87 18.33
N PHE D 393 21.85 -5.76 17.40
CA PHE D 393 22.24 -7.17 17.49
C PHE D 393 22.85 -7.64 16.19
N THR D 394 23.78 -8.59 16.30
CA THR D 394 24.35 -9.24 15.13
C THR D 394 23.78 -10.66 14.99
N GLN D 395 23.28 -11.21 16.10
CA GLN D 395 22.95 -12.63 16.16
C GLN D 395 21.56 -12.94 16.75
N PRO D 396 20.84 -13.89 16.13
CA PRO D 396 19.51 -14.30 16.60
C PRO D 396 19.53 -14.77 18.04
N LYS D 397 20.64 -15.41 18.44
CA LYS D 397 20.89 -15.78 19.83
C LYS D 397 20.80 -14.57 20.74
N GLU D 398 21.45 -13.47 20.36
CA GLU D 398 21.46 -12.23 21.15
C GLU D 398 20.08 -11.59 21.28
N ALA D 399 19.35 -11.55 20.18
CA ALA D 399 18.01 -10.95 20.16
C ALA D 399 17.06 -11.72 21.06
N GLU D 400 17.06 -13.05 20.90
CA GLU D 400 16.20 -13.96 21.65
C GLU D 400 16.46 -13.90 23.15
N ALA D 401 17.73 -13.77 23.52
CA ALA D 401 18.14 -13.63 24.91
C ALA D 401 17.53 -12.35 25.46
N PHE D 402 17.60 -11.29 24.67
CA PHE D 402 16.96 -10.05 25.02
C PHE D 402 15.43 -10.18 25.19
N LEU D 403 14.76 -10.90 24.30
CA LEU D 403 13.30 -11.02 24.41
C LEU D 403 12.95 -11.67 25.74
N LEU D 404 13.84 -12.53 26.22
CA LEU D 404 13.63 -13.24 27.48
C LEU D 404 13.79 -12.30 28.66
N SER D 405 14.84 -11.49 28.63
CA SER D 405 15.07 -10.46 29.64
C SER D 405 13.93 -9.45 29.68
N LEU D 406 13.47 -9.02 28.51
CA LEU D 406 12.38 -8.06 28.43
C LEU D 406 11.07 -8.71 28.92
N SER D 407 11.02 -10.04 28.83
CA SER D 407 9.89 -10.79 29.34
C SER D 407 9.82 -10.75 30.86
N GLU D 408 10.97 -10.88 31.51
CA GLU D 408 11.02 -10.81 32.97
C GLU D 408 10.61 -9.43 33.49
N GLU D 409 10.94 -8.40 32.72
CA GLU D 409 10.59 -7.02 33.06
C GLU D 409 9.09 -6.82 32.95
N ILE D 410 8.46 -7.51 31.99
CA ILE D 410 7.01 -7.49 31.83
C ILE D 410 6.35 -8.22 32.98
N GLN D 411 7.00 -9.28 33.48
CA GLN D 411 6.53 -9.97 34.69
C GLN D 411 6.51 -9.00 35.87
N ARG D 412 7.65 -8.32 36.10
CA ARG D 412 7.76 -7.34 37.18
C ARG D 412 6.63 -6.33 37.12
N ARG D 413 6.33 -5.88 35.90
CA ARG D 413 5.32 -4.84 35.67
C ARG D 413 3.88 -5.32 35.87
N LEU D 414 3.59 -6.56 35.50
CA LEU D 414 2.28 -7.14 35.78
C LEU D 414 2.10 -7.34 37.28
N GLU D 415 3.17 -7.76 37.96
CA GLU D 415 3.19 -7.87 39.42
C GLU D 415 2.99 -6.51 40.08
N ALA D 416 3.60 -5.48 39.51
CA ALA D 416 3.43 -4.11 40.00
C ALA D 416 1.95 -3.68 39.97
N THR D 417 1.29 -3.89 38.83
CA THR D 417 -0.11 -3.53 38.65
C THR D 417 -1.07 -4.52 39.30
N GLY D 418 -0.56 -5.69 39.67
CA GLY D 418 -1.39 -6.79 40.16
C GLY D 418 -2.30 -7.33 39.06
N MET D 419 -1.73 -7.66 37.91
CA MET D 419 -2.52 -8.13 36.77
C MET D 419 -1.93 -9.38 36.12
N LYS D 420 -2.77 -10.03 35.32
CA LYS D 420 -2.34 -11.06 34.38
C LYS D 420 -2.95 -10.74 33.02
N GLY D 421 -2.35 -11.26 31.95
CA GLY D 421 -2.83 -10.99 30.59
C GLY D 421 -3.02 -12.21 29.71
N LYS D 422 -4.10 -12.22 28.95
CA LYS D 422 -4.37 -13.28 27.98
C LYS D 422 -3.71 -13.01 26.63
N ARG D 423 -3.48 -11.73 26.30
CA ARG D 423 -3.04 -11.35 24.97
C ARG D 423 -1.64 -10.74 24.95
N LEU D 424 -0.79 -11.23 24.05
CA LEU D 424 0.60 -10.78 23.96
C LEU D 424 0.91 -10.29 22.56
N THR D 425 1.65 -9.19 22.49
CA THR D 425 2.02 -8.59 21.21
C THR D 425 3.51 -8.30 21.20
N LEU D 426 4.17 -8.68 20.11
CA LEU D 426 5.58 -8.37 19.92
C LEU D 426 5.65 -7.36 18.82
N LYS D 427 6.36 -6.27 19.07
CA LYS D 427 6.51 -5.24 18.07
C LYS D 427 7.98 -4.97 17.89
N ILE D 428 8.49 -5.22 16.70
CA ILE D 428 9.89 -5.00 16.36
C ILE D 428 10.02 -3.85 15.35
N MET D 429 10.85 -2.86 15.69
CA MET D 429 11.21 -1.83 14.73
C MET D 429 12.37 -2.33 13.89
N VAL D 430 12.26 -2.15 12.59
CA VAL D 430 13.27 -2.66 11.67
C VAL D 430 13.62 -1.57 10.64
N ARG D 431 14.91 -1.39 10.36
CA ARG D 431 15.38 -0.36 9.43
C ARG D 431 14.66 -0.47 8.10
N LYS D 432 14.05 0.63 7.65
CA LYS D 432 13.41 0.65 6.31
C LYS D 432 14.46 0.41 5.22
N PRO D 433 14.12 -0.40 4.20
CA PRO D 433 15.14 -0.75 3.21
C PRO D 433 15.63 0.49 2.47
N GLY D 434 16.95 0.73 2.50
CA GLY D 434 17.52 1.92 1.89
C GLY D 434 18.00 2.96 2.88
N ALA D 435 17.39 2.99 4.06
CA ALA D 435 17.78 3.93 5.12
C ALA D 435 19.23 3.70 5.56
N PRO D 436 19.91 4.74 6.09
CA PRO D 436 21.29 4.56 6.50
C PRO D 436 21.44 3.67 7.74
N VAL D 437 22.45 2.80 7.72
CA VAL D 437 22.72 1.89 8.83
C VAL D 437 23.17 2.63 10.10
N GLU D 438 23.89 3.75 9.92
CA GLU D 438 24.36 4.58 11.02
C GLU D 438 23.38 5.72 11.25
N THR D 439 22.67 5.66 12.37
CA THR D 439 21.57 6.59 12.65
C THR D 439 22.05 7.99 13.00
N ALA D 440 21.28 9.01 12.63
CA ALA D 440 21.67 10.39 12.88
C ALA D 440 21.75 10.73 14.37
N LYS D 441 20.78 10.23 15.15
CA LYS D 441 20.88 10.27 16.61
C LYS D 441 21.63 9.05 17.12
N PHE D 442 22.47 9.25 18.13
CA PHE D 442 23.30 8.17 18.64
C PHE D 442 22.43 7.16 19.40
N GLY D 443 22.44 5.91 18.96
CA GLY D 443 21.60 4.88 19.57
C GLY D 443 20.16 4.90 19.09
N GLY D 444 19.84 5.81 18.18
CA GLY D 444 18.44 5.97 17.76
C GLY D 444 17.96 4.84 16.87
N HIS D 445 16.66 4.68 16.72
CA HIS D 445 16.17 3.62 15.87
C HIS D 445 16.27 3.99 14.40
N GLY D 446 16.41 5.28 14.11
CA GLY D 446 16.47 5.78 12.75
C GLY D 446 15.16 5.60 12.01
N ILE D 447 15.22 5.57 10.68
CA ILE D 447 14.02 5.41 9.87
C ILE D 447 13.66 3.92 9.80
N CYS D 448 12.41 3.60 10.14
CA CYS D 448 11.99 2.21 10.30
C CYS D 448 10.61 1.87 9.76
N ASP D 449 10.41 0.56 9.55
CA ASP D 449 9.11 -0.08 9.47
C ASP D 449 8.83 -0.83 10.79
N ASN D 450 7.56 -1.09 11.05
CA ASN D 450 7.14 -1.95 12.14
C ASN D 450 6.72 -3.33 11.61
N ILE D 451 7.02 -4.36 12.39
CA ILE D 451 6.46 -5.69 12.17
C ILE D 451 5.87 -6.12 13.52
N ALA D 452 4.68 -6.74 13.50
CA ALA D 452 3.98 -7.11 14.74
C ALA D 452 3.33 -8.49 14.68
N ARG D 453 3.21 -9.15 15.82
CA ARG D 453 2.45 -10.40 15.93
C ARG D 453 1.60 -10.35 17.19
N THR D 454 0.50 -11.09 17.21
CA THR D 454 -0.33 -11.16 18.41
C THR D 454 -0.71 -12.61 18.71
N VAL D 455 -0.64 -13.00 19.99
CA VAL D 455 -1.17 -14.32 20.41
C VAL D 455 -2.14 -14.23 21.60
N THR D 456 -3.01 -15.23 21.69
CA THR D 456 -3.92 -15.35 22.82
C THR D 456 -3.66 -16.66 23.54
N LEU D 457 -3.75 -16.63 24.85
CA LEU D 457 -3.54 -17.82 25.67
C LEU D 457 -4.86 -18.32 26.24
N ASP D 458 -4.87 -19.57 26.70
CA ASP D 458 -6.06 -20.15 27.33
C ASP D 458 -6.35 -19.46 28.66
N GLN D 459 -5.29 -19.11 29.38
CA GLN D 459 -5.39 -18.53 30.70
C GLN D 459 -4.49 -17.33 30.81
N ALA D 460 -4.95 -16.33 31.55
CA ALA D 460 -4.17 -15.15 31.92
C ALA D 460 -2.91 -15.56 32.68
N THR D 461 -1.82 -14.86 32.40
CA THR D 461 -0.54 -15.20 33.00
C THR D 461 0.29 -13.97 33.31
N ASP D 462 1.28 -14.17 34.16
CA ASP D 462 2.25 -13.17 34.50
C ASP D 462 3.62 -13.85 34.49
N ASN D 463 3.62 -15.15 34.20
CA ASN D 463 4.84 -15.94 34.17
C ASN D 463 5.72 -15.57 33.00
N ALA D 464 6.96 -15.19 33.32
CA ALA D 464 7.92 -14.73 32.32
C ALA D 464 8.40 -15.86 31.43
N LYS D 465 8.50 -17.07 31.98
CA LYS D 465 8.88 -18.24 31.17
C LYS D 465 7.88 -18.44 30.04
N ILE D 466 6.59 -18.44 30.39
CA ILE D 466 5.53 -18.61 29.38
C ILE D 466 5.47 -17.42 28.42
N ILE D 467 5.54 -16.20 28.94
CA ILE D 467 5.61 -14.99 28.08
C ILE D 467 6.90 -14.96 27.25
N GLY D 468 8.00 -15.35 27.86
CA GLY D 468 9.27 -15.48 27.16
C GLY D 468 9.11 -16.36 25.95
N LYS D 469 8.64 -17.58 26.19
CA LYS D 469 8.48 -18.58 25.14
C LYS D 469 7.54 -18.13 24.03
N ALA D 470 6.44 -17.47 24.39
CA ALA D 470 5.50 -17.01 23.38
C ALA D 470 6.13 -15.93 22.49
N MET D 471 7.02 -15.12 23.06
CA MET D 471 7.75 -14.09 22.31
C MET D 471 8.67 -14.72 21.27
N LEU D 472 9.40 -15.75 21.66
CA LEU D 472 10.25 -16.52 20.75
C LEU D 472 9.48 -17.14 19.57
N ASN D 473 8.26 -17.61 19.82
CA ASN D 473 7.44 -18.20 18.77
C ASN D 473 6.94 -17.20 17.72
N MET D 474 6.55 -16.00 18.16
CA MET D 474 6.13 -14.93 17.27
C MET D 474 7.32 -14.41 16.47
N PHE D 475 8.50 -14.44 17.11
CA PHE D 475 9.73 -13.92 16.55
C PHE D 475 10.13 -14.74 15.33
N HIS D 476 10.13 -16.05 15.48
CA HIS D 476 10.50 -16.95 14.41
C HIS D 476 9.57 -16.85 13.21
N THR D 477 8.33 -16.42 13.42
CA THR D 477 7.40 -16.25 12.29
C THR D 477 7.68 -14.94 11.53
N MET D 478 8.55 -14.09 12.08
CA MET D 478 8.94 -12.83 11.46
C MET D 478 10.12 -13.03 10.51
N LYS D 479 10.09 -12.34 9.36
CA LYS D 479 11.25 -12.33 8.44
C LYS D 479 11.94 -10.98 8.51
N LEU D 480 13.23 -11.00 8.86
CA LEU D 480 14.05 -9.81 9.04
C LEU D 480 15.49 -10.22 9.24
N ASN D 481 16.42 -9.35 8.88
CA ASN D 481 17.81 -9.58 9.26
C ASN D 481 18.00 -9.00 10.66
N ILE D 482 18.76 -9.70 11.49
CA ILE D 482 18.92 -9.33 12.88
C ILE D 482 19.62 -7.97 13.04
N SER D 483 20.55 -7.68 12.14
CA SER D 483 21.31 -6.43 12.19
C SER D 483 20.50 -5.21 11.73
N ASP D 484 19.27 -5.43 11.28
CA ASP D 484 18.36 -4.34 10.95
C ASP D 484 17.36 -4.01 12.09
N MET D 485 17.40 -4.78 13.17
CA MET D 485 16.56 -4.56 14.35
C MET D 485 16.94 -3.26 15.05
N ARG D 486 15.94 -2.44 15.35
CA ARG D 486 16.16 -1.10 15.89
C ARG D 486 15.30 -0.82 17.13
N GLY D 487 14.34 -1.69 17.39
CA GLY D 487 13.47 -1.55 18.56
C GLY D 487 12.64 -2.78 18.79
N VAL D 488 12.19 -2.96 20.04
CA VAL D 488 11.42 -4.13 20.44
C VAL D 488 10.54 -3.78 21.62
N GLY D 489 9.26 -4.14 21.53
CA GLY D 489 8.32 -3.98 22.64
C GLY D 489 7.37 -5.16 22.84
N ILE D 490 7.10 -5.47 24.10
CA ILE D 490 6.06 -6.42 24.46
C ILE D 490 4.88 -5.64 25.02
N HIS D 491 3.67 -6.01 24.59
CA HIS D 491 2.43 -5.33 24.98
C HIS D 491 1.44 -6.41 25.42
N VAL D 492 0.92 -6.29 26.64
CA VAL D 492 -0.09 -7.24 27.08
C VAL D 492 -1.44 -6.56 27.25
N ASN D 493 -2.51 -7.24 26.82
CA ASN D 493 -3.86 -6.83 27.18
C ASN D 493 -4.78 -8.03 27.44
N GLN D 494 -6.08 -7.79 27.42
CA GLN D 494 -7.07 -8.73 27.96
C GLN D 494 -6.63 -9.04 29.39
N LEU D 495 -6.53 -7.98 30.18
CA LEU D 495 -6.02 -8.06 31.52
C LEU D 495 -7.07 -8.64 32.42
N VAL D 496 -6.65 -9.48 33.34
CA VAL D 496 -7.51 -10.00 34.38
C VAL D 496 -6.81 -9.77 35.71
N PRO D 497 -7.39 -8.86 36.54
CA PRO D 497 -6.95 -8.57 37.91
C PRO D 497 -6.72 -9.83 38.75
N THR D 498 -5.73 -9.80 39.63
CA THR D 498 -5.34 -10.95 40.45
C THR D 498 -5.81 -10.79 41.90
N1 DOC E 12 1.85 -49.45 4.02
C2 DOC E 12 1.45 -48.30 4.74
N3 DOC E 12 1.27 -47.13 4.08
C4 DOC E 12 1.48 -47.05 2.74
C5 DOC E 12 1.90 -48.17 2.02
C6 DOC E 12 2.08 -49.37 2.69
O2 DOC E 12 1.25 -48.37 5.96
N4 DOC E 12 1.29 -45.88 2.11
C1' DOC E 12 2.06 -50.68 4.77
C2' DOC E 12 1.73 -51.92 3.95
C3' DOC E 12 3.03 -52.70 3.90
C4' DOC E 12 3.92 -52.05 4.96
O4' DOC E 12 3.44 -50.73 5.12
C5' DOC E 12 5.37 -52.03 4.53
O5' DOC E 12 5.41 -52.51 3.19
P DOC E 12 6.70 -52.36 2.25
OP1 DOC E 12 7.49 -53.64 2.44
OP2 DOC E 12 6.22 -51.96 0.87
N1 DOC G 12 -3.94 -17.62 -31.47
C2 DOC G 12 -4.65 -17.51 -32.70
N3 DOC G 12 -5.56 -18.44 -33.04
C4 DOC G 12 -5.82 -19.48 -32.22
C5 DOC G 12 -5.14 -19.62 -31.00
C6 DOC G 12 -4.18 -18.66 -30.64
O2 DOC G 12 -4.42 -16.55 -33.47
N4 DOC G 12 -6.75 -20.38 -32.60
C1' DOC G 12 -2.95 -16.57 -31.19
C2' DOC G 12 -2.67 -16.33 -29.72
C3' DOC G 12 -1.21 -15.94 -29.70
C4' DOC G 12 -0.66 -16.23 -31.10
O4' DOC G 12 -1.71 -16.88 -31.82
C5' DOC G 12 0.54 -17.16 -30.99
O5' DOC G 12 0.35 -17.97 -29.85
P DOC G 12 1.22 -19.30 -29.57
OP1 DOC G 12 2.55 -18.86 -29.00
OP2 DOC G 12 0.33 -20.19 -28.71
N1 DOC I 12 -1.62 53.66 -0.06
C2 DOC I 12 -0.72 53.98 0.98
N3 DOC I 12 -0.43 53.07 1.92
C4 DOC I 12 -0.99 51.85 1.89
C5 DOC I 12 -1.89 51.50 0.89
C6 DOC I 12 -2.19 52.44 -0.09
O2 DOC I 12 -0.19 55.10 1.02
N4 DOC I 12 -0.67 50.98 2.87
C1' DOC I 12 -1.91 54.68 -1.07
C2' DOC I 12 -1.68 54.18 -2.50
C3' DOC I 12 -2.98 54.46 -3.22
C4' DOC I 12 -3.75 55.39 -2.29
O4' DOC I 12 -3.27 55.10 -0.98
C5' DOC I 12 -5.26 55.18 -2.37
O5' DOC I 12 -5.56 53.85 -2.01
P DOC I 12 -7.08 53.37 -1.77
OP1 DOC I 12 -7.88 53.92 -2.93
OP2 DOC I 12 -7.05 51.89 -1.47
N1 DOC K 12 3.15 13.80 27.09
C2 DOC K 12 3.55 12.45 26.93
N3 DOC K 12 4.06 12.03 25.75
C4 DOC K 12 4.18 12.89 24.72
C5 DOC K 12 3.79 14.23 24.86
C6 DOC K 12 3.28 14.67 26.07
O2 DOC K 12 3.45 11.63 27.87
N4 DOC K 12 4.68 12.46 23.54
C1' DOC K 12 2.61 14.23 28.39
C2' DOC K 12 3.24 15.52 28.92
C3' DOC K 12 2.02 16.45 29.17
C4' DOC K 12 0.81 15.50 29.13
O4' DOC K 12 1.19 14.40 28.30
C5' DOC K 12 -0.44 16.19 28.60
O5' DOC K 12 -0.08 17.24 27.69
P DOC K 12 -1.02 17.68 26.45
OP1 DOC K 12 -1.96 18.75 26.98
OP2 DOC K 12 -0.03 18.01 25.34
N1 DCP M . -3.26 -51.63 2.76
C2 DCP M . -4.25 -50.68 2.35
N3 DCP M . -4.10 -49.93 1.24
C4 DCP M . -3.05 -50.10 0.41
C5 DCP M . -2.07 -51.05 0.70
C6 DCP M . -2.19 -51.83 1.86
O2 DCP M . -5.25 -50.46 3.06
N4 DCP M . -2.96 -49.33 -0.71
C1' DCP M . -3.78 -52.81 3.48
C2' DCP M . -4.54 -53.78 2.59
C3' DCP M . -3.65 -55.01 2.58
C4' DCP M . -2.76 -54.88 3.80
O4' DCP M . -2.68 -53.47 4.09
O3' DCP M . -4.47 -56.16 2.63
C5' DCP M . -1.35 -55.41 3.58
O5' DCP M . -0.73 -54.74 2.48
PA DCP M . 0.41 -55.44 1.59
O1A DCP M . 1.09 -56.55 2.36
O2A DCP M . 1.24 -54.33 1.00
O3A DCP M . -0.40 -56.05 0.36
PB DCP M . -1.34 -57.34 0.39
O1B DCP M . -2.76 -56.93 0.10
O2B DCP M . -1.10 -58.14 1.63
O3B DCP M . -0.84 -58.09 -0.94
PG DCP M . 0.60 -58.79 -1.07
O1G DCP M . 1.18 -58.19 -2.35
O2G DCP M . 0.14 -60.23 -1.18
O3G DCP M . 1.46 -58.51 0.12
MG MG N . 0.90 -58.76 2.40
MG MG O . 1.95 -55.75 4.31
MG MG P . -12.45 -48.62 0.03
MG MG Q . 10.79 -49.27 -3.48
N1 DCP R . -7.84 -14.53 -28.13
C2 DCP R . -9.09 -15.22 -28.18
N3 DCP R . -9.17 -16.54 -28.46
C4 DCP R . -8.06 -17.31 -28.63
C5 DCP R . -6.80 -16.73 -28.53
C6 DCP R . -6.69 -15.37 -28.24
O2 DCP R . -10.15 -14.56 -28.07
N4 DCP R . -8.19 -18.64 -28.88
C1' DCP R . -7.72 -13.35 -27.24
C2' DCP R . -8.03 -13.60 -25.77
C3' DCP R . -6.78 -13.17 -25.03
C4' DCP R . -5.84 -12.57 -26.06
O4' DCP R . -6.40 -12.86 -27.35
O3' DCP R . -7.07 -12.23 -24.00
C5' DCP R . -4.47 -13.20 -25.99
O5' DCP R . -4.65 -14.61 -25.84
PA DCP R . -3.70 -15.42 -24.84
O1A DCP R . -2.40 -14.65 -24.64
O2A DCP R . -3.67 -16.81 -25.42
O3A DCP R . -4.48 -15.52 -23.42
PB DCP R . -4.66 -14.35 -22.33
O1B DCP R . -6.15 -14.11 -22.20
O2B DCP R . -3.75 -13.17 -22.57
O3B DCP R . -4.21 -15.06 -20.94
PG DCP R . -2.72 -15.57 -20.58
O1G DCP R . -2.86 -17.06 -20.54
O2G DCP R . -2.51 -14.92 -19.23
O3G DCP R . -1.80 -15.10 -21.67
MG MG S . -1.60 -13.08 -23.09
MG MG T . 1.72 -26.42 -27.87
N1 DCP U . 2.29 51.48 -3.49
C2 DCP U . 3.27 50.64 -2.91
N3 DCP U . 2.93 49.53 -2.20
C4 DCP U . 1.65 49.12 -2.09
C5 DCP U . 0.64 49.88 -2.68
C6 DCP U . 0.95 51.02 -3.39
O2 DCP U . 4.47 50.96 -2.98
N4 DCP U . 1.34 47.98 -1.41
C1' DCP U . 2.67 52.10 -4.78
C2' DCP U . 2.75 51.13 -5.94
C3' DCP U . 1.69 51.61 -6.91
C4' DCP U . 1.29 53.01 -6.46
O4' DCP U . 1.69 53.10 -5.09
O3' DCP U . 2.21 51.64 -8.25
C5' DCP U . -0.20 53.27 -6.58
O5' DCP U . -0.87 52.25 -5.84
PA DCP U . -2.33 51.75 -6.30
O1A DCP U . -2.94 52.88 -7.12
O2A DCP U . -2.99 51.29 -5.05
O3A DCP U . -2.14 50.43 -7.21
PB DCP U . -1.56 50.34 -8.73
O1B DCP U . -0.23 49.56 -8.75
O2B DCP U . -1.58 51.68 -9.40
O3B DCP U . -2.60 49.29 -9.43
PG DCP U . -4.12 49.60 -9.82
O1G DCP U . -4.91 48.44 -9.26
O2G DCP U . -4.12 49.64 -11.33
O3G DCP U . -4.43 50.96 -9.23
MG MG V . -3.28 52.94 -9.50
MG MG W . -3.47 54.97 -6.26
MG MG X . -11.45 48.66 1.50
N1 DCP Y . 8.29 15.87 29.17
C2 DCP Y . 9.35 15.66 28.25
N3 DCP Y . 9.11 15.58 26.91
C4 DCP Y . 7.87 15.79 26.38
C5 DCP Y . 6.80 16.08 27.22
C6 DCP Y . 7.02 16.16 28.60
O2 DCP Y . 10.51 15.42 28.66
N4 DCP Y . 7.66 15.72 25.05
C1' DCP Y . 8.58 16.59 30.44
C2' DCP Y . 9.31 17.91 30.26
C3' DCP Y . 8.37 18.94 30.83
C4' DCP Y . 7.25 18.18 31.53
O4' DCP Y . 7.32 16.84 31.06
O3' DCP Y . 9.09 19.73 31.79
C5' DCP Y . 5.86 18.73 31.29
O5' DCP Y . 5.65 18.94 29.90
PA DCP Y . 4.88 20.25 29.38
O1A DCP Y . 3.87 20.73 30.39
O2A DCP Y . 4.45 19.95 27.97
O3A DCP Y . 5.98 21.39 29.19
PB DCP Y . 6.72 22.24 30.33
O1B DCP Y . 8.21 22.01 30.18
O2B DCP Y . 6.09 22.09 31.69
O3B DCP Y . 6.44 23.72 29.73
PG DCP Y . 5.04 24.53 29.78
O1G DCP Y . 4.76 24.70 28.31
O2G DCP Y . 5.38 25.79 30.54
O3G DCP Y . 4.03 23.70 30.54
MG MG Z . 3.78 22.30 31.99
MG MG AA . 2.39 19.21 31.17
MG MG BA . 18.03 14.87 26.87
MG MG CA . -3.45 19.34 19.87
#